data_2X4J
# 
_entry.id   2X4J 
# 
_audit_conform.dict_name       mmcif_pdbx.dic 
_audit_conform.dict_version    5.397 
_audit_conform.dict_location   http://mmcif.pdb.org/dictionaries/ascii/mmcif_pdbx.dic 
# 
loop_
_database_2.database_id 
_database_2.database_code 
_database_2.pdbx_database_accession 
_database_2.pdbx_DOI 
PDB   2X4J         pdb_00002x4j 10.2210/pdb2x4j/pdb 
PDBE  EBI-42718    ?            ?                   
WWPDB D_1290042718 ?            ?                   
# 
loop_
_pdbx_audit_revision_history.ordinal 
_pdbx_audit_revision_history.data_content_type 
_pdbx_audit_revision_history.major_revision 
_pdbx_audit_revision_history.minor_revision 
_pdbx_audit_revision_history.revision_date 
1 'Structure model' 1 0 2010-07-21 
2 'Structure model' 1 1 2011-05-07 
3 'Structure model' 1 2 2011-07-13 
4 'Structure model' 1 3 2024-10-16 
# 
_pdbx_audit_revision_details.ordinal             1 
_pdbx_audit_revision_details.revision_ordinal    1 
_pdbx_audit_revision_details.data_content_type   'Structure model' 
_pdbx_audit_revision_details.provider            repository 
_pdbx_audit_revision_details.type                'Initial release' 
_pdbx_audit_revision_details.description         ? 
_pdbx_audit_revision_details.details             ? 
# 
loop_
_pdbx_audit_revision_group.ordinal 
_pdbx_audit_revision_group.revision_ordinal 
_pdbx_audit_revision_group.data_content_type 
_pdbx_audit_revision_group.group 
1 2 'Structure model' 'Version format compliance' 
2 3 'Structure model' 'Version format compliance' 
3 4 'Structure model' 'Data collection'           
4 4 'Structure model' 'Database references'       
5 4 'Structure model' Other                       
6 4 'Structure model' 'Structure summary'         
# 
loop_
_pdbx_audit_revision_category.ordinal 
_pdbx_audit_revision_category.revision_ordinal 
_pdbx_audit_revision_category.data_content_type 
_pdbx_audit_revision_category.category 
1 4 'Structure model' chem_comp_atom            
2 4 'Structure model' chem_comp_bond            
3 4 'Structure model' database_2                
4 4 'Structure model' pdbx_database_status      
5 4 'Structure model' pdbx_entry_details        
6 4 'Structure model' pdbx_modification_feature 
# 
loop_
_pdbx_audit_revision_item.ordinal 
_pdbx_audit_revision_item.revision_ordinal 
_pdbx_audit_revision_item.data_content_type 
_pdbx_audit_revision_item.item 
1 4 'Structure model' '_database_2.pdbx_DOI'                 
2 4 'Structure model' '_database_2.pdbx_database_accession'  
3 4 'Structure model' '_pdbx_database_status.status_code_sf' 
# 
_pdbx_database_status.status_code                     REL 
_pdbx_database_status.entry_id                        2X4J 
_pdbx_database_status.deposit_site                    PDBE 
_pdbx_database_status.process_site                    PDBE 
_pdbx_database_status.SG_entry                        . 
_pdbx_database_status.recvd_initial_deposition_date   2010-02-01 
_pdbx_database_status.pdb_format_compatible           Y 
_pdbx_database_status.status_code_sf                  REL 
_pdbx_database_status.status_code_mr                  ? 
_pdbx_database_status.status_code_cs                  ? 
_pdbx_database_status.methods_development_category    ? 
_pdbx_database_status.status_code_nmr_data            ? 
# 
loop_
_audit_author.name 
_audit_author.pdbx_ordinal 
'Oke, M.'        1 
'Carter, L.G.'   2 
'Johnson, K.A.'  3 
'Liu, H.'        4 
'Mcmahon, S.A.'  5 
'White, M.F.'    6 
'Naismith, J.H.' 7 
# 
_citation.id                        primary 
_citation.title                     'The Scottish Structural Proteomics Facility: Targets, Methods and Outputs.' 
_citation.journal_abbrev            J.Struct.Funct.Genomics 
_citation.journal_volume            11 
_citation.page_first                167 
_citation.page_last                 ? 
_citation.year                      2010 
_citation.journal_id_ASTM           ? 
_citation.country                   NE 
_citation.journal_id_ISSN           1345-711X 
_citation.journal_id_CSD            ? 
_citation.book_publisher            ? 
_citation.pdbx_database_id_PubMed   20419351 
_citation.pdbx_database_id_DOI      10.1007/S10969-010-9090-Y 
# 
loop_
_citation_author.citation_id 
_citation_author.name 
_citation_author.ordinal 
_citation_author.identifier_ORCID 
primary 'Oke, M.'             1  ? 
primary 'Carter, L.G.'        2  ? 
primary 'Johnson, K.A.'       3  ? 
primary 'Liu, H.'             4  ? 
primary 'Mcmahon, S.A.'       5  ? 
primary 'Yan, X.'             6  ? 
primary 'Kerou, M.'           7  ? 
primary 'Weikart, N.D.'       8  ? 
primary 'Kadi, N.'            9  ? 
primary 'Sheikh, M.A.'        10 ? 
primary 'Schmelz, S.'         11 ? 
primary 'Dorward, M.'         12 ? 
primary 'Zawadzki, M.'        13 ? 
primary 'Cozens, C.'          14 ? 
primary 'Falconer, H.'        15 ? 
primary 'Powers, H.'          16 ? 
primary 'Overton, I.M.'       17 ? 
primary 'Van Niekerk, C.A.J.' 18 ? 
primary 'Peng, X.'            19 ? 
primary 'Patel, P.'           20 ? 
primary 'Garrett, R.A.'       21 ? 
primary 'Prangishvili, D.'    22 ? 
primary 'Botting, C.H.'       23 ? 
primary 'Coote, P.J.'         24 ? 
primary 'Dryden, D.T.F.'      25 ? 
primary 'Barton, G.J.'        26 ? 
primary 'Schwarz-Linek, U.'   27 ? 
primary 'Challis, G.L.'       28 ? 
primary 'Taylor, G.L.'        29 ? 
primary 'White, M.F.'         30 ? 
primary 'Naismith, J.H.'      31 ? 
# 
loop_
_entity.id 
_entity.type 
_entity.src_method 
_entity.pdbx_description 
_entity.formula_weight 
_entity.pdbx_number_of_molecules 
_entity.pdbx_ec 
_entity.pdbx_mutation 
_entity.pdbx_fragment 
_entity.details 
1 polymer man 'HYPOTHETICAL PROTEIN ORF137' 14967.177 1  ? ? ? ? 
2 water   nat water                         18.015    44 ? ? ? ? 
# 
_entity_poly.entity_id                      1 
_entity_poly.type                           'polypeptide(L)' 
_entity_poly.nstd_linkage                   no 
_entity_poly.nstd_monomer                   no 
_entity_poly.pdbx_seq_one_letter_code       
;GMGAPNQQQTQDRSVDFFTNKIGCNVSSPLKHVDIVGEIVEEAVYNFLIDAGDKMCVGNKIGVWKVSKCEGSSGSGGERR
KSLYAKVPKGIGVTVYLANGRVQGRLIDIGVYEVLVEEVGDIIYIHKDLVYALCWPK
;
_entity_poly.pdbx_seq_one_letter_code_can   
;GMGAPNQQQTQDRSVDFFTNKIGCNVSSPLKHVDIVGEIVEEAVYNFLIDAGDKMCVGNKIGVWKVSKCEGSSGSGGERR
KSLYAKVPKGIGVTVYLANGRVQGRLIDIGVYEVLVEEVGDIIYIHKDLVYALCWPK
;
_entity_poly.pdbx_strand_id                 A 
_entity_poly.pdbx_target_identifier         ? 
# 
_pdbx_entity_nonpoly.entity_id   2 
_pdbx_entity_nonpoly.name        water 
_pdbx_entity_nonpoly.comp_id     HOH 
# 
loop_
_entity_poly_seq.entity_id 
_entity_poly_seq.num 
_entity_poly_seq.mon_id 
_entity_poly_seq.hetero 
1 1   GLY n 
1 2   MET n 
1 3   GLY n 
1 4   ALA n 
1 5   PRO n 
1 6   ASN n 
1 7   GLN n 
1 8   GLN n 
1 9   GLN n 
1 10  THR n 
1 11  GLN n 
1 12  ASP n 
1 13  ARG n 
1 14  SER n 
1 15  VAL n 
1 16  ASP n 
1 17  PHE n 
1 18  PHE n 
1 19  THR n 
1 20  ASN n 
1 21  LYS n 
1 22  ILE n 
1 23  GLY n 
1 24  CYS n 
1 25  ASN n 
1 26  VAL n 
1 27  SER n 
1 28  SER n 
1 29  PRO n 
1 30  LEU n 
1 31  LYS n 
1 32  HIS n 
1 33  VAL n 
1 34  ASP n 
1 35  ILE n 
1 36  VAL n 
1 37  GLY n 
1 38  GLU n 
1 39  ILE n 
1 40  VAL n 
1 41  GLU n 
1 42  GLU n 
1 43  ALA n 
1 44  VAL n 
1 45  TYR n 
1 46  ASN n 
1 47  PHE n 
1 48  LEU n 
1 49  ILE n 
1 50  ASP n 
1 51  ALA n 
1 52  GLY n 
1 53  ASP n 
1 54  LYS n 
1 55  MET n 
1 56  CYS n 
1 57  VAL n 
1 58  GLY n 
1 59  ASN n 
1 60  LYS n 
1 61  ILE n 
1 62  GLY n 
1 63  VAL n 
1 64  TRP n 
1 65  LYS n 
1 66  VAL n 
1 67  SER n 
1 68  LYS n 
1 69  CYS n 
1 70  GLU n 
1 71  GLY n 
1 72  SER n 
1 73  SER n 
1 74  GLY n 
1 75  SER n 
1 76  GLY n 
1 77  GLY n 
1 78  GLU n 
1 79  ARG n 
1 80  ARG n 
1 81  LYS n 
1 82  SER n 
1 83  LEU n 
1 84  TYR n 
1 85  ALA n 
1 86  LYS n 
1 87  VAL n 
1 88  PRO n 
1 89  LYS n 
1 90  GLY n 
1 91  ILE n 
1 92  GLY n 
1 93  VAL n 
1 94  THR n 
1 95  VAL n 
1 96  TYR n 
1 97  LEU n 
1 98  ALA n 
1 99  ASN n 
1 100 GLY n 
1 101 ARG n 
1 102 VAL n 
1 103 GLN n 
1 104 GLY n 
1 105 ARG n 
1 106 LEU n 
1 107 ILE n 
1 108 ASP n 
1 109 ILE n 
1 110 GLY n 
1 111 VAL n 
1 112 TYR n 
1 113 GLU n 
1 114 VAL n 
1 115 LEU n 
1 116 VAL n 
1 117 GLU n 
1 118 GLU n 
1 119 VAL n 
1 120 GLY n 
1 121 ASP n 
1 122 ILE n 
1 123 ILE n 
1 124 TYR n 
1 125 ILE n 
1 126 HIS n 
1 127 LYS n 
1 128 ASP n 
1 129 LEU n 
1 130 VAL n 
1 131 TYR n 
1 132 ALA n 
1 133 LEU n 
1 134 CYS n 
1 135 TRP n 
1 136 PRO n 
1 137 LYS n 
# 
_entity_src_gen.entity_id                          1 
_entity_src_gen.pdbx_src_id                        1 
_entity_src_gen.pdbx_alt_source_flag               sample 
_entity_src_gen.pdbx_seq_type                      ? 
_entity_src_gen.pdbx_beg_seq_num                   ? 
_entity_src_gen.pdbx_end_seq_num                   ? 
_entity_src_gen.gene_src_common_name               ? 
_entity_src_gen.gene_src_genus                     ? 
_entity_src_gen.pdbx_gene_src_gene                 ? 
_entity_src_gen.gene_src_species                   ? 
_entity_src_gen.gene_src_strain                    ? 
_entity_src_gen.gene_src_tissue                    ? 
_entity_src_gen.gene_src_tissue_fraction           ? 
_entity_src_gen.gene_src_details                   ? 
_entity_src_gen.pdbx_gene_src_fragment             ? 
_entity_src_gen.pdbx_gene_src_scientific_name      'PYROBACULUM SPHERICAL VIRUS' 
_entity_src_gen.pdbx_gene_src_ncbi_taxonomy_id     270161 
_entity_src_gen.pdbx_gene_src_variant              ? 
_entity_src_gen.pdbx_gene_src_cell_line            ? 
_entity_src_gen.pdbx_gene_src_atcc                 ? 
_entity_src_gen.pdbx_gene_src_organ                ? 
_entity_src_gen.pdbx_gene_src_organelle            ? 
_entity_src_gen.pdbx_gene_src_cell                 ? 
_entity_src_gen.pdbx_gene_src_cellular_location    ? 
_entity_src_gen.host_org_common_name               ? 
_entity_src_gen.pdbx_host_org_scientific_name      'ESCHERICHIA COLI' 
_entity_src_gen.pdbx_host_org_ncbi_taxonomy_id     469008 
_entity_src_gen.host_org_genus                     ? 
_entity_src_gen.pdbx_host_org_gene                 ? 
_entity_src_gen.pdbx_host_org_organ                ? 
_entity_src_gen.host_org_species                   ? 
_entity_src_gen.pdbx_host_org_tissue               ? 
_entity_src_gen.pdbx_host_org_tissue_fraction      ? 
_entity_src_gen.pdbx_host_org_strain               'BL21(DE3)' 
_entity_src_gen.pdbx_host_org_variant              ? 
_entity_src_gen.pdbx_host_org_cell_line            ? 
_entity_src_gen.pdbx_host_org_atcc                 ? 
_entity_src_gen.pdbx_host_org_culture_collection   ? 
_entity_src_gen.pdbx_host_org_cell                 ? 
_entity_src_gen.pdbx_host_org_organelle            ? 
_entity_src_gen.pdbx_host_org_cellular_location    ? 
_entity_src_gen.pdbx_host_org_vector_type          PLASMID 
_entity_src_gen.pdbx_host_org_vector               ? 
_entity_src_gen.host_org_details                   ? 
_entity_src_gen.expression_system_id               ? 
_entity_src_gen.plasmid_name                       PDEST14 
_entity_src_gen.plasmid_details                    ? 
_entity_src_gen.pdbx_description                   ? 
# 
loop_
_chem_comp.id 
_chem_comp.type 
_chem_comp.mon_nstd_flag 
_chem_comp.name 
_chem_comp.pdbx_synonyms 
_chem_comp.formula 
_chem_comp.formula_weight 
ALA 'L-peptide linking' y ALANINE         ? 'C3 H7 N O2'     89.093  
ARG 'L-peptide linking' y ARGININE        ? 'C6 H15 N4 O2 1' 175.209 
ASN 'L-peptide linking' y ASPARAGINE      ? 'C4 H8 N2 O3'    132.118 
ASP 'L-peptide linking' y 'ASPARTIC ACID' ? 'C4 H7 N O4'     133.103 
CYS 'L-peptide linking' y CYSTEINE        ? 'C3 H7 N O2 S'   121.158 
GLN 'L-peptide linking' y GLUTAMINE       ? 'C5 H10 N2 O3'   146.144 
GLU 'L-peptide linking' y 'GLUTAMIC ACID' ? 'C5 H9 N O4'     147.129 
GLY 'peptide linking'   y GLYCINE         ? 'C2 H5 N O2'     75.067  
HIS 'L-peptide linking' y HISTIDINE       ? 'C6 H10 N3 O2 1' 156.162 
HOH non-polymer         . WATER           ? 'H2 O'           18.015  
ILE 'L-peptide linking' y ISOLEUCINE      ? 'C6 H13 N O2'    131.173 
LEU 'L-peptide linking' y LEUCINE         ? 'C6 H13 N O2'    131.173 
LYS 'L-peptide linking' y LYSINE          ? 'C6 H15 N2 O2 1' 147.195 
MET 'L-peptide linking' y METHIONINE      ? 'C5 H11 N O2 S'  149.211 
PHE 'L-peptide linking' y PHENYLALANINE   ? 'C9 H11 N O2'    165.189 
PRO 'L-peptide linking' y PROLINE         ? 'C5 H9 N O2'     115.130 
SER 'L-peptide linking' y SERINE          ? 'C3 H7 N O3'     105.093 
THR 'L-peptide linking' y THREONINE       ? 'C4 H9 N O3'     119.119 
TRP 'L-peptide linking' y TRYPTOPHAN      ? 'C11 H12 N2 O2'  204.225 
TYR 'L-peptide linking' y TYROSINE        ? 'C9 H11 N O3'    181.189 
VAL 'L-peptide linking' y VALINE          ? 'C5 H11 N O2'    117.146 
# 
loop_
_pdbx_poly_seq_scheme.asym_id 
_pdbx_poly_seq_scheme.entity_id 
_pdbx_poly_seq_scheme.seq_id 
_pdbx_poly_seq_scheme.mon_id 
_pdbx_poly_seq_scheme.ndb_seq_num 
_pdbx_poly_seq_scheme.pdb_seq_num 
_pdbx_poly_seq_scheme.auth_seq_num 
_pdbx_poly_seq_scheme.pdb_mon_id 
_pdbx_poly_seq_scheme.auth_mon_id 
_pdbx_poly_seq_scheme.pdb_strand_id 
_pdbx_poly_seq_scheme.pdb_ins_code 
_pdbx_poly_seq_scheme.hetero 
A 1 1   GLY 1   0   ?   ?   ?   A . n 
A 1 2   MET 2   1   ?   ?   ?   A . n 
A 1 3   GLY 3   2   ?   ?   ?   A . n 
A 1 4   ALA 4   3   ?   ?   ?   A . n 
A 1 5   PRO 5   4   ?   ?   ?   A . n 
A 1 6   ASN 6   5   ?   ?   ?   A . n 
A 1 7   GLN 7   6   ?   ?   ?   A . n 
A 1 8   GLN 8   7   ?   ?   ?   A . n 
A 1 9   GLN 9   8   ?   ?   ?   A . n 
A 1 10  THR 10  9   ?   ?   ?   A . n 
A 1 11  GLN 11  10  ?   ?   ?   A . n 
A 1 12  ASP 12  11  ?   ?   ?   A . n 
A 1 13  ARG 13  12  ?   ?   ?   A . n 
A 1 14  SER 14  13  ?   ?   ?   A . n 
A 1 15  VAL 15  14  ?   ?   ?   A . n 
A 1 16  ASP 16  15  ?   ?   ?   A . n 
A 1 17  PHE 17  16  16  PHE PHE A . n 
A 1 18  PHE 18  17  17  PHE PHE A . n 
A 1 19  THR 19  18  18  THR THR A . n 
A 1 20  ASN 20  19  19  ASN ASN A . n 
A 1 21  LYS 21  20  20  LYS LYS A . n 
A 1 22  ILE 22  21  21  ILE ILE A . n 
A 1 23  GLY 23  22  22  GLY GLY A . n 
A 1 24  CYS 24  23  23  CYS CYS A . n 
A 1 25  ASN 25  24  24  ASN ASN A . n 
A 1 26  VAL 26  25  25  VAL VAL A . n 
A 1 27  SER 27  26  26  SER SER A . n 
A 1 28  SER 28  27  27  SER SER A . n 
A 1 29  PRO 29  28  28  PRO PRO A . n 
A 1 30  LEU 30  29  29  LEU LEU A . n 
A 1 31  LYS 31  30  30  LYS LYS A . n 
A 1 32  HIS 32  31  31  HIS HIS A . n 
A 1 33  VAL 33  32  32  VAL VAL A . n 
A 1 34  ASP 34  33  33  ASP ASP A . n 
A 1 35  ILE 35  34  34  ILE ILE A . n 
A 1 36  VAL 36  35  35  VAL VAL A . n 
A 1 37  GLY 37  36  36  GLY GLY A . n 
A 1 38  GLU 38  37  37  GLU GLU A . n 
A 1 39  ILE 39  38  38  ILE ILE A . n 
A 1 40  VAL 40  39  39  VAL VAL A . n 
A 1 41  GLU 41  40  40  GLU GLU A . n 
A 1 42  GLU 42  41  41  GLU GLU A . n 
A 1 43  ALA 43  42  42  ALA ALA A . n 
A 1 44  VAL 44  43  43  VAL VAL A . n 
A 1 45  TYR 45  44  44  TYR TYR A . n 
A 1 46  ASN 46  45  45  ASN ASN A . n 
A 1 47  PHE 47  46  46  PHE PHE A . n 
A 1 48  LEU 48  47  47  LEU LEU A . n 
A 1 49  ILE 49  48  48  ILE ILE A . n 
A 1 50  ASP 50  49  49  ASP ASP A . n 
A 1 51  ALA 51  50  50  ALA ALA A . n 
A 1 52  GLY 52  51  51  GLY GLY A . n 
A 1 53  ASP 53  52  52  ASP ASP A . n 
A 1 54  LYS 54  53  53  LYS LYS A . n 
A 1 55  MET 55  54  54  MET MET A . n 
A 1 56  CYS 56  55  55  CYS CYS A . n 
A 1 57  VAL 57  56  56  VAL VAL A . n 
A 1 58  GLY 58  57  57  GLY GLY A . n 
A 1 59  ASN 59  58  58  ASN ASN A . n 
A 1 60  LYS 60  59  59  LYS LYS A . n 
A 1 61  ILE 61  60  60  ILE ILE A . n 
A 1 62  GLY 62  61  61  GLY GLY A . n 
A 1 63  VAL 63  62  62  VAL VAL A . n 
A 1 64  TRP 64  63  63  TRP TRP A . n 
A 1 65  LYS 65  64  64  LYS LYS A . n 
A 1 66  VAL 66  65  65  VAL VAL A . n 
A 1 67  SER 67  66  66  SER SER A . n 
A 1 68  LYS 68  67  ?   ?   ?   A . n 
A 1 69  CYS 69  68  ?   ?   ?   A . n 
A 1 70  GLU 70  69  ?   ?   ?   A . n 
A 1 71  GLY 71  70  ?   ?   ?   A . n 
A 1 72  SER 72  71  ?   ?   ?   A . n 
A 1 73  SER 73  72  ?   ?   ?   A . n 
A 1 74  GLY 74  73  ?   ?   ?   A . n 
A 1 75  SER 75  74  ?   ?   ?   A . n 
A 1 76  GLY 76  75  ?   ?   ?   A . n 
A 1 77  GLY 77  76  ?   ?   ?   A . n 
A 1 78  GLU 78  77  ?   ?   ?   A . n 
A 1 79  ARG 79  78  ?   ?   ?   A . n 
A 1 80  ARG 80  79  79  ARG ARG A . n 
A 1 81  LYS 81  80  80  LYS LYS A . n 
A 1 82  SER 82  81  81  SER SER A . n 
A 1 83  LEU 83  82  82  LEU LEU A . n 
A 1 84  TYR 84  83  83  TYR TYR A . n 
A 1 85  ALA 85  84  84  ALA ALA A . n 
A 1 86  LYS 86  85  85  LYS LYS A . n 
A 1 87  VAL 87  86  86  VAL VAL A . n 
A 1 88  PRO 88  87  87  PRO PRO A . n 
A 1 89  LYS 89  88  88  LYS LYS A . n 
A 1 90  GLY 90  89  89  GLY GLY A . n 
A 1 91  ILE 91  90  90  ILE ILE A . n 
A 1 92  GLY 92  91  91  GLY GLY A . n 
A 1 93  VAL 93  92  92  VAL VAL A . n 
A 1 94  THR 94  93  93  THR THR A . n 
A 1 95  VAL 95  94  94  VAL VAL A . n 
A 1 96  TYR 96  95  95  TYR TYR A . n 
A 1 97  LEU 97  96  96  LEU LEU A . n 
A 1 98  ALA 98  97  97  ALA ALA A . n 
A 1 99  ASN 99  98  98  ASN ASN A . n 
A 1 100 GLY 100 99  99  GLY GLY A . n 
A 1 101 ARG 101 100 100 ARG ARG A . n 
A 1 102 VAL 102 101 101 VAL VAL A . n 
A 1 103 GLN 103 102 102 GLN GLN A . n 
A 1 104 GLY 104 103 103 GLY GLY A . n 
A 1 105 ARG 105 104 104 ARG ARG A . n 
A 1 106 LEU 106 105 105 LEU LEU A . n 
A 1 107 ILE 107 106 106 ILE ILE A . n 
A 1 108 ASP 108 107 107 ASP ASP A . n 
A 1 109 ILE 109 108 108 ILE ILE A . n 
A 1 110 GLY 110 109 109 GLY GLY A . n 
A 1 111 VAL 111 110 110 VAL VAL A . n 
A 1 112 TYR 112 111 111 TYR TYR A . n 
A 1 113 GLU 113 112 112 GLU GLU A . n 
A 1 114 VAL 114 113 113 VAL VAL A . n 
A 1 115 LEU 115 114 114 LEU LEU A . n 
A 1 116 VAL 116 115 115 VAL VAL A . n 
A 1 117 GLU 117 116 116 GLU GLU A . n 
A 1 118 GLU 118 117 117 GLU GLU A . n 
A 1 119 VAL 119 118 118 VAL VAL A . n 
A 1 120 GLY 120 119 119 GLY GLY A . n 
A 1 121 ASP 121 120 120 ASP ASP A . n 
A 1 122 ILE 122 121 121 ILE ILE A . n 
A 1 123 ILE 123 122 122 ILE ILE A . n 
A 1 124 TYR 124 123 123 TYR TYR A . n 
A 1 125 ILE 125 124 124 ILE ILE A . n 
A 1 126 HIS 126 125 125 HIS HIS A . n 
A 1 127 LYS 127 126 126 LYS LYS A . n 
A 1 128 ASP 128 127 127 ASP ASP A . n 
A 1 129 LEU 129 128 128 LEU LEU A . n 
A 1 130 VAL 130 129 129 VAL VAL A . n 
A 1 131 TYR 131 130 130 TYR TYR A . n 
A 1 132 ALA 132 131 131 ALA ALA A . n 
A 1 133 LEU 133 132 132 LEU LEU A . n 
A 1 134 CYS 134 133 133 CYS CYS A . n 
A 1 135 TRP 135 134 134 TRP TRP A . n 
A 1 136 PRO 136 135 135 PRO PRO A . n 
A 1 137 LYS 137 136 136 LYS LYS A . n 
# 
loop_
_pdbx_nonpoly_scheme.asym_id 
_pdbx_nonpoly_scheme.entity_id 
_pdbx_nonpoly_scheme.mon_id 
_pdbx_nonpoly_scheme.ndb_seq_num 
_pdbx_nonpoly_scheme.pdb_seq_num 
_pdbx_nonpoly_scheme.auth_seq_num 
_pdbx_nonpoly_scheme.pdb_mon_id 
_pdbx_nonpoly_scheme.auth_mon_id 
_pdbx_nonpoly_scheme.pdb_strand_id 
_pdbx_nonpoly_scheme.pdb_ins_code 
B 2 HOH 1  2001 2001 HOH HOH A . 
B 2 HOH 2  2002 2002 HOH HOH A . 
B 2 HOH 3  2003 2003 HOH HOH A . 
B 2 HOH 4  2004 2004 HOH HOH A . 
B 2 HOH 5  2005 2005 HOH HOH A . 
B 2 HOH 6  2006 2006 HOH HOH A . 
B 2 HOH 7  2007 2007 HOH HOH A . 
B 2 HOH 8  2008 2008 HOH HOH A . 
B 2 HOH 9  2009 2009 HOH HOH A . 
B 2 HOH 10 2010 2010 HOH HOH A . 
B 2 HOH 11 2011 2011 HOH HOH A . 
B 2 HOH 12 2012 2012 HOH HOH A . 
B 2 HOH 13 2013 2013 HOH HOH A . 
B 2 HOH 14 2014 2014 HOH HOH A . 
B 2 HOH 15 2015 2015 HOH HOH A . 
B 2 HOH 16 2016 2016 HOH HOH A . 
B 2 HOH 17 2017 2017 HOH HOH A . 
B 2 HOH 18 2018 2018 HOH HOH A . 
B 2 HOH 19 2019 2019 HOH HOH A . 
B 2 HOH 20 2020 2020 HOH HOH A . 
B 2 HOH 21 2021 2021 HOH HOH A . 
B 2 HOH 22 2022 2022 HOH HOH A . 
B 2 HOH 23 2023 2023 HOH HOH A . 
B 2 HOH 24 2024 2024 HOH HOH A . 
B 2 HOH 25 2025 2025 HOH HOH A . 
B 2 HOH 26 2026 2026 HOH HOH A . 
B 2 HOH 27 2027 2027 HOH HOH A . 
B 2 HOH 28 2028 2028 HOH HOH A . 
B 2 HOH 29 2029 2029 HOH HOH A . 
B 2 HOH 30 2030 2030 HOH HOH A . 
B 2 HOH 31 2031 2031 HOH HOH A . 
B 2 HOH 32 2032 2032 HOH HOH A . 
B 2 HOH 33 2033 2033 HOH HOH A . 
B 2 HOH 34 2034 2034 HOH HOH A . 
B 2 HOH 35 2035 2035 HOH HOH A . 
B 2 HOH 36 2036 2036 HOH HOH A . 
B 2 HOH 37 2037 2037 HOH HOH A . 
B 2 HOH 38 2038 2038 HOH HOH A . 
B 2 HOH 39 2039 2039 HOH HOH A . 
B 2 HOH 40 2040 2040 HOH HOH A . 
B 2 HOH 41 2041 2041 HOH HOH A . 
B 2 HOH 42 2042 2042 HOH HOH A . 
B 2 HOH 43 2043 2043 HOH HOH A . 
B 2 HOH 44 2044 2044 HOH HOH A . 
# 
loop_
_software.name 
_software.classification 
_software.version 
_software.citation_id 
_software.pdbx_ordinal 
REFMAC    refinement       5.5.0072        ? 1 
XDS       'data reduction' .               ? 2 
SCALEPACK 'data scaling'   .               ? 3 
SHELXCDE  phasing          'SOLVE RESOLVE' ? 4 
# 
_cell.entry_id           2X4J 
_cell.length_a           89.770 
_cell.length_b           89.770 
_cell.length_c           36.380 
_cell.angle_alpha        90.00 
_cell.angle_beta         90.00 
_cell.angle_gamma        120.00 
_cell.Z_PDB              9 
_cell.pdbx_unique_axis   ? 
# 
_symmetry.entry_id                         2X4J 
_symmetry.space_group_name_H-M             'H 3' 
_symmetry.pdbx_full_space_group_name_H-M   ? 
_symmetry.cell_setting                     ? 
_symmetry.Int_Tables_number                146 
# 
_exptl.entry_id          2X4J 
_exptl.method            'X-RAY DIFFRACTION' 
_exptl.crystals_number   1 
# 
_exptl_crystal.id                    1 
_exptl_crystal.density_meas          ? 
_exptl_crystal.density_Matthews      1.89 
_exptl_crystal.density_percent_sol   34.9 
_exptl_crystal.description           NONE 
# 
_exptl_crystal_grow.crystal_id      1 
_exptl_crystal_grow.method          ? 
_exptl_crystal_grow.temp            ? 
_exptl_crystal_grow.temp_details    ? 
_exptl_crystal_grow.pH              7 
_exptl_crystal_grow.pdbx_pH_range   ? 
_exptl_crystal_grow.pdbx_details    
'23% PEG3350, 0.37M MA-SCN, 0.23M MGCL2, 0.1M MES, PH 7.0. CRYSTAL CRYOPROTECTED WITH 40% PEG400' 
# 
_diffrn.id                     1 
_diffrn.ambient_temp           100 
_diffrn.ambient_temp_details   ? 
_diffrn.crystal_id             1 
# 
_diffrn_detector.diffrn_id              1 
_diffrn_detector.detector               'IMAGE PLATE' 
_diffrn_detector.type                   'MAR scanner 345 mm plate' 
_diffrn_detector.pdbx_collection_date   2008-02-15 
_diffrn_detector.details                MIRRORS 
# 
_diffrn_radiation.diffrn_id                        1 
_diffrn_radiation.wavelength_id                    1 
_diffrn_radiation.pdbx_monochromatic_or_laue_m_l   M 
_diffrn_radiation.monochromator                    'SI(111)' 
_diffrn_radiation.pdbx_diffrn_protocol             'SINGLE WAVELENGTH' 
_diffrn_radiation.pdbx_scattering_type             x-ray 
# 
_diffrn_radiation_wavelength.id           1 
_diffrn_radiation_wavelength.wavelength   0.6 
_diffrn_radiation_wavelength.wt           1.0 
# 
_diffrn_source.diffrn_id                   1 
_diffrn_source.source                      SYNCHROTRON 
_diffrn_source.type                        'ESRF BEAMLINE BM14' 
_diffrn_source.pdbx_synchrotron_site       ESRF 
_diffrn_source.pdbx_synchrotron_beamline   BM14 
_diffrn_source.pdbx_wavelength             0.6 
_diffrn_source.pdbx_wavelength_list        ? 
# 
_reflns.pdbx_diffrn_id               1 
_reflns.pdbx_ordinal                 1 
_reflns.entry_id                     2X4J 
_reflns.observed_criterion_sigma_I   0.0 
_reflns.observed_criterion_sigma_F   ? 
_reflns.d_resolution_low             44.90 
_reflns.d_resolution_high            1.62 
_reflns.number_obs                   22381 
_reflns.number_all                   ? 
_reflns.percent_possible_obs         97.6 
_reflns.pdbx_Rmerge_I_obs            0.08 
_reflns.pdbx_Rsym_value              ? 
_reflns.pdbx_netI_over_sigmaI        17.20 
_reflns.B_iso_Wilson_estimate        ? 
_reflns.pdbx_redundancy              10.4 
# 
_reflns_shell.pdbx_diffrn_id         1 
_reflns_shell.pdbx_ordinal           1 
_reflns_shell.d_res_high             1.62 
_reflns_shell.d_res_low              1.74 
_reflns_shell.percent_possible_all   90.1 
_reflns_shell.Rmerge_I_obs           0.57 
_reflns_shell.pdbx_Rsym_value        ? 
_reflns_shell.meanI_over_sigI_obs    2.70 
_reflns_shell.pdbx_redundancy        9.7 
# 
_refine.pdbx_refine_id                           'X-RAY DIFFRACTION' 
_refine.entry_id                                 2X4J 
_refine.pdbx_diffrn_id                           1 
_refine.pdbx_TLS_residual_ADP_flag               ? 
_refine.ls_number_reflns_obs                     12476 
_refine.ls_number_reflns_all                     ? 
_refine.pdbx_ls_sigma_I                          ? 
_refine.pdbx_ls_sigma_F                          . 
_refine.pdbx_data_cutoff_high_absF               ? 
_refine.pdbx_data_cutoff_low_absF                ? 
_refine.pdbx_data_cutoff_high_rms_absF           ? 
_refine.ls_d_res_low                             44.90 
_refine.ls_d_res_high                            1.62 
_refine.ls_percent_reflns_obs                    94.49 
_refine.ls_R_factor_obs                          0.16964 
_refine.ls_R_factor_all                          ? 
_refine.ls_R_factor_R_work                       0.16791 
_refine.ls_R_factor_R_free                       0.20241 
_refine.ls_R_factor_R_free_error                 ? 
_refine.ls_R_factor_R_free_error_details         ? 
_refine.ls_percent_reflns_R_free                 5.1 
_refine.ls_number_reflns_R_free                  665 
_refine.ls_number_parameters                     ? 
_refine.ls_number_restraints                     ? 
_refine.occupancy_min                            ? 
_refine.occupancy_max                            ? 
_refine.correlation_coeff_Fo_to_Fc               0.963 
_refine.correlation_coeff_Fo_to_Fc_free          0.954 
_refine.B_iso_mean                               13.001 
_refine.aniso_B[1][1]                            -0.29 
_refine.aniso_B[2][2]                            -0.29 
_refine.aniso_B[3][3]                            0.43 
_refine.aniso_B[1][2]                            -0.14 
_refine.aniso_B[1][3]                            0.00 
_refine.aniso_B[2][3]                            0.00 
_refine.solvent_model_details                    MASK 
_refine.solvent_model_param_ksol                 ? 
_refine.solvent_model_param_bsol                 ? 
_refine.pdbx_solvent_vdw_probe_radii             1.40 
_refine.pdbx_solvent_ion_probe_radii             0.80 
_refine.pdbx_solvent_shrinkage_radii             0.80 
_refine.pdbx_ls_cross_valid_method               THROUGHOUT 
_refine.details                                  
;HYDROGENS HAVE BEEN ADDED IN THE RIDING POSITIONS. ATOM RECORD CONTAINS SUM OF TLS AND RESIDUAL B FACTORS. ANISOU RECORD CONTAINS SUM OF TLS AND RESIDUAL U FACTORS.
;
_refine.pdbx_starting_model                      NONE 
_refine.pdbx_method_to_determine_struct          SAD 
_refine.pdbx_isotropic_thermal_model             ? 
_refine.pdbx_stereochemistry_target_values       'MAXIMUM LIKELIHOOD' 
_refine.pdbx_stereochem_target_val_spec_case     ? 
_refine.pdbx_R_Free_selection_details            RANDOM 
_refine.pdbx_overall_ESU_R                       0.127 
_refine.pdbx_overall_ESU_R_Free                  0.091 
_refine.overall_SU_ML                            0.061 
_refine.pdbx_overall_phase_error                 ? 
_refine.overall_SU_B                             3.902 
_refine.overall_SU_R_Cruickshank_DPI             ? 
_refine.pdbx_overall_SU_R_free_Cruickshank_DPI   ? 
_refine.pdbx_overall_SU_R_Blow_DPI               ? 
_refine.pdbx_overall_SU_R_free_Blow_DPI          ? 
# 
_refine_hist.pdbx_refine_id                   'X-RAY DIFFRACTION' 
_refine_hist.cycle_id                         LAST 
_refine_hist.pdbx_number_atoms_protein        853 
_refine_hist.pdbx_number_atoms_nucleic_acid   0 
_refine_hist.pdbx_number_atoms_ligand         0 
_refine_hist.number_atoms_solvent             44 
_refine_hist.number_atoms_total               897 
_refine_hist.d_res_high                       1.62 
_refine_hist.d_res_low                        44.90 
# 
loop_
_refine_ls_restr.type 
_refine_ls_restr.dev_ideal 
_refine_ls_restr.dev_ideal_target 
_refine_ls_restr.weight 
_refine_ls_restr.number 
_refine_ls_restr.pdbx_refine_id 
_refine_ls_restr.pdbx_restraint_function 
r_bond_refined_d             0.025  0.022  ? 870  'X-RAY DIFFRACTION' ? 
r_bond_other_d               ?      ?      ? ?    'X-RAY DIFFRACTION' ? 
r_angle_refined_deg          2.158  1.965  ? 1178 'X-RAY DIFFRACTION' ? 
r_angle_other_deg            ?      ?      ? ?    'X-RAY DIFFRACTION' ? 
r_dihedral_angle_1_deg       6.731  5.000  ? 107  'X-RAY DIFFRACTION' ? 
r_dihedral_angle_2_deg       26.209 24.412 ? 34   'X-RAY DIFFRACTION' ? 
r_dihedral_angle_3_deg       16.656 15.000 ? 154  'X-RAY DIFFRACTION' ? 
r_dihedral_angle_4_deg       20.257 15.000 ? 3    'X-RAY DIFFRACTION' ? 
r_chiral_restr               0.150  0.200  ? 136  'X-RAY DIFFRACTION' ? 
r_gen_planes_refined         0.011  0.021  ? 632  'X-RAY DIFFRACTION' ? 
r_gen_planes_other           ?      ?      ? ?    'X-RAY DIFFRACTION' ? 
r_nbd_refined                ?      ?      ? ?    'X-RAY DIFFRACTION' ? 
r_nbd_other                  ?      ?      ? ?    'X-RAY DIFFRACTION' ? 
r_nbtor_refined              ?      ?      ? ?    'X-RAY DIFFRACTION' ? 
r_nbtor_other                ?      ?      ? ?    'X-RAY DIFFRACTION' ? 
r_xyhbond_nbd_refined        ?      ?      ? ?    'X-RAY DIFFRACTION' ? 
r_xyhbond_nbd_other          ?      ?      ? ?    'X-RAY DIFFRACTION' ? 
r_metal_ion_refined          ?      ?      ? ?    'X-RAY DIFFRACTION' ? 
r_metal_ion_other            ?      ?      ? ?    'X-RAY DIFFRACTION' ? 
r_symmetry_vdw_refined       ?      ?      ? ?    'X-RAY DIFFRACTION' ? 
r_symmetry_vdw_other         ?      ?      ? ?    'X-RAY DIFFRACTION' ? 
r_symmetry_hbond_refined     ?      ?      ? ?    'X-RAY DIFFRACTION' ? 
r_symmetry_hbond_other       ?      ?      ? ?    'X-RAY DIFFRACTION' ? 
r_symmetry_metal_ion_refined ?      ?      ? ?    'X-RAY DIFFRACTION' ? 
r_symmetry_metal_ion_other   ?      ?      ? ?    'X-RAY DIFFRACTION' ? 
r_mcbond_it                  2.127  1.500  ? 536  'X-RAY DIFFRACTION' ? 
r_mcbond_other               ?      ?      ? ?    'X-RAY DIFFRACTION' ? 
r_mcangle_it                 3.095  2.000  ? 869  'X-RAY DIFFRACTION' ? 
r_mcangle_other              ?      ?      ? ?    'X-RAY DIFFRACTION' ? 
r_scbond_it                  4.759  3.000  ? 334  'X-RAY DIFFRACTION' ? 
r_scbond_other               ?      ?      ? ?    'X-RAY DIFFRACTION' ? 
r_scangle_it                 6.837  4.500  ? 309  'X-RAY DIFFRACTION' ? 
r_scangle_other              ?      ?      ? ?    'X-RAY DIFFRACTION' ? 
r_long_range_B_refined       ?      ?      ? ?    'X-RAY DIFFRACTION' ? 
r_long_range_B_other         ?      ?      ? ?    'X-RAY DIFFRACTION' ? 
r_rigid_bond_restr           2.767  3.000  ? 870  'X-RAY DIFFRACTION' ? 
r_sphericity_free            10.352 3.000  ? 44   'X-RAY DIFFRACTION' ? 
r_sphericity_bonded          4.347  3.000  ? 853  'X-RAY DIFFRACTION' ? 
# 
_refine_ls_shell.pdbx_refine_id                   'X-RAY DIFFRACTION' 
_refine_ls_shell.pdbx_total_number_of_bins_used   20 
_refine_ls_shell.d_res_high                       1.620 
_refine_ls_shell.d_res_low                        1.662 
_refine_ls_shell.number_reflns_R_work             701 
_refine_ls_shell.R_factor_R_work                  0.300 
_refine_ls_shell.percent_reflns_obs               70.05 
_refine_ls_shell.R_factor_R_free                  0.408 
_refine_ls_shell.R_factor_R_free_error            ? 
_refine_ls_shell.percent_reflns_R_free            ? 
_refine_ls_shell.number_reflns_R_free             38 
_refine_ls_shell.number_reflns_all                ? 
_refine_ls_shell.R_factor_all                     ? 
# 
_struct.entry_id                  2X4J 
_struct.title                     'Crystal structure of ORF137 from Pyrobaculum spherical virus' 
_struct.pdbx_model_details        ? 
_struct.pdbx_CASP_flag            ? 
_struct.pdbx_model_type_details   ? 
# 
_struct_keywords.entry_id        2X4J 
_struct_keywords.pdbx_keywords   'VIRAL PROTEIN' 
_struct_keywords.text            'VIRAL PROTEIN' 
# 
loop_
_struct_asym.id 
_struct_asym.pdbx_blank_PDB_chainid_flag 
_struct_asym.pdbx_modified 
_struct_asym.entity_id 
_struct_asym.details 
A N N 1 ? 
B N N 2 ? 
# 
_struct_ref.id                         1 
_struct_ref.db_name                    UNP 
_struct_ref.db_code                    Q6ZYJ4_PSV 
_struct_ref.entity_id                  1 
_struct_ref.pdbx_seq_one_letter_code   ? 
_struct_ref.pdbx_align_begin           ? 
_struct_ref.pdbx_db_accession          Q6ZYJ4 
_struct_ref.pdbx_db_isoform            ? 
# 
_struct_ref_seq.align_id                      1 
_struct_ref_seq.ref_id                        1 
_struct_ref_seq.pdbx_PDB_id_code              2X4J 
_struct_ref_seq.pdbx_strand_id                A 
_struct_ref_seq.seq_align_beg                 2 
_struct_ref_seq.pdbx_seq_align_beg_ins_code   ? 
_struct_ref_seq.seq_align_end                 137 
_struct_ref_seq.pdbx_seq_align_end_ins_code   ? 
_struct_ref_seq.pdbx_db_accession             Q6ZYJ4 
_struct_ref_seq.db_align_beg                  1 
_struct_ref_seq.pdbx_db_align_beg_ins_code    ? 
_struct_ref_seq.db_align_end                  136 
_struct_ref_seq.pdbx_db_align_end_ins_code    ? 
_struct_ref_seq.pdbx_auth_seq_align_beg       1 
_struct_ref_seq.pdbx_auth_seq_align_end       136 
# 
loop_
_struct_ref_seq_dif.align_id 
_struct_ref_seq_dif.pdbx_pdb_id_code 
_struct_ref_seq_dif.mon_id 
_struct_ref_seq_dif.pdbx_pdb_strand_id 
_struct_ref_seq_dif.seq_num 
_struct_ref_seq_dif.pdbx_pdb_ins_code 
_struct_ref_seq_dif.pdbx_seq_db_name 
_struct_ref_seq_dif.pdbx_seq_db_accession_code 
_struct_ref_seq_dif.db_mon_id 
_struct_ref_seq_dif.pdbx_seq_db_seq_num 
_struct_ref_seq_dif.details 
_struct_ref_seq_dif.pdbx_auth_seq_num 
_struct_ref_seq_dif.pdbx_ordinal 
1 2X4J GLY A 1   ? UNP Q6ZYJ4 ?   ?   'expression tag' 0   1 
1 2X4J GLU A 117 ? UNP Q6ZYJ4 ?   ?   insertion        116 2 
1 2X4J ?   A ?   ? UNP Q6ZYJ4 GLY 119 deletion         ?   3 
# 
_pdbx_struct_assembly.id                   1 
_pdbx_struct_assembly.details              author_and_software_defined_assembly 
_pdbx_struct_assembly.method_details       PISA 
_pdbx_struct_assembly.oligomeric_details   trimeric 
_pdbx_struct_assembly.oligomeric_count     3 
# 
loop_
_pdbx_struct_assembly_prop.biol_id 
_pdbx_struct_assembly_prop.type 
_pdbx_struct_assembly_prop.value 
_pdbx_struct_assembly_prop.details 
1 'ABSA (A^2)' 3320  ? 
1 MORE         -18.3 ? 
1 'SSA (A^2)'  14880 ? 
# 
_pdbx_struct_assembly_gen.assembly_id       1 
_pdbx_struct_assembly_gen.oper_expression   1,2,3 
_pdbx_struct_assembly_gen.asym_id_list      A,B 
# 
loop_
_pdbx_struct_oper_list.id 
_pdbx_struct_oper_list.type 
_pdbx_struct_oper_list.name 
_pdbx_struct_oper_list.symmetry_operation 
_pdbx_struct_oper_list.matrix[1][1] 
_pdbx_struct_oper_list.matrix[1][2] 
_pdbx_struct_oper_list.matrix[1][3] 
_pdbx_struct_oper_list.vector[1] 
_pdbx_struct_oper_list.matrix[2][1] 
_pdbx_struct_oper_list.matrix[2][2] 
_pdbx_struct_oper_list.matrix[2][3] 
_pdbx_struct_oper_list.vector[2] 
_pdbx_struct_oper_list.matrix[3][1] 
_pdbx_struct_oper_list.matrix[3][2] 
_pdbx_struct_oper_list.matrix[3][3] 
_pdbx_struct_oper_list.vector[3] 
1 'identity operation'         1_555 x,y,z     1.0000000000 0.0000000000 0.0000000000  0.0000000000  0.0000000000 1.0000000000 0.0000000000  0.0000000000   0.0000000000  0.0000000000  1.0000000000  0.0000000000  
2 'crystal symmetry operation' 3_555 -x+y,-x,z 0.1553660900 0.9833549637 -0.0942039994 18.2701305757 0.2255835192 0.0575251290 0.9725240025  -19.6707575340 0.9617554024  -0.1723481214 -0.2128912190 -0.1919336490 
3 'crystal symmetry operation' 2_555 -y,x-y,z  0.1553660900 0.2255835192 0.9617554024  1.7834331832  0.9833549637 0.0575251290 -0.1723481214 -16.8675401272 -0.0942039994 0.9725240025  -0.2128912190 20.8105422293 
# 
_struct_biol.id   1 
# 
loop_
_struct_conf.conf_type_id 
_struct_conf.id 
_struct_conf.pdbx_PDB_helix_id 
_struct_conf.beg_label_comp_id 
_struct_conf.beg_label_asym_id 
_struct_conf.beg_label_seq_id 
_struct_conf.pdbx_beg_PDB_ins_code 
_struct_conf.end_label_comp_id 
_struct_conf.end_label_asym_id 
_struct_conf.end_label_seq_id 
_struct_conf.pdbx_end_PDB_ins_code 
_struct_conf.beg_auth_comp_id 
_struct_conf.beg_auth_asym_id 
_struct_conf.beg_auth_seq_id 
_struct_conf.end_auth_comp_id 
_struct_conf.end_auth_asym_id 
_struct_conf.end_auth_seq_id 
_struct_conf.pdbx_PDB_helix_class 
_struct_conf.details 
_struct_conf.pdbx_PDB_helix_length 
HELX_P HELX_P1 1 LEU A 83  ? VAL A 87  ? LEU A 82  VAL A 86  5 ? 5 
HELX_P HELX_P2 2 ASP A 128 ? VAL A 130 ? ASP A 127 VAL A 129 5 ? 3 
# 
_struct_conf_type.id          HELX_P 
_struct_conf_type.criteria    ? 
_struct_conf_type.reference   ? 
# 
_struct_conn.id                            disulf1 
_struct_conn.conn_type_id                  disulf 
_struct_conn.pdbx_leaving_atom_flag        ? 
_struct_conn.pdbx_PDB_id                   ? 
_struct_conn.ptnr1_label_asym_id           A 
_struct_conn.ptnr1_label_comp_id           CYS 
_struct_conn.ptnr1_label_seq_id            56 
_struct_conn.ptnr1_label_atom_id           SG 
_struct_conn.pdbx_ptnr1_label_alt_id       ? 
_struct_conn.pdbx_ptnr1_PDB_ins_code       ? 
_struct_conn.pdbx_ptnr1_standard_comp_id   ? 
_struct_conn.ptnr1_symmetry                1_555 
_struct_conn.ptnr2_label_asym_id           A 
_struct_conn.ptnr2_label_comp_id           CYS 
_struct_conn.ptnr2_label_seq_id            134 
_struct_conn.ptnr2_label_atom_id           SG 
_struct_conn.pdbx_ptnr2_label_alt_id       ? 
_struct_conn.pdbx_ptnr2_PDB_ins_code       ? 
_struct_conn.ptnr1_auth_asym_id            A 
_struct_conn.ptnr1_auth_comp_id            CYS 
_struct_conn.ptnr1_auth_seq_id             55 
_struct_conn.ptnr2_auth_asym_id            A 
_struct_conn.ptnr2_auth_comp_id            CYS 
_struct_conn.ptnr2_auth_seq_id             133 
_struct_conn.ptnr2_symmetry                1_555 
_struct_conn.pdbx_ptnr3_label_atom_id      ? 
_struct_conn.pdbx_ptnr3_label_seq_id       ? 
_struct_conn.pdbx_ptnr3_label_comp_id      ? 
_struct_conn.pdbx_ptnr3_label_asym_id      ? 
_struct_conn.pdbx_ptnr3_label_alt_id       ? 
_struct_conn.pdbx_ptnr3_PDB_ins_code       ? 
_struct_conn.details                       ? 
_struct_conn.pdbx_dist_value               2.092 
_struct_conn.pdbx_value_order              ? 
_struct_conn.pdbx_role                     ? 
# 
_struct_conn_type.id          disulf 
_struct_conn_type.criteria    ? 
_struct_conn_type.reference   ? 
# 
_pdbx_modification_feature.ordinal                            1 
_pdbx_modification_feature.label_comp_id                      CYS 
_pdbx_modification_feature.label_asym_id                      A 
_pdbx_modification_feature.label_seq_id                       56 
_pdbx_modification_feature.label_alt_id                       ? 
_pdbx_modification_feature.modified_residue_label_comp_id     CYS 
_pdbx_modification_feature.modified_residue_label_asym_id     A 
_pdbx_modification_feature.modified_residue_label_seq_id      134 
_pdbx_modification_feature.modified_residue_label_alt_id      ? 
_pdbx_modification_feature.auth_comp_id                       CYS 
_pdbx_modification_feature.auth_asym_id                       A 
_pdbx_modification_feature.auth_seq_id                        55 
_pdbx_modification_feature.PDB_ins_code                       ? 
_pdbx_modification_feature.symmetry                           1_555 
_pdbx_modification_feature.modified_residue_auth_comp_id      CYS 
_pdbx_modification_feature.modified_residue_auth_asym_id      A 
_pdbx_modification_feature.modified_residue_auth_seq_id       133 
_pdbx_modification_feature.modified_residue_PDB_ins_code      ? 
_pdbx_modification_feature.modified_residue_symmetry          1_555 
_pdbx_modification_feature.comp_id_linking_atom               SG 
_pdbx_modification_feature.modified_residue_id_linking_atom   SG 
_pdbx_modification_feature.modified_residue_id                . 
_pdbx_modification_feature.ref_pcm_id                         . 
_pdbx_modification_feature.ref_comp_id                        . 
_pdbx_modification_feature.type                               None 
_pdbx_modification_feature.category                           'Disulfide bridge' 
# 
_struct_sheet.id               AA 
_struct_sheet.type             ? 
_struct_sheet.number_strands   10 
_struct_sheet.details          ? 
# 
loop_
_struct_sheet_order.sheet_id 
_struct_sheet_order.range_id_1 
_struct_sheet_order.range_id_2 
_struct_sheet_order.offset 
_struct_sheet_order.sense 
AA 1 2  ? anti-parallel 
AA 2 3  ? anti-parallel 
AA 3 4  ? anti-parallel 
AA 4 5  ? anti-parallel 
AA 5 6  ? anti-parallel 
AA 6 7  ? anti-parallel 
AA 7 8  ? anti-parallel 
AA 8 9  ? anti-parallel 
AA 9 10 ? anti-parallel 
# 
loop_
_struct_sheet_range.sheet_id 
_struct_sheet_range.id 
_struct_sheet_range.beg_label_comp_id 
_struct_sheet_range.beg_label_asym_id 
_struct_sheet_range.beg_label_seq_id 
_struct_sheet_range.pdbx_beg_PDB_ins_code 
_struct_sheet_range.end_label_comp_id 
_struct_sheet_range.end_label_asym_id 
_struct_sheet_range.end_label_seq_id 
_struct_sheet_range.pdbx_end_PDB_ins_code 
_struct_sheet_range.beg_auth_comp_id 
_struct_sheet_range.beg_auth_asym_id 
_struct_sheet_range.beg_auth_seq_id 
_struct_sheet_range.end_auth_comp_id 
_struct_sheet_range.end_auth_asym_id 
_struct_sheet_range.end_auth_seq_id 
AA 1  LYS A 65  ? SER A 67  ? LYS A 64  SER A 66  
AA 2  ASN A 25  ? SER A 27  ? ASN A 24  SER A 26  
AA 3  VAL A 36  ? GLU A 42  ? VAL A 35  GLU A 41  
AA 4  ASN A 46  ? ASP A 50  ? ASN A 45  ASP A 49  
AA 5  LYS A 54  ? ASN A 59  ? LYS A 53  ASN A 58  
AA 6  ALA A 132 ? PRO A 136 ? ALA A 131 PRO A 135 
AA 7  GLY A 92  ? LEU A 97  ? GLY A 91  LEU A 96  
AA 8  GLY A 100 ? ILE A 109 ? GLY A 99  ILE A 108 
AA 9  GLU A 113 ? GLU A 118 ? GLU A 112 GLU A 117 
AA 10 ASP A 121 ? HIS A 126 ? ASP A 120 HIS A 125 
# 
loop_
_pdbx_struct_sheet_hbond.sheet_id 
_pdbx_struct_sheet_hbond.range_id_1 
_pdbx_struct_sheet_hbond.range_id_2 
_pdbx_struct_sheet_hbond.range_1_label_atom_id 
_pdbx_struct_sheet_hbond.range_1_label_comp_id 
_pdbx_struct_sheet_hbond.range_1_label_asym_id 
_pdbx_struct_sheet_hbond.range_1_label_seq_id 
_pdbx_struct_sheet_hbond.range_1_PDB_ins_code 
_pdbx_struct_sheet_hbond.range_1_auth_atom_id 
_pdbx_struct_sheet_hbond.range_1_auth_comp_id 
_pdbx_struct_sheet_hbond.range_1_auth_asym_id 
_pdbx_struct_sheet_hbond.range_1_auth_seq_id 
_pdbx_struct_sheet_hbond.range_2_label_atom_id 
_pdbx_struct_sheet_hbond.range_2_label_comp_id 
_pdbx_struct_sheet_hbond.range_2_label_asym_id 
_pdbx_struct_sheet_hbond.range_2_label_seq_id 
_pdbx_struct_sheet_hbond.range_2_PDB_ins_code 
_pdbx_struct_sheet_hbond.range_2_auth_atom_id 
_pdbx_struct_sheet_hbond.range_2_auth_comp_id 
_pdbx_struct_sheet_hbond.range_2_auth_asym_id 
_pdbx_struct_sheet_hbond.range_2_auth_seq_id 
AA 1 2  N SER A 67  ? N SER A 66  O ASN A 25  ? O ASN A 24  
AA 2 3  N VAL A 26  ? N VAL A 25  O GLY A 37  ? O GLY A 36  
AA 3 4  N VAL A 40  ? N VAL A 39  O LEU A 48  ? O LEU A 47  
AA 4 5  N ILE A 49  ? N ILE A 48  O CYS A 56  ? O CYS A 55  
AA 5 6  N VAL A 57  ? N VAL A 56  O LEU A 133 ? O LEU A 132 
AA 6 7  N CYS A 134 ? N CYS A 133 O THR A 94  ? O THR A 93  
AA 7 8  N LEU A 97  ? N LEU A 96  O GLY A 100 ? O GLY A 99  
AA 8 9  N ILE A 107 ? N ILE A 106 O LEU A 115 ? O LEU A 114 
AA 9 10 N GLU A 118 ? N GLU A 117 O ASP A 121 ? O ASP A 120 
# 
_pdbx_entry_details.entry_id                   2X4J 
_pdbx_entry_details.compound_details           ? 
_pdbx_entry_details.source_details             ? 
_pdbx_entry_details.nonpolymer_details         ? 
_pdbx_entry_details.sequence_details           ? 
_pdbx_entry_details.has_ligand_of_interest     ? 
_pdbx_entry_details.has_protein_modification   Y 
# 
_pdbx_validate_close_contact.id               1 
_pdbx_validate_close_contact.PDB_model_num    1 
_pdbx_validate_close_contact.auth_atom_id_1   CG1 
_pdbx_validate_close_contact.auth_asym_id_1   A 
_pdbx_validate_close_contact.auth_comp_id_1   VAL 
_pdbx_validate_close_contact.auth_seq_id_1    101 
_pdbx_validate_close_contact.PDB_ins_code_1   ? 
_pdbx_validate_close_contact.label_alt_id_1   ? 
_pdbx_validate_close_contact.auth_atom_id_2   OE2 
_pdbx_validate_close_contact.auth_asym_id_2   A 
_pdbx_validate_close_contact.auth_comp_id_2   GLU 
_pdbx_validate_close_contact.auth_seq_id_2    117 
_pdbx_validate_close_contact.PDB_ins_code_2   ? 
_pdbx_validate_close_contact.label_alt_id_2   ? 
_pdbx_validate_close_contact.dist             2.18 
# 
_pdbx_validate_symm_contact.id                1 
_pdbx_validate_symm_contact.PDB_model_num     1 
_pdbx_validate_symm_contact.auth_atom_id_1    OD1 
_pdbx_validate_symm_contact.auth_asym_id_1    A 
_pdbx_validate_symm_contact.auth_comp_id_1    ASN 
_pdbx_validate_symm_contact.auth_seq_id_1     98 
_pdbx_validate_symm_contact.PDB_ins_code_1    ? 
_pdbx_validate_symm_contact.label_alt_id_1    ? 
_pdbx_validate_symm_contact.site_symmetry_1   1_555 
_pdbx_validate_symm_contact.auth_atom_id_2    ND2 
_pdbx_validate_symm_contact.auth_asym_id_2    A 
_pdbx_validate_symm_contact.auth_comp_id_2    ASN 
_pdbx_validate_symm_contact.auth_seq_id_2     98 
_pdbx_validate_symm_contact.PDB_ins_code_2    ? 
_pdbx_validate_symm_contact.label_alt_id_2    ? 
_pdbx_validate_symm_contact.site_symmetry_2   2_555 
_pdbx_validate_symm_contact.dist              2.02 
# 
_pdbx_validate_rmsd_bond.id                        1 
_pdbx_validate_rmsd_bond.PDB_model_num             1 
_pdbx_validate_rmsd_bond.auth_atom_id_1            CD 
_pdbx_validate_rmsd_bond.auth_asym_id_1            A 
_pdbx_validate_rmsd_bond.auth_comp_id_1            LYS 
_pdbx_validate_rmsd_bond.auth_seq_id_1             59 
_pdbx_validate_rmsd_bond.PDB_ins_code_1            ? 
_pdbx_validate_rmsd_bond.label_alt_id_1            ? 
_pdbx_validate_rmsd_bond.auth_atom_id_2            CE 
_pdbx_validate_rmsd_bond.auth_asym_id_2            A 
_pdbx_validate_rmsd_bond.auth_comp_id_2            LYS 
_pdbx_validate_rmsd_bond.auth_seq_id_2             59 
_pdbx_validate_rmsd_bond.PDB_ins_code_2            ? 
_pdbx_validate_rmsd_bond.label_alt_id_2            ? 
_pdbx_validate_rmsd_bond.bond_value                1.674 
_pdbx_validate_rmsd_bond.bond_target_value         1.508 
_pdbx_validate_rmsd_bond.bond_deviation            0.166 
_pdbx_validate_rmsd_bond.bond_standard_deviation   0.025 
_pdbx_validate_rmsd_bond.linker_flag               N 
# 
_pdbx_validate_rmsd_angle.id                         1 
_pdbx_validate_rmsd_angle.PDB_model_num              1 
_pdbx_validate_rmsd_angle.auth_atom_id_1             CD 
_pdbx_validate_rmsd_angle.auth_asym_id_1             A 
_pdbx_validate_rmsd_angle.auth_comp_id_1             LYS 
_pdbx_validate_rmsd_angle.auth_seq_id_1              59 
_pdbx_validate_rmsd_angle.PDB_ins_code_1             ? 
_pdbx_validate_rmsd_angle.label_alt_id_1             ? 
_pdbx_validate_rmsd_angle.auth_atom_id_2             CE 
_pdbx_validate_rmsd_angle.auth_asym_id_2             A 
_pdbx_validate_rmsd_angle.auth_comp_id_2             LYS 
_pdbx_validate_rmsd_angle.auth_seq_id_2              59 
_pdbx_validate_rmsd_angle.PDB_ins_code_2             ? 
_pdbx_validate_rmsd_angle.label_alt_id_2             ? 
_pdbx_validate_rmsd_angle.auth_atom_id_3             NZ 
_pdbx_validate_rmsd_angle.auth_asym_id_3             A 
_pdbx_validate_rmsd_angle.auth_comp_id_3             LYS 
_pdbx_validate_rmsd_angle.auth_seq_id_3              59 
_pdbx_validate_rmsd_angle.PDB_ins_code_3             ? 
_pdbx_validate_rmsd_angle.label_alt_id_3             ? 
_pdbx_validate_rmsd_angle.angle_value                125.65 
_pdbx_validate_rmsd_angle.angle_target_value         111.70 
_pdbx_validate_rmsd_angle.angle_deviation            13.95 
_pdbx_validate_rmsd_angle.angle_standard_deviation   2.30 
_pdbx_validate_rmsd_angle.linker_flag                N 
# 
_pdbx_validate_torsion.id              1 
_pdbx_validate_torsion.PDB_model_num   1 
_pdbx_validate_torsion.auth_comp_id    VAL 
_pdbx_validate_torsion.auth_asym_id    A 
_pdbx_validate_torsion.auth_seq_id     118 
_pdbx_validate_torsion.PDB_ins_code    ? 
_pdbx_validate_torsion.label_alt_id    ? 
_pdbx_validate_torsion.phi             57.09 
_pdbx_validate_torsion.psi             -140.83 
# 
loop_
_pdbx_refine_tls.pdbx_refine_id 
_pdbx_refine_tls.id 
_pdbx_refine_tls.details 
_pdbx_refine_tls.method 
_pdbx_refine_tls.origin_x 
_pdbx_refine_tls.origin_y 
_pdbx_refine_tls.origin_z 
_pdbx_refine_tls.T[1][1] 
_pdbx_refine_tls.T[2][2] 
_pdbx_refine_tls.T[3][3] 
_pdbx_refine_tls.T[1][2] 
_pdbx_refine_tls.T[1][3] 
_pdbx_refine_tls.T[2][3] 
_pdbx_refine_tls.L[1][1] 
_pdbx_refine_tls.L[2][2] 
_pdbx_refine_tls.L[3][3] 
_pdbx_refine_tls.L[1][2] 
_pdbx_refine_tls.L[1][3] 
_pdbx_refine_tls.L[2][3] 
_pdbx_refine_tls.S[1][1] 
_pdbx_refine_tls.S[1][2] 
_pdbx_refine_tls.S[1][3] 
_pdbx_refine_tls.S[2][1] 
_pdbx_refine_tls.S[2][2] 
_pdbx_refine_tls.S[2][3] 
_pdbx_refine_tls.S[3][1] 
_pdbx_refine_tls.S[3][2] 
_pdbx_refine_tls.S[3][3] 
'X-RAY DIFFRACTION' 1  ? refined 13.9655  2.6656  -8.1945 0.1741 0.2823 0.2105 -0.0362 0.0580  0.0376  3.4541  11.0882 4.1800 -5.2924 0.8708  -4.7607 0.0031  -0.2442 0.2254  -0.0873 -0.0242 -0.3117 0.0543  0.4511  0.0210  
'X-RAY DIFFRACTION' 2  ? refined 2.2304   -6.5695 -9.2047 0.1278 0.1179 0.0892 0.0338  -0.0488 -0.0506 7.0260  10.0545 4.7740 5.4583  -2.6038 -4.7529 0.2868  0.4718  -0.3120 -0.2914 -0.2381 0.0248  0.2986  -0.0130 -0.0487 
'X-RAY DIFFRACTION' 3  ? refined 2.7810   1.6426  -8.1727 0.0669 0.0993 0.0906 0.0388  0.0012  0.0065  3.7628  7.5761  5.2548 3.5052  1.9835  1.0088  0.0069  0.3445  0.1179  -0.3533 0.0339  0.0827  -0.1615 0.1044  -0.0407 
'X-RAY DIFFRACTION' 4  ? refined 8.6296   3.7232  0.5532  0.0919 0.1294 0.1381 -0.0266 -0.0074 0.0094  1.2358  5.4665  4.0113 -0.2925 2.0274  0.8591  -0.0242 0.0717  -0.0212 0.1052  0.1518  -0.2463 -0.0346 0.2261  -0.1275 
'X-RAY DIFFRACTION' 5  ? refined 2.3783   -0.6741 -5.1452 0.1076 0.1188 0.1035 -0.0004 -0.0247 -0.0083 1.5747  1.8509  1.5983 -1.2141 0.7142  -0.9675 0.0445  0.1984  0.0381  -0.0869 -0.0868 -0.0432 0.0409  0.0625  0.0422  
'X-RAY DIFFRACTION' 6  ? refined 6.4678   6.4674  0.4343  0.1266 0.0799 0.1276 -0.0339 -0.0119 0.0068  2.9461  3.3790  4.0161 -2.2958 -0.7791 1.3741  0.0788  0.0017  0.3369  -0.0199 -0.0534 -0.2812 -0.3490 0.2869  -0.0254 
'X-RAY DIFFRACTION' 7  ? refined -6.5214  1.2461  2.7268  0.1088 0.1156 0.1152 0.0045  -0.0098 0.0002  2.0078  3.6937  1.3073 -2.2231 0.6728  -0.3237 -0.0639 -0.1818 -0.0693 0.0739  0.1787  0.1022  -0.1273 -0.1598 -0.1148 
'X-RAY DIFFRACTION' 8  ? refined -7.8469  -6.3525 3.4461  0.0869 0.0875 0.1222 -0.0265 -0.0012 0.0399  11.7816 13.1980 4.2005 -9.0752 -2.5856 4.7146  0.0088  0.1684  -0.6561 0.0634  -0.1570 0.7227  0.1786  -0.2132 0.1482  
'X-RAY DIFFRACTION' 9  ? refined -1.1659  3.0278  11.9355 0.1916 0.1151 0.1099 -0.0055 -0.0422 0.0054  11.3355 3.5146  1.0772 -2.0368 1.7645  -0.6320 -0.2093 -0.4807 0.1887  0.4300  0.1027  -0.2010 -0.3374 -0.0272 0.1067  
'X-RAY DIFFRACTION' 10 ? refined -12.4586 -2.3146 12.0896 0.0938 0.1786 0.2257 0.0303  0.0647  0.0570  17.2504 9.4598  9.8378 2.4994  -0.7052 -5.0005 -0.3154 0.0355  -0.3556 0.1492  0.6317  1.0023  0.0747  -0.9760 -0.3162 
'X-RAY DIFFRACTION' 11 ? refined 0.5108   -4.5127 10.2506 0.1216 0.1232 0.1313 -0.0060 -0.0188 0.0468  6.4011  0.7579  4.1539 1.7684  -2.7252 0.0636  -0.0769 0.1095  0.1072  0.0155  0.1046  0.0570  0.0672  0.0998  -0.0277 
'X-RAY DIFFRACTION' 12 ? refined -3.8631  1.7649  -2.2319 0.0980 0.1121 0.1173 -0.0043 -0.0181 -0.0099 1.7530  1.2302  3.8770 -0.7709 0.5770  -1.2313 0.1185  0.0704  -0.1117 0.0235  0.0228  -0.0055 -0.1768 -0.2414 -0.1412 
# 
loop_
_pdbx_refine_tls_group.pdbx_refine_id 
_pdbx_refine_tls_group.id 
_pdbx_refine_tls_group.refine_tls_id 
_pdbx_refine_tls_group.beg_auth_asym_id 
_pdbx_refine_tls_group.beg_auth_seq_id 
_pdbx_refine_tls_group.beg_label_asym_id 
_pdbx_refine_tls_group.beg_label_seq_id 
_pdbx_refine_tls_group.end_auth_asym_id 
_pdbx_refine_tls_group.end_auth_seq_id 
_pdbx_refine_tls_group.end_label_asym_id 
_pdbx_refine_tls_group.end_label_seq_id 
_pdbx_refine_tls_group.selection 
_pdbx_refine_tls_group.selection_details 
'X-RAY DIFFRACTION' 1  1  A 16  ? ? A 21  ? ? ? ? 
'X-RAY DIFFRACTION' 2  2  A 22  ? ? A 31  ? ? ? ? 
'X-RAY DIFFRACTION' 3  3  A 32  ? ? A 41  ? ? ? ? 
'X-RAY DIFFRACTION' 4  4  A 42  ? ? A 47  ? ? ? ? 
'X-RAY DIFFRACTION' 5  5  A 48  ? ? A 64  ? ? ? ? 
'X-RAY DIFFRACTION' 6  6  A 65  ? ? A 85  ? ? ? ? 
'X-RAY DIFFRACTION' 7  7  A 86  ? ? A 96  ? ? ? ? 
'X-RAY DIFFRACTION' 8  8  A 97  ? ? A 104 ? ? ? ? 
'X-RAY DIFFRACTION' 9  9  A 105 ? ? A 113 ? ? ? ? 
'X-RAY DIFFRACTION' 10 10 A 114 ? ? A 121 ? ? ? ? 
'X-RAY DIFFRACTION' 11 11 A 122 ? ? A 129 ? ? ? ? 
'X-RAY DIFFRACTION' 12 12 A 130 ? ? A 136 ? ? ? ? 
# 
_pdbx_distant_solvent_atoms.id                                1 
_pdbx_distant_solvent_atoms.PDB_model_num                     1 
_pdbx_distant_solvent_atoms.auth_atom_id                      O 
_pdbx_distant_solvent_atoms.label_alt_id                      ? 
_pdbx_distant_solvent_atoms.auth_asym_id                      A 
_pdbx_distant_solvent_atoms.auth_comp_id                      HOH 
_pdbx_distant_solvent_atoms.auth_seq_id                       2010 
_pdbx_distant_solvent_atoms.PDB_ins_code                      ? 
_pdbx_distant_solvent_atoms.neighbor_macromolecule_distance   6.12 
_pdbx_distant_solvent_atoms.neighbor_ligand_distance          . 
# 
loop_
_pdbx_unobs_or_zero_occ_residues.id 
_pdbx_unobs_or_zero_occ_residues.PDB_model_num 
_pdbx_unobs_or_zero_occ_residues.polymer_flag 
_pdbx_unobs_or_zero_occ_residues.occupancy_flag 
_pdbx_unobs_or_zero_occ_residues.auth_asym_id 
_pdbx_unobs_or_zero_occ_residues.auth_comp_id 
_pdbx_unobs_or_zero_occ_residues.auth_seq_id 
_pdbx_unobs_or_zero_occ_residues.PDB_ins_code 
_pdbx_unobs_or_zero_occ_residues.label_asym_id 
_pdbx_unobs_or_zero_occ_residues.label_comp_id 
_pdbx_unobs_or_zero_occ_residues.label_seq_id 
1  1 Y 1 A GLY 0  ? A GLY 1  
2  1 Y 1 A MET 1  ? A MET 2  
3  1 Y 1 A GLY 2  ? A GLY 3  
4  1 Y 1 A ALA 3  ? A ALA 4  
5  1 Y 1 A PRO 4  ? A PRO 5  
6  1 Y 1 A ASN 5  ? A ASN 6  
7  1 Y 1 A GLN 6  ? A GLN 7  
8  1 Y 1 A GLN 7  ? A GLN 8  
9  1 Y 1 A GLN 8  ? A GLN 9  
10 1 Y 1 A THR 9  ? A THR 10 
11 1 Y 1 A GLN 10 ? A GLN 11 
12 1 Y 1 A ASP 11 ? A ASP 12 
13 1 Y 1 A ARG 12 ? A ARG 13 
14 1 Y 1 A SER 13 ? A SER 14 
15 1 Y 1 A VAL 14 ? A VAL 15 
16 1 Y 1 A ASP 15 ? A ASP 16 
17 1 Y 1 A LYS 67 ? A LYS 68 
18 1 Y 1 A CYS 68 ? A CYS 69 
19 1 Y 1 A GLU 69 ? A GLU 70 
20 1 Y 1 A GLY 70 ? A GLY 71 
21 1 Y 1 A SER 71 ? A SER 72 
22 1 Y 1 A SER 72 ? A SER 73 
23 1 Y 1 A GLY 73 ? A GLY 74 
24 1 Y 1 A SER 74 ? A SER 75 
25 1 Y 1 A GLY 75 ? A GLY 76 
26 1 Y 1 A GLY 76 ? A GLY 77 
27 1 Y 1 A GLU 77 ? A GLU 78 
28 1 Y 1 A ARG 78 ? A ARG 79 
# 
loop_
_chem_comp_atom.comp_id 
_chem_comp_atom.atom_id 
_chem_comp_atom.type_symbol 
_chem_comp_atom.pdbx_aromatic_flag 
_chem_comp_atom.pdbx_stereo_config 
_chem_comp_atom.pdbx_ordinal 
ALA N    N N N 1   
ALA CA   C N S 2   
ALA C    C N N 3   
ALA O    O N N 4   
ALA CB   C N N 5   
ALA OXT  O N N 6   
ALA H    H N N 7   
ALA H2   H N N 8   
ALA HA   H N N 9   
ALA HB1  H N N 10  
ALA HB2  H N N 11  
ALA HB3  H N N 12  
ALA HXT  H N N 13  
ARG N    N N N 14  
ARG CA   C N S 15  
ARG C    C N N 16  
ARG O    O N N 17  
ARG CB   C N N 18  
ARG CG   C N N 19  
ARG CD   C N N 20  
ARG NE   N N N 21  
ARG CZ   C N N 22  
ARG NH1  N N N 23  
ARG NH2  N N N 24  
ARG OXT  O N N 25  
ARG H    H N N 26  
ARG H2   H N N 27  
ARG HA   H N N 28  
ARG HB2  H N N 29  
ARG HB3  H N N 30  
ARG HG2  H N N 31  
ARG HG3  H N N 32  
ARG HD2  H N N 33  
ARG HD3  H N N 34  
ARG HE   H N N 35  
ARG HH11 H N N 36  
ARG HH12 H N N 37  
ARG HH21 H N N 38  
ARG HH22 H N N 39  
ARG HXT  H N N 40  
ASN N    N N N 41  
ASN CA   C N S 42  
ASN C    C N N 43  
ASN O    O N N 44  
ASN CB   C N N 45  
ASN CG   C N N 46  
ASN OD1  O N N 47  
ASN ND2  N N N 48  
ASN OXT  O N N 49  
ASN H    H N N 50  
ASN H2   H N N 51  
ASN HA   H N N 52  
ASN HB2  H N N 53  
ASN HB3  H N N 54  
ASN HD21 H N N 55  
ASN HD22 H N N 56  
ASN HXT  H N N 57  
ASP N    N N N 58  
ASP CA   C N S 59  
ASP C    C N N 60  
ASP O    O N N 61  
ASP CB   C N N 62  
ASP CG   C N N 63  
ASP OD1  O N N 64  
ASP OD2  O N N 65  
ASP OXT  O N N 66  
ASP H    H N N 67  
ASP H2   H N N 68  
ASP HA   H N N 69  
ASP HB2  H N N 70  
ASP HB3  H N N 71  
ASP HD2  H N N 72  
ASP HXT  H N N 73  
CYS N    N N N 74  
CYS CA   C N R 75  
CYS C    C N N 76  
CYS O    O N N 77  
CYS CB   C N N 78  
CYS SG   S N N 79  
CYS OXT  O N N 80  
CYS H    H N N 81  
CYS H2   H N N 82  
CYS HA   H N N 83  
CYS HB2  H N N 84  
CYS HB3  H N N 85  
CYS HG   H N N 86  
CYS HXT  H N N 87  
GLN N    N N N 88  
GLN CA   C N S 89  
GLN C    C N N 90  
GLN O    O N N 91  
GLN CB   C N N 92  
GLN CG   C N N 93  
GLN CD   C N N 94  
GLN OE1  O N N 95  
GLN NE2  N N N 96  
GLN OXT  O N N 97  
GLN H    H N N 98  
GLN H2   H N N 99  
GLN HA   H N N 100 
GLN HB2  H N N 101 
GLN HB3  H N N 102 
GLN HG2  H N N 103 
GLN HG3  H N N 104 
GLN HE21 H N N 105 
GLN HE22 H N N 106 
GLN HXT  H N N 107 
GLU N    N N N 108 
GLU CA   C N S 109 
GLU C    C N N 110 
GLU O    O N N 111 
GLU CB   C N N 112 
GLU CG   C N N 113 
GLU CD   C N N 114 
GLU OE1  O N N 115 
GLU OE2  O N N 116 
GLU OXT  O N N 117 
GLU H    H N N 118 
GLU H2   H N N 119 
GLU HA   H N N 120 
GLU HB2  H N N 121 
GLU HB3  H N N 122 
GLU HG2  H N N 123 
GLU HG3  H N N 124 
GLU HE2  H N N 125 
GLU HXT  H N N 126 
GLY N    N N N 127 
GLY CA   C N N 128 
GLY C    C N N 129 
GLY O    O N N 130 
GLY OXT  O N N 131 
GLY H    H N N 132 
GLY H2   H N N 133 
GLY HA2  H N N 134 
GLY HA3  H N N 135 
GLY HXT  H N N 136 
HIS N    N N N 137 
HIS CA   C N S 138 
HIS C    C N N 139 
HIS O    O N N 140 
HIS CB   C N N 141 
HIS CG   C Y N 142 
HIS ND1  N Y N 143 
HIS CD2  C Y N 144 
HIS CE1  C Y N 145 
HIS NE2  N Y N 146 
HIS OXT  O N N 147 
HIS H    H N N 148 
HIS H2   H N N 149 
HIS HA   H N N 150 
HIS HB2  H N N 151 
HIS HB3  H N N 152 
HIS HD1  H N N 153 
HIS HD2  H N N 154 
HIS HE1  H N N 155 
HIS HE2  H N N 156 
HIS HXT  H N N 157 
HOH O    O N N 158 
HOH H1   H N N 159 
HOH H2   H N N 160 
ILE N    N N N 161 
ILE CA   C N S 162 
ILE C    C N N 163 
ILE O    O N N 164 
ILE CB   C N S 165 
ILE CG1  C N N 166 
ILE CG2  C N N 167 
ILE CD1  C N N 168 
ILE OXT  O N N 169 
ILE H    H N N 170 
ILE H2   H N N 171 
ILE HA   H N N 172 
ILE HB   H N N 173 
ILE HG12 H N N 174 
ILE HG13 H N N 175 
ILE HG21 H N N 176 
ILE HG22 H N N 177 
ILE HG23 H N N 178 
ILE HD11 H N N 179 
ILE HD12 H N N 180 
ILE HD13 H N N 181 
ILE HXT  H N N 182 
LEU N    N N N 183 
LEU CA   C N S 184 
LEU C    C N N 185 
LEU O    O N N 186 
LEU CB   C N N 187 
LEU CG   C N N 188 
LEU CD1  C N N 189 
LEU CD2  C N N 190 
LEU OXT  O N N 191 
LEU H    H N N 192 
LEU H2   H N N 193 
LEU HA   H N N 194 
LEU HB2  H N N 195 
LEU HB3  H N N 196 
LEU HG   H N N 197 
LEU HD11 H N N 198 
LEU HD12 H N N 199 
LEU HD13 H N N 200 
LEU HD21 H N N 201 
LEU HD22 H N N 202 
LEU HD23 H N N 203 
LEU HXT  H N N 204 
LYS N    N N N 205 
LYS CA   C N S 206 
LYS C    C N N 207 
LYS O    O N N 208 
LYS CB   C N N 209 
LYS CG   C N N 210 
LYS CD   C N N 211 
LYS CE   C N N 212 
LYS NZ   N N N 213 
LYS OXT  O N N 214 
LYS H    H N N 215 
LYS H2   H N N 216 
LYS HA   H N N 217 
LYS HB2  H N N 218 
LYS HB3  H N N 219 
LYS HG2  H N N 220 
LYS HG3  H N N 221 
LYS HD2  H N N 222 
LYS HD3  H N N 223 
LYS HE2  H N N 224 
LYS HE3  H N N 225 
LYS HZ1  H N N 226 
LYS HZ2  H N N 227 
LYS HZ3  H N N 228 
LYS HXT  H N N 229 
MET N    N N N 230 
MET CA   C N S 231 
MET C    C N N 232 
MET O    O N N 233 
MET CB   C N N 234 
MET CG   C N N 235 
MET SD   S N N 236 
MET CE   C N N 237 
MET OXT  O N N 238 
MET H    H N N 239 
MET H2   H N N 240 
MET HA   H N N 241 
MET HB2  H N N 242 
MET HB3  H N N 243 
MET HG2  H N N 244 
MET HG3  H N N 245 
MET HE1  H N N 246 
MET HE2  H N N 247 
MET HE3  H N N 248 
MET HXT  H N N 249 
PHE N    N N N 250 
PHE CA   C N S 251 
PHE C    C N N 252 
PHE O    O N N 253 
PHE CB   C N N 254 
PHE CG   C Y N 255 
PHE CD1  C Y N 256 
PHE CD2  C Y N 257 
PHE CE1  C Y N 258 
PHE CE2  C Y N 259 
PHE CZ   C Y N 260 
PHE OXT  O N N 261 
PHE H    H N N 262 
PHE H2   H N N 263 
PHE HA   H N N 264 
PHE HB2  H N N 265 
PHE HB3  H N N 266 
PHE HD1  H N N 267 
PHE HD2  H N N 268 
PHE HE1  H N N 269 
PHE HE2  H N N 270 
PHE HZ   H N N 271 
PHE HXT  H N N 272 
PRO N    N N N 273 
PRO CA   C N S 274 
PRO C    C N N 275 
PRO O    O N N 276 
PRO CB   C N N 277 
PRO CG   C N N 278 
PRO CD   C N N 279 
PRO OXT  O N N 280 
PRO H    H N N 281 
PRO HA   H N N 282 
PRO HB2  H N N 283 
PRO HB3  H N N 284 
PRO HG2  H N N 285 
PRO HG3  H N N 286 
PRO HD2  H N N 287 
PRO HD3  H N N 288 
PRO HXT  H N N 289 
SER N    N N N 290 
SER CA   C N S 291 
SER C    C N N 292 
SER O    O N N 293 
SER CB   C N N 294 
SER OG   O N N 295 
SER OXT  O N N 296 
SER H    H N N 297 
SER H2   H N N 298 
SER HA   H N N 299 
SER HB2  H N N 300 
SER HB3  H N N 301 
SER HG   H N N 302 
SER HXT  H N N 303 
THR N    N N N 304 
THR CA   C N S 305 
THR C    C N N 306 
THR O    O N N 307 
THR CB   C N R 308 
THR OG1  O N N 309 
THR CG2  C N N 310 
THR OXT  O N N 311 
THR H    H N N 312 
THR H2   H N N 313 
THR HA   H N N 314 
THR HB   H N N 315 
THR HG1  H N N 316 
THR HG21 H N N 317 
THR HG22 H N N 318 
THR HG23 H N N 319 
THR HXT  H N N 320 
TRP N    N N N 321 
TRP CA   C N S 322 
TRP C    C N N 323 
TRP O    O N N 324 
TRP CB   C N N 325 
TRP CG   C Y N 326 
TRP CD1  C Y N 327 
TRP CD2  C Y N 328 
TRP NE1  N Y N 329 
TRP CE2  C Y N 330 
TRP CE3  C Y N 331 
TRP CZ2  C Y N 332 
TRP CZ3  C Y N 333 
TRP CH2  C Y N 334 
TRP OXT  O N N 335 
TRP H    H N N 336 
TRP H2   H N N 337 
TRP HA   H N N 338 
TRP HB2  H N N 339 
TRP HB3  H N N 340 
TRP HD1  H N N 341 
TRP HE1  H N N 342 
TRP HE3  H N N 343 
TRP HZ2  H N N 344 
TRP HZ3  H N N 345 
TRP HH2  H N N 346 
TRP HXT  H N N 347 
TYR N    N N N 348 
TYR CA   C N S 349 
TYR C    C N N 350 
TYR O    O N N 351 
TYR CB   C N N 352 
TYR CG   C Y N 353 
TYR CD1  C Y N 354 
TYR CD2  C Y N 355 
TYR CE1  C Y N 356 
TYR CE2  C Y N 357 
TYR CZ   C Y N 358 
TYR OH   O N N 359 
TYR OXT  O N N 360 
TYR H    H N N 361 
TYR H2   H N N 362 
TYR HA   H N N 363 
TYR HB2  H N N 364 
TYR HB3  H N N 365 
TYR HD1  H N N 366 
TYR HD2  H N N 367 
TYR HE1  H N N 368 
TYR HE2  H N N 369 
TYR HH   H N N 370 
TYR HXT  H N N 371 
VAL N    N N N 372 
VAL CA   C N S 373 
VAL C    C N N 374 
VAL O    O N N 375 
VAL CB   C N N 376 
VAL CG1  C N N 377 
VAL CG2  C N N 378 
VAL OXT  O N N 379 
VAL H    H N N 380 
VAL H2   H N N 381 
VAL HA   H N N 382 
VAL HB   H N N 383 
VAL HG11 H N N 384 
VAL HG12 H N N 385 
VAL HG13 H N N 386 
VAL HG21 H N N 387 
VAL HG22 H N N 388 
VAL HG23 H N N 389 
VAL HXT  H N N 390 
# 
loop_
_chem_comp_bond.comp_id 
_chem_comp_bond.atom_id_1 
_chem_comp_bond.atom_id_2 
_chem_comp_bond.value_order 
_chem_comp_bond.pdbx_aromatic_flag 
_chem_comp_bond.pdbx_stereo_config 
_chem_comp_bond.pdbx_ordinal 
ALA N   CA   sing N N 1   
ALA N   H    sing N N 2   
ALA N   H2   sing N N 3   
ALA CA  C    sing N N 4   
ALA CA  CB   sing N N 5   
ALA CA  HA   sing N N 6   
ALA C   O    doub N N 7   
ALA C   OXT  sing N N 8   
ALA CB  HB1  sing N N 9   
ALA CB  HB2  sing N N 10  
ALA CB  HB3  sing N N 11  
ALA OXT HXT  sing N N 12  
ARG N   CA   sing N N 13  
ARG N   H    sing N N 14  
ARG N   H2   sing N N 15  
ARG CA  C    sing N N 16  
ARG CA  CB   sing N N 17  
ARG CA  HA   sing N N 18  
ARG C   O    doub N N 19  
ARG C   OXT  sing N N 20  
ARG CB  CG   sing N N 21  
ARG CB  HB2  sing N N 22  
ARG CB  HB3  sing N N 23  
ARG CG  CD   sing N N 24  
ARG CG  HG2  sing N N 25  
ARG CG  HG3  sing N N 26  
ARG CD  NE   sing N N 27  
ARG CD  HD2  sing N N 28  
ARG CD  HD3  sing N N 29  
ARG NE  CZ   sing N N 30  
ARG NE  HE   sing N N 31  
ARG CZ  NH1  sing N N 32  
ARG CZ  NH2  doub N N 33  
ARG NH1 HH11 sing N N 34  
ARG NH1 HH12 sing N N 35  
ARG NH2 HH21 sing N N 36  
ARG NH2 HH22 sing N N 37  
ARG OXT HXT  sing N N 38  
ASN N   CA   sing N N 39  
ASN N   H    sing N N 40  
ASN N   H2   sing N N 41  
ASN CA  C    sing N N 42  
ASN CA  CB   sing N N 43  
ASN CA  HA   sing N N 44  
ASN C   O    doub N N 45  
ASN C   OXT  sing N N 46  
ASN CB  CG   sing N N 47  
ASN CB  HB2  sing N N 48  
ASN CB  HB3  sing N N 49  
ASN CG  OD1  doub N N 50  
ASN CG  ND2  sing N N 51  
ASN ND2 HD21 sing N N 52  
ASN ND2 HD22 sing N N 53  
ASN OXT HXT  sing N N 54  
ASP N   CA   sing N N 55  
ASP N   H    sing N N 56  
ASP N   H2   sing N N 57  
ASP CA  C    sing N N 58  
ASP CA  CB   sing N N 59  
ASP CA  HA   sing N N 60  
ASP C   O    doub N N 61  
ASP C   OXT  sing N N 62  
ASP CB  CG   sing N N 63  
ASP CB  HB2  sing N N 64  
ASP CB  HB3  sing N N 65  
ASP CG  OD1  doub N N 66  
ASP CG  OD2  sing N N 67  
ASP OD2 HD2  sing N N 68  
ASP OXT HXT  sing N N 69  
CYS N   CA   sing N N 70  
CYS N   H    sing N N 71  
CYS N   H2   sing N N 72  
CYS CA  C    sing N N 73  
CYS CA  CB   sing N N 74  
CYS CA  HA   sing N N 75  
CYS C   O    doub N N 76  
CYS C   OXT  sing N N 77  
CYS CB  SG   sing N N 78  
CYS CB  HB2  sing N N 79  
CYS CB  HB3  sing N N 80  
CYS SG  HG   sing N N 81  
CYS OXT HXT  sing N N 82  
GLN N   CA   sing N N 83  
GLN N   H    sing N N 84  
GLN N   H2   sing N N 85  
GLN CA  C    sing N N 86  
GLN CA  CB   sing N N 87  
GLN CA  HA   sing N N 88  
GLN C   O    doub N N 89  
GLN C   OXT  sing N N 90  
GLN CB  CG   sing N N 91  
GLN CB  HB2  sing N N 92  
GLN CB  HB3  sing N N 93  
GLN CG  CD   sing N N 94  
GLN CG  HG2  sing N N 95  
GLN CG  HG3  sing N N 96  
GLN CD  OE1  doub N N 97  
GLN CD  NE2  sing N N 98  
GLN NE2 HE21 sing N N 99  
GLN NE2 HE22 sing N N 100 
GLN OXT HXT  sing N N 101 
GLU N   CA   sing N N 102 
GLU N   H    sing N N 103 
GLU N   H2   sing N N 104 
GLU CA  C    sing N N 105 
GLU CA  CB   sing N N 106 
GLU CA  HA   sing N N 107 
GLU C   O    doub N N 108 
GLU C   OXT  sing N N 109 
GLU CB  CG   sing N N 110 
GLU CB  HB2  sing N N 111 
GLU CB  HB3  sing N N 112 
GLU CG  CD   sing N N 113 
GLU CG  HG2  sing N N 114 
GLU CG  HG3  sing N N 115 
GLU CD  OE1  doub N N 116 
GLU CD  OE2  sing N N 117 
GLU OE2 HE2  sing N N 118 
GLU OXT HXT  sing N N 119 
GLY N   CA   sing N N 120 
GLY N   H    sing N N 121 
GLY N   H2   sing N N 122 
GLY CA  C    sing N N 123 
GLY CA  HA2  sing N N 124 
GLY CA  HA3  sing N N 125 
GLY C   O    doub N N 126 
GLY C   OXT  sing N N 127 
GLY OXT HXT  sing N N 128 
HIS N   CA   sing N N 129 
HIS N   H    sing N N 130 
HIS N   H2   sing N N 131 
HIS CA  C    sing N N 132 
HIS CA  CB   sing N N 133 
HIS CA  HA   sing N N 134 
HIS C   O    doub N N 135 
HIS C   OXT  sing N N 136 
HIS CB  CG   sing N N 137 
HIS CB  HB2  sing N N 138 
HIS CB  HB3  sing N N 139 
HIS CG  ND1  sing Y N 140 
HIS CG  CD2  doub Y N 141 
HIS ND1 CE1  doub Y N 142 
HIS ND1 HD1  sing N N 143 
HIS CD2 NE2  sing Y N 144 
HIS CD2 HD2  sing N N 145 
HIS CE1 NE2  sing Y N 146 
HIS CE1 HE1  sing N N 147 
HIS NE2 HE2  sing N N 148 
HIS OXT HXT  sing N N 149 
HOH O   H1   sing N N 150 
HOH O   H2   sing N N 151 
ILE N   CA   sing N N 152 
ILE N   H    sing N N 153 
ILE N   H2   sing N N 154 
ILE CA  C    sing N N 155 
ILE CA  CB   sing N N 156 
ILE CA  HA   sing N N 157 
ILE C   O    doub N N 158 
ILE C   OXT  sing N N 159 
ILE CB  CG1  sing N N 160 
ILE CB  CG2  sing N N 161 
ILE CB  HB   sing N N 162 
ILE CG1 CD1  sing N N 163 
ILE CG1 HG12 sing N N 164 
ILE CG1 HG13 sing N N 165 
ILE CG2 HG21 sing N N 166 
ILE CG2 HG22 sing N N 167 
ILE CG2 HG23 sing N N 168 
ILE CD1 HD11 sing N N 169 
ILE CD1 HD12 sing N N 170 
ILE CD1 HD13 sing N N 171 
ILE OXT HXT  sing N N 172 
LEU N   CA   sing N N 173 
LEU N   H    sing N N 174 
LEU N   H2   sing N N 175 
LEU CA  C    sing N N 176 
LEU CA  CB   sing N N 177 
LEU CA  HA   sing N N 178 
LEU C   O    doub N N 179 
LEU C   OXT  sing N N 180 
LEU CB  CG   sing N N 181 
LEU CB  HB2  sing N N 182 
LEU CB  HB3  sing N N 183 
LEU CG  CD1  sing N N 184 
LEU CG  CD2  sing N N 185 
LEU CG  HG   sing N N 186 
LEU CD1 HD11 sing N N 187 
LEU CD1 HD12 sing N N 188 
LEU CD1 HD13 sing N N 189 
LEU CD2 HD21 sing N N 190 
LEU CD2 HD22 sing N N 191 
LEU CD2 HD23 sing N N 192 
LEU OXT HXT  sing N N 193 
LYS N   CA   sing N N 194 
LYS N   H    sing N N 195 
LYS N   H2   sing N N 196 
LYS CA  C    sing N N 197 
LYS CA  CB   sing N N 198 
LYS CA  HA   sing N N 199 
LYS C   O    doub N N 200 
LYS C   OXT  sing N N 201 
LYS CB  CG   sing N N 202 
LYS CB  HB2  sing N N 203 
LYS CB  HB3  sing N N 204 
LYS CG  CD   sing N N 205 
LYS CG  HG2  sing N N 206 
LYS CG  HG3  sing N N 207 
LYS CD  CE   sing N N 208 
LYS CD  HD2  sing N N 209 
LYS CD  HD3  sing N N 210 
LYS CE  NZ   sing N N 211 
LYS CE  HE2  sing N N 212 
LYS CE  HE3  sing N N 213 
LYS NZ  HZ1  sing N N 214 
LYS NZ  HZ2  sing N N 215 
LYS NZ  HZ3  sing N N 216 
LYS OXT HXT  sing N N 217 
MET N   CA   sing N N 218 
MET N   H    sing N N 219 
MET N   H2   sing N N 220 
MET CA  C    sing N N 221 
MET CA  CB   sing N N 222 
MET CA  HA   sing N N 223 
MET C   O    doub N N 224 
MET C   OXT  sing N N 225 
MET CB  CG   sing N N 226 
MET CB  HB2  sing N N 227 
MET CB  HB3  sing N N 228 
MET CG  SD   sing N N 229 
MET CG  HG2  sing N N 230 
MET CG  HG3  sing N N 231 
MET SD  CE   sing N N 232 
MET CE  HE1  sing N N 233 
MET CE  HE2  sing N N 234 
MET CE  HE3  sing N N 235 
MET OXT HXT  sing N N 236 
PHE N   CA   sing N N 237 
PHE N   H    sing N N 238 
PHE N   H2   sing N N 239 
PHE CA  C    sing N N 240 
PHE CA  CB   sing N N 241 
PHE CA  HA   sing N N 242 
PHE C   O    doub N N 243 
PHE C   OXT  sing N N 244 
PHE CB  CG   sing N N 245 
PHE CB  HB2  sing N N 246 
PHE CB  HB3  sing N N 247 
PHE CG  CD1  doub Y N 248 
PHE CG  CD2  sing Y N 249 
PHE CD1 CE1  sing Y N 250 
PHE CD1 HD1  sing N N 251 
PHE CD2 CE2  doub Y N 252 
PHE CD2 HD2  sing N N 253 
PHE CE1 CZ   doub Y N 254 
PHE CE1 HE1  sing N N 255 
PHE CE2 CZ   sing Y N 256 
PHE CE2 HE2  sing N N 257 
PHE CZ  HZ   sing N N 258 
PHE OXT HXT  sing N N 259 
PRO N   CA   sing N N 260 
PRO N   CD   sing N N 261 
PRO N   H    sing N N 262 
PRO CA  C    sing N N 263 
PRO CA  CB   sing N N 264 
PRO CA  HA   sing N N 265 
PRO C   O    doub N N 266 
PRO C   OXT  sing N N 267 
PRO CB  CG   sing N N 268 
PRO CB  HB2  sing N N 269 
PRO CB  HB3  sing N N 270 
PRO CG  CD   sing N N 271 
PRO CG  HG2  sing N N 272 
PRO CG  HG3  sing N N 273 
PRO CD  HD2  sing N N 274 
PRO CD  HD3  sing N N 275 
PRO OXT HXT  sing N N 276 
SER N   CA   sing N N 277 
SER N   H    sing N N 278 
SER N   H2   sing N N 279 
SER CA  C    sing N N 280 
SER CA  CB   sing N N 281 
SER CA  HA   sing N N 282 
SER C   O    doub N N 283 
SER C   OXT  sing N N 284 
SER CB  OG   sing N N 285 
SER CB  HB2  sing N N 286 
SER CB  HB3  sing N N 287 
SER OG  HG   sing N N 288 
SER OXT HXT  sing N N 289 
THR N   CA   sing N N 290 
THR N   H    sing N N 291 
THR N   H2   sing N N 292 
THR CA  C    sing N N 293 
THR CA  CB   sing N N 294 
THR CA  HA   sing N N 295 
THR C   O    doub N N 296 
THR C   OXT  sing N N 297 
THR CB  OG1  sing N N 298 
THR CB  CG2  sing N N 299 
THR CB  HB   sing N N 300 
THR OG1 HG1  sing N N 301 
THR CG2 HG21 sing N N 302 
THR CG2 HG22 sing N N 303 
THR CG2 HG23 sing N N 304 
THR OXT HXT  sing N N 305 
TRP N   CA   sing N N 306 
TRP N   H    sing N N 307 
TRP N   H2   sing N N 308 
TRP CA  C    sing N N 309 
TRP CA  CB   sing N N 310 
TRP CA  HA   sing N N 311 
TRP C   O    doub N N 312 
TRP C   OXT  sing N N 313 
TRP CB  CG   sing N N 314 
TRP CB  HB2  sing N N 315 
TRP CB  HB3  sing N N 316 
TRP CG  CD1  doub Y N 317 
TRP CG  CD2  sing Y N 318 
TRP CD1 NE1  sing Y N 319 
TRP CD1 HD1  sing N N 320 
TRP CD2 CE2  doub Y N 321 
TRP CD2 CE3  sing Y N 322 
TRP NE1 CE2  sing Y N 323 
TRP NE1 HE1  sing N N 324 
TRP CE2 CZ2  sing Y N 325 
TRP CE3 CZ3  doub Y N 326 
TRP CE3 HE3  sing N N 327 
TRP CZ2 CH2  doub Y N 328 
TRP CZ2 HZ2  sing N N 329 
TRP CZ3 CH2  sing Y N 330 
TRP CZ3 HZ3  sing N N 331 
TRP CH2 HH2  sing N N 332 
TRP OXT HXT  sing N N 333 
TYR N   CA   sing N N 334 
TYR N   H    sing N N 335 
TYR N   H2   sing N N 336 
TYR CA  C    sing N N 337 
TYR CA  CB   sing N N 338 
TYR CA  HA   sing N N 339 
TYR C   O    doub N N 340 
TYR C   OXT  sing N N 341 
TYR CB  CG   sing N N 342 
TYR CB  HB2  sing N N 343 
TYR CB  HB3  sing N N 344 
TYR CG  CD1  doub Y N 345 
TYR CG  CD2  sing Y N 346 
TYR CD1 CE1  sing Y N 347 
TYR CD1 HD1  sing N N 348 
TYR CD2 CE2  doub Y N 349 
TYR CD2 HD2  sing N N 350 
TYR CE1 CZ   doub Y N 351 
TYR CE1 HE1  sing N N 352 
TYR CE2 CZ   sing Y N 353 
TYR CE2 HE2  sing N N 354 
TYR CZ  OH   sing N N 355 
TYR OH  HH   sing N N 356 
TYR OXT HXT  sing N N 357 
VAL N   CA   sing N N 358 
VAL N   H    sing N N 359 
VAL N   H2   sing N N 360 
VAL CA  C    sing N N 361 
VAL CA  CB   sing N N 362 
VAL CA  HA   sing N N 363 
VAL C   O    doub N N 364 
VAL C   OXT  sing N N 365 
VAL CB  CG1  sing N N 366 
VAL CB  CG2  sing N N 367 
VAL CB  HB   sing N N 368 
VAL CG1 HG11 sing N N 369 
VAL CG1 HG12 sing N N 370 
VAL CG1 HG13 sing N N 371 
VAL CG2 HG21 sing N N 372 
VAL CG2 HG22 sing N N 373 
VAL CG2 HG23 sing N N 374 
VAL OXT HXT  sing N N 375 
# 
_atom_sites.entry_id                    2X4J 
_atom_sites.fract_transf_matrix[1][1]   -0.00881690 
_atom_sites.fract_transf_matrix[1][2]   0.00936183 
_atom_sites.fract_transf_matrix[1][3]   0.00027516 
_atom_sites.fract_transf_matrix[2][1]   -0.00780996 
_atom_sites.fract_transf_matrix[2][2]   0.00118234 
_atom_sites.fract_transf_matrix[2][3]   0.01015201 
_atom_sites.fract_transf_matrix[3][1]   0.01816935 
_atom_sites.fract_transf_matrix[3][2]   0.01675829 
_atom_sites.fract_transf_matrix[3][3]   0.01202599 
_atom_sites.fract_transf_vector[1]      0.171067 
_atom_sites.fract_transf_vector[2]      -0.003167 
_atom_sites.fract_transf_vector[3]      0.447118 
# 
loop_
_atom_type.symbol 
C 
N 
O 
S 
# 
loop_
_atom_site.group_PDB 
_atom_site.id 
_atom_site.type_symbol 
_atom_site.label_atom_id 
_atom_site.label_alt_id 
_atom_site.label_comp_id 
_atom_site.label_asym_id 
_atom_site.label_entity_id 
_atom_site.label_seq_id 
_atom_site.pdbx_PDB_ins_code 
_atom_site.Cartn_x 
_atom_site.Cartn_y 
_atom_site.Cartn_z 
_atom_site.occupancy 
_atom_site.B_iso_or_equiv 
_atom_site.pdbx_formal_charge 
_atom_site.auth_seq_id 
_atom_site.auth_comp_id 
_atom_site.auth_asym_id 
_atom_site.auth_atom_id 
_atom_site.pdbx_PDB_model_num 
ATOM   1   N N   . PHE A 1 17  ? 17.222  -0.080  -4.456  1.00 33.93 ? 16   PHE A N   1 
ATOM   2   C CA  . PHE A 1 17  ? 16.647  -0.507  -5.766  1.00 32.25 ? 16   PHE A CA  1 
ATOM   3   C C   . PHE A 1 17  ? 15.614  0.460   -6.368  1.00 32.84 ? 16   PHE A C   1 
ATOM   4   O O   . PHE A 1 17  ? 15.588  0.716   -7.601  1.00 31.90 ? 16   PHE A O   1 
ATOM   5   C CB  . PHE A 1 17  ? 16.023  -1.899  -5.715  1.00 31.68 ? 16   PHE A CB  1 
ATOM   6   C CG  . PHE A 1 17  ? 15.350  -2.331  -7.040  1.00 29.37 ? 16   PHE A CG  1 
ATOM   7   C CD1 . PHE A 1 17  ? 16.106  -2.805  -8.097  1.00 30.66 ? 16   PHE A CD1 1 
ATOM   8   C CD2 . PHE A 1 17  ? 13.923  -2.269  -7.217  1.00 30.53 ? 16   PHE A CD2 1 
ATOM   9   C CE1 . PHE A 1 17  ? 15.550  -3.207  -9.283  1.00 31.26 ? 16   PHE A CE1 1 
ATOM   10  C CE2 . PHE A 1 17  ? 13.325  -2.689  -8.412  1.00 31.33 ? 16   PHE A CE2 1 
ATOM   11  C CZ  . PHE A 1 17  ? 14.142  -3.160  -9.453  1.00 33.71 ? 16   PHE A CZ  1 
ATOM   12  N N   . PHE A 1 18  ? 14.726  0.967   -5.511  1.00 33.44 ? 17   PHE A N   1 
ATOM   13  C CA  . PHE A 1 18  ? 13.620  1.781   -6.022  1.00 33.87 ? 17   PHE A CA  1 
ATOM   14  C C   . PHE A 1 18  ? 13.977  3.226   -6.306  1.00 34.73 ? 17   PHE A C   1 
ATOM   15  O O   . PHE A 1 18  ? 13.225  3.898   -7.030  1.00 33.69 ? 17   PHE A O   1 
ATOM   16  C CB  . PHE A 1 18  ? 12.419  1.673   -5.106  1.00 32.72 ? 17   PHE A CB  1 
ATOM   17  C CG  . PHE A 1 18  ? 11.729  0.376   -5.207  1.00 30.75 ? 17   PHE A CG  1 
ATOM   18  C CD1 . PHE A 1 18  ? 10.863  0.125   -6.248  1.00 31.11 ? 17   PHE A CD1 1 
ATOM   19  C CD2 . PHE A 1 18  ? 11.968  -0.640  -4.258  1.00 31.62 ? 17   PHE A CD2 1 
ATOM   20  C CE1 . PHE A 1 18  ? 10.210  -1.087  -6.349  1.00 32.46 ? 17   PHE A CE1 1 
ATOM   21  C CE2 . PHE A 1 18  ? 11.294  -1.857  -4.340  1.00 29.71 ? 17   PHE A CE2 1 
ATOM   22  C CZ  . PHE A 1 18  ? 10.427  -2.093  -5.397  1.00 33.16 ? 17   PHE A CZ  1 
ATOM   23  N N   . THR A 1 19  ? 15.100  3.679   -5.744  1.00 37.75 ? 18   THR A N   1 
ATOM   24  C CA  . THR A 1 19  ? 15.595  5.076   -5.845  1.00 41.32 ? 18   THR A CA  1 
ATOM   25  C C   . THR A 1 19  ? 15.414  5.657   -7.217  1.00 40.05 ? 18   THR A C   1 
ATOM   26  O O   . THR A 1 19  ? 14.859  6.753   -7.331  1.00 40.65 ? 18   THR A O   1 
ATOM   27  C CB  . THR A 1 19  ? 17.113  5.243   -5.495  1.00 44.20 ? 18   THR A CB  1 
ATOM   28  O OG1 . THR A 1 19  ? 17.326  4.920   -4.121  1.00 49.09 ? 18   THR A OG1 1 
ATOM   29  C CG2 . THR A 1 19  ? 17.597  6.695   -5.755  1.00 47.82 ? 18   THR A CG2 1 
ATOM   30  N N   . ASN A 1 20  ? 15.912  4.971   -8.240  1.00 38.93 ? 19   ASN A N   1 
ATOM   31  C CA  . ASN A 1 20  ? 15.887  5.498   -9.601  1.00 38.89 ? 19   ASN A CA  1 
ATOM   32  C C   . ASN A 1 20  ? 14.905  4.760   -10.500 1.00 36.53 ? 19   ASN A C   1 
ATOM   33  O O   . ASN A 1 20  ? 15.180  4.527   -11.677 1.00 36.52 ? 19   ASN A O   1 
ATOM   34  C CB  . ASN A 1 20  ? 17.289  5.462   -10.213 1.00 42.82 ? 19   ASN A CB  1 
ATOM   35  C CG  . ASN A 1 20  ? 17.775  4.049   -10.473 1.00 45.47 ? 19   ASN A CG  1 
ATOM   36  O OD1 . ASN A 1 20  ? 17.214  3.083   -9.956  1.00 46.04 ? 19   ASN A OD1 1 
ATOM   37  N ND2 . ASN A 1 20  ? 18.825  3.923   -11.276 1.00 48.96 ? 19   ASN A ND2 1 
ATOM   38  N N   . LYS A 1 21  ? 13.759  4.397   -9.939  1.00 33.55 ? 20   LYS A N   1 
ATOM   39  C CA  . LYS A 1 21  ? 12.716  3.700   -10.700 1.00 33.12 ? 20   LYS A CA  1 
ATOM   40  C C   . LYS A 1 21  ? 11.430  4.532   -10.826 1.00 32.04 ? 20   LYS A C   1 
ATOM   41  O O   . LYS A 1 21  ? 10.379  4.039   -11.239 1.00 30.82 ? 20   LYS A O   1 
ATOM   42  C CB  . LYS A 1 21  ? 12.350  2.333   -10.064 1.00 33.62 ? 20   LYS A CB  1 
ATOM   43  C CG  . LYS A 1 21  ? 13.498  1.277   -10.007 1.00 37.85 ? 20   LYS A CG  1 
ATOM   44  C CD  . LYS A 1 21  ? 14.157  0.865   -11.330 1.00 42.80 ? 20   LYS A CD  1 
ATOM   45  C CE  . LYS A 1 21  ? 15.300  -0.164  -11.047 1.00 45.77 ? 20   LYS A CE  1 
ATOM   46  N NZ  . LYS A 1 21  ? 15.684  -0.985  -12.259 1.00 52.34 ? 20   LYS A NZ  1 
ATOM   47  N N   . ILE A 1 22  ? 11.504  5.785   -10.446 1.00 32.61 ? 21   ILE A N   1 
ATOM   48  C CA  . ILE A 1 22  ? 10.360  6.669   -10.618 1.00 33.10 ? 21   ILE A CA  1 
ATOM   49  C C   . ILE A 1 22  ? 10.064  6.719   -12.121 1.00 33.21 ? 21   ILE A C   1 
ATOM   50  O O   . ILE A 1 22  ? 10.994  6.986   -12.948 1.00 35.81 ? 21   ILE A O   1 
ATOM   51  C CB  . ILE A 1 22  ? 10.663  8.053   -10.035 1.00 33.71 ? 21   ILE A CB  1 
ATOM   52  C CG1 . ILE A 1 22  ? 10.964  7.910   -8.525  1.00 37.58 ? 21   ILE A CG1 1 
ATOM   53  C CG2 . ILE A 1 22  ? 9.480   9.009   -10.285 1.00 35.01 ? 21   ILE A CG2 1 
ATOM   54  C CD1 . ILE A 1 22  ? 10.610  9.126   -7.673  1.00 43.51 ? 21   ILE A CD1 1 
ATOM   55  N N   . GLY A 1 23  ? 8.812   6.426   -12.462 1.00 30.87 ? 22   GLY A N   1 
ATOM   56  C CA  . GLY A 1 23  ? 8.321   6.435   -13.844 1.00 30.81 ? 22   GLY A CA  1 
ATOM   57  C C   . GLY A 1 23  ? 8.255   5.015   -14.374 1.00 30.59 ? 22   GLY A C   1 
ATOM   58  O O   . GLY A 1 23  ? 7.628   4.781   -15.380 1.00 33.39 ? 22   GLY A O   1 
ATOM   59  N N   . CYS A 1 24  ? 8.882   4.054   -13.695 1.00 29.70 ? 23   CYS A N   1 
ATOM   60  C CA  . CYS A 1 24  ? 8.801   2.635   -14.079 1.00 30.34 ? 23   CYS A CA  1 
ATOM   61  C C   . CYS A 1 24  ? 7.402   2.092   -13.841 1.00 27.39 ? 23   CYS A C   1 
ATOM   62  O O   . CYS A 1 24  ? 6.766   2.464   -12.858 1.00 26.91 ? 23   CYS A O   1 
ATOM   63  C CB  . CYS A 1 24  ? 9.796   1.776   -13.272 1.00 31.18 ? 23   CYS A CB  1 
ATOM   64  S SG  . CYS A 1 24  ? 11.491  2.175   -13.634 1.00 42.66 ? 23   CYS A SG  1 
ATOM   65  N N   . ASN A 1 25  ? 6.957   1.195   -14.712 1.00 26.50 ? 24   ASN A N   1 
ATOM   66  C CA  . ASN A 1 25  ? 5.776   0.422   -14.436 1.00 26.03 ? 24   ASN A CA  1 
ATOM   67  C C   . ASN A 1 25  ? 6.080   -0.588  -13.383 1.00 23.76 ? 24   ASN A C   1 
ATOM   68  O O   . ASN A 1 25  ? 7.199   -1.105  -13.298 1.00 24.88 ? 24   ASN A O   1 
ATOM   69  C CB  . ASN A 1 25  ? 5.314   -0.297  -15.713 1.00 28.44 ? 24   ASN A CB  1 
ATOM   70  C CG  . ASN A 1 25  ? 4.648   0.651   -16.711 1.00 34.36 ? 24   ASN A CG  1 
ATOM   71  O OD1 . ASN A 1 25  ? 4.275   0.246   -17.804 1.00 41.46 ? 24   ASN A OD1 1 
ATOM   72  N ND2 . ASN A 1 25  ? 4.535   1.914   -16.349 1.00 34.12 ? 24   ASN A ND2 1 
ATOM   73  N N   . VAL A 1 26  ? 5.102   -0.877  -12.552 1.00 20.68 ? 25   VAL A N   1 
ATOM   74  C CA  . VAL A 1 26  ? 5.322   -1.848  -11.447 1.00 19.88 ? 25   VAL A CA  1 
ATOM   75  C C   . VAL A 1 26  ? 4.023   -2.601  -11.244 1.00 20.88 ? 25   VAL A C   1 
ATOM   76  O O   . VAL A 1 26  ? 2.917   -2.058  -11.514 1.00 21.32 ? 25   VAL A O   1 
ATOM   77  C CB  . VAL A 1 26  ? 5.718   -1.144  -10.138 1.00 18.30 ? 25   VAL A CB  1 
ATOM   78  C CG1 . VAL A 1 26  ? 4.560   -0.145  -9.633  1.00 18.30 ? 25   VAL A CG1 1 
ATOM   79  C CG2 . VAL A 1 26  ? 5.964   -2.179  -9.033  1.00 18.50 ? 25   VAL A CG2 1 
ATOM   80  N N   . SER A 1 27  ? 4.138   -3.890  -10.928 1.00 19.89 ? 26   SER A N   1 
ATOM   81  C CA  . SER A 1 27  ? 2.965   -4.712  -10.658 1.00 19.59 ? 26   SER A CA  1 
ATOM   82  C C   . SER A 1 27  ? 3.305   -5.686  -9.567  1.00 18.83 ? 26   SER A C   1 
ATOM   83  O O   . SER A 1 27  ? 4.481   -6.026  -9.358  1.00 19.08 ? 26   SER A O   1 
ATOM   84  C CB  . SER A 1 27  ? 2.413   -5.452  -11.912 1.00 23.66 ? 26   SER A CB  1 
ATOM   85  O OG  . SER A 1 27  ? 3.364   -6.331  -12.484 1.00 28.42 ? 26   SER A OG  1 
ATOM   86  N N   . SER A 1 28  ? 2.264   -6.139  -8.878  1.00 19.11 ? 27   SER A N   1 
ATOM   87  C CA  . SER A 1 28  ? 2.405   -7.264  -7.949  1.00 19.38 ? 27   SER A CA  1 
ATOM   88  C C   . SER A 1 28  ? 2.171   -8.590  -8.724  1.00 21.00 ? 27   SER A C   1 
ATOM   89  O O   . SER A 1 28  ? 1.067   -8.825  -9.271  1.00 23.31 ? 27   SER A O   1 
ATOM   90  C CB  . SER A 1 28  ? 1.332   -7.260  -6.822  1.00 19.58 ? 27   SER A CB  1 
ATOM   91  O OG  . SER A 1 28  ? 1.520   -8.471  -6.048  1.00 21.10 ? 27   SER A OG  1 
ATOM   92  N N   . PRO A 1 29  ? 3.170   -9.474  -8.720  1.00 23.22 ? 28   PRO A N   1 
ATOM   93  C CA  . PRO A 1 29  ? 2.952   -10.776 -9.338  1.00 25.39 ? 28   PRO A CA  1 
ATOM   94  C C   . PRO A 1 29  ? 2.156   -11.803 -8.492  1.00 26.34 ? 28   PRO A C   1 
ATOM   95  O O   . PRO A 1 29  ? 1.944   -12.944 -8.981  1.00 29.24 ? 28   PRO A O   1 
ATOM   96  C CB  . PRO A 1 29  ? 4.356   -11.286 -9.636  1.00 27.16 ? 28   PRO A CB  1 
ATOM   97  C CG  . PRO A 1 29  ? 5.268   -10.585 -8.670  1.00 26.58 ? 28   PRO A CG  1 
ATOM   98  C CD  . PRO A 1 29  ? 4.547   -9.294  -8.212  1.00 23.80 ? 28   PRO A CD  1 
ATOM   99  N N   . LEU A 1 30  ? 1.697   -11.422 -7.303  1.00 24.37 ? 29   LEU A N   1 
ATOM   100 C CA  . LEU A 1 30  ? 0.851   -12.244 -6.482  1.00 25.72 ? 29   LEU A CA  1 
ATOM   101 C C   . LEU A 1 30  ? -0.540  -12.203 -7.080  1.00 26.80 ? 29   LEU A C   1 
ATOM   102 O O   . LEU A 1 30  ? -1.075  -11.146 -7.382  1.00 24.84 ? 29   LEU A O   1 
ATOM   103 C CB  . LEU A 1 30  ? 0.836   -11.813 -5.013  1.00 26.15 ? 29   LEU A CB  1 
ATOM   104 C CG  . LEU A 1 30  ? 2.096   -12.075 -4.183  1.00 29.23 ? 29   LEU A CG  1 
ATOM   105 C CD1 . LEU A 1 30  ? 3.326   -11.504 -4.808  1.00 35.46 ? 29   LEU A CD1 1 
ATOM   106 C CD2 . LEU A 1 30  ? 1.814   -11.395 -2.923  1.00 29.60 ? 29   LEU A CD2 1 
ATOM   107 N N   . LYS A 1 31  ? -1.113  -13.380 -7.328  1.00 30.07 ? 30   LYS A N   1 
ATOM   108 C CA  . LYS A 1 31  ? -2.423  -13.456 -8.000  1.00 32.28 ? 30   LYS A CA  1 
ATOM   109 C C   . LYS A 1 31  ? -3.534  -12.672 -7.297  1.00 31.07 ? 30   LYS A C   1 
ATOM   110 O O   . LYS A 1 31  ? -4.379  -12.058 -7.950  1.00 33.44 ? 30   LYS A O   1 
ATOM   111 C CB  . LYS A 1 31  ? -2.892  -14.904 -8.186  1.00 35.33 ? 30   LYS A CB  1 
ATOM   112 C CG  . LYS A 1 31  ? -2.150  -15.807 -9.271  1.00 44.10 ? 30   LYS A CG  1 
ATOM   113 C CD  . LYS A 1 31  ? -1.652  -15.110 -10.586 1.00 50.55 ? 30   LYS A CD  1 
ATOM   114 C CE  . LYS A 1 31  ? -2.722  -14.992 -11.668 1.00 56.04 ? 30   LYS A CE  1 
ATOM   115 N NZ  . LYS A 1 31  ? -2.212  -14.935 -13.113 1.00 60.62 ? 30   LYS A NZ  1 
ATOM   116 N N   . HIS A 1 32  ? -3.542  -12.689 -5.976  1.00 28.38 ? 31   HIS A N   1 
ATOM   117 C CA  . HIS A 1 32  ? -4.615  -12.017 -5.258  1.00 28.63 ? 31   HIS A CA  1 
ATOM   118 C C   . HIS A 1 32  ? -4.391  -10.530 -5.047  1.00 26.94 ? 31   HIS A C   1 
ATOM   119 O O   . HIS A 1 32  ? -5.300  -9.864  -4.550  1.00 28.80 ? 31   HIS A O   1 
ATOM   120 C CB  . HIS A 1 32  ? -4.802  -12.722 -3.887  1.00 29.10 ? 31   HIS A CB  1 
ATOM   121 C CG  . HIS A 1 32  ? -3.735  -12.358 -2.897  1.00 25.25 ? 31   HIS A CG  1 
ATOM   122 N ND1 . HIS A 1 32  ? -2.491  -12.954 -2.903  1.00 28.44 ? 31   HIS A ND1 1 
ATOM   123 C CD2 . HIS A 1 32  ? -3.700  -11.438 -1.894  1.00 28.89 ? 31   HIS A CD2 1 
ATOM   124 C CE1 . HIS A 1 32  ? -1.760  -12.443 -1.934  1.00 27.67 ? 31   HIS A CE1 1 
ATOM   125 N NE2 . HIS A 1 32  ? -2.473  -11.537 -1.296  1.00 28.40 ? 31   HIS A NE2 1 
ATOM   126 N N   . VAL A 1 33  ? -3.238  -9.999  -5.482  1.00 23.85 ? 32   VAL A N   1 
ATOM   127 C CA  . VAL A 1 33  ? -2.879  -8.582  -5.319  1.00 23.07 ? 32   VAL A CA  1 
ATOM   128 C C   . VAL A 1 33  ? -2.991  -7.906  -6.689  1.00 21.60 ? 32   VAL A C   1 
ATOM   129 O O   . VAL A 1 33  ? -2.078  -8.001  -7.525  1.00 22.75 ? 32   VAL A O   1 
ATOM   130 C CB  . VAL A 1 33  ? -1.520  -8.424  -4.768  1.00 21.99 ? 32   VAL A CB  1 
ATOM   131 C CG1 . VAL A 1 33  ? -1.262  -6.940  -4.540  1.00 21.44 ? 32   VAL A CG1 1 
ATOM   132 C CG2 . VAL A 1 33  ? -1.433  -9.137  -3.397  1.00 23.10 ? 32   VAL A CG2 1 
ATOM   133 N N   . ASP A 1 34  ? -4.119  -7.253  -6.924  1.00 22.27 ? 33   ASP A N   1 
ATOM   134 C CA  . ASP A 1 34  ? -4.405  -6.713  -8.254  1.00 22.90 ? 33   ASP A CA  1 
ATOM   135 C C   . ASP A 1 34  ? -3.886  -5.286  -8.278  1.00 21.17 ? 33   ASP A C   1 
ATOM   136 O O   . ASP A 1 34  ? -4.608  -4.321  -8.017  1.00 22.27 ? 33   ASP A O   1 
ATOM   137 C CB  . ASP A 1 34  ? -5.896  -6.815  -8.546  1.00 26.85 ? 33   ASP A CB  1 
ATOM   138 C CG  . ASP A 1 34  ? -6.800  -6.170  -7.464  1.00 32.62 ? 33   ASP A CG  1 
ATOM   139 O OD1 . ASP A 1 34  ? -6.595  -6.403  -6.209  1.00 35.02 ? 33   ASP A OD1 1 
ATOM   140 O OD2 . ASP A 1 34  ? -7.783  -5.480  -7.866  1.00 38.00 ? 33   ASP A OD2 1 
ATOM   141 N N   . ILE A 1 35  ? -2.578  -5.171  -8.464  1.00 18.66 ? 34   ILE A N   1 
ATOM   142 C CA  . ILE A 1 35  ? -1.917  -3.875  -8.570  1.00 18.45 ? 34   ILE A CA  1 
ATOM   143 C C   . ILE A 1 35  ? -1.048  -3.862  -9.808  1.00 19.60 ? 34   ILE A C   1 
ATOM   144 O O   . ILE A 1 35  ? -0.128  -4.700  -9.956  1.00 18.32 ? 34   ILE A O   1 
ATOM   145 C CB  . ILE A 1 35  ? -0.985  -3.615  -7.374  1.00 16.56 ? 34   ILE A CB  1 
ATOM   146 C CG1 . ILE A 1 35  ? -1.803  -3.523  -6.079  1.00 18.33 ? 34   ILE A CG1 1 
ATOM   147 C CG2 . ILE A 1 35  ? -0.150  -2.280  -7.536  1.00 16.87 ? 34   ILE A CG2 1 
ATOM   148 C CD1 . ILE A 1 35  ? -0.978  -3.365  -4.773  1.00 19.48 ? 34   ILE A CD1 1 
ATOM   149 N N   . VAL A 1 36  ? -1.324  -2.892  -10.690 1.00 20.42 ? 35   VAL A N   1 
ATOM   150 C CA  . VAL A 1 36  ? -0.509  -2.666  -11.893 1.00 22.35 ? 35   VAL A CA  1 
ATOM   151 C C   . VAL A 1 36  ? -0.517  -1.144  -12.045 1.00 22.44 ? 35   VAL A C   1 
ATOM   152 O O   . VAL A 1 36  ? -1.597  -0.554  -12.075 1.00 25.08 ? 35   VAL A O   1 
ATOM   153 C CB  . VAL A 1 36  ? -1.204  -3.197  -13.154 1.00 22.75 ? 35   VAL A CB  1 
ATOM   154 C CG1 . VAL A 1 36  ? -0.200  -3.017  -14.296 1.00 26.19 ? 35   VAL A CG1 1 
ATOM   155 C CG2 . VAL A 1 36  ? -1.687  -4.664  -13.022 1.00 25.13 ? 35   VAL A CG2 1 
ATOM   156 N N   . GLY A 1 37  ? 0.643   -0.487  -11.991 1.00 20.18 ? 36   GLY A N   1 
ATOM   157 C CA  . GLY A 1 37  ? 0.669   0.953   -12.034 1.00 21.01 ? 36   GLY A CA  1 
ATOM   158 C C   . GLY A 1 37  ? 2.033   1.483   -12.308 1.00 20.41 ? 36   GLY A C   1 
ATOM   159 O O   . GLY A 1 37  ? 2.839   0.800   -12.892 1.00 22.43 ? 36   GLY A O   1 
ATOM   160 N N   . GLU A 1 38  ? 2.309   2.711   -11.897 1.00 19.40 ? 37   GLU A N   1 
ATOM   161 C CA  . GLU A 1 38  ? 3.547   3.340   -12.208 1.00 21.48 ? 37   GLU A CA  1 
ATOM   162 C C   . GLU A 1 38  ? 4.113   3.844   -10.872 1.00 20.07 ? 37   GLU A C   1 
ATOM   163 O O   . GLU A 1 38  ? 3.355   4.352   -10.020 1.00 20.32 ? 37   GLU A O   1 
ATOM   164 C CB  . GLU A 1 38  ? 3.220   4.500   -13.184 1.00 25.74 ? 37   GLU A CB  1 
ATOM   165 C CG  . GLU A 1 38  ? 4.292   5.585   -13.256 1.00 29.53 ? 37   GLU A CG  1 
ATOM   166 C CD  . GLU A 1 38  ? 3.921   6.598   -14.312 1.00 40.51 ? 37   GLU A CD  1 
ATOM   167 O OE1 . GLU A 1 38  ? 3.047   6.257   -15.138 1.00 43.76 ? 37   GLU A OE1 1 
ATOM   168 O OE2 . GLU A 1 38  ? 4.492   7.710   -14.259 1.00 45.61 ? 37   GLU A OE2 1 
ATOM   169 N N   . ILE A 1 39  ? 5.409   3.787   -10.691 1.00 20.24 ? 38   ILE A N   1 
ATOM   170 C CA  . ILE A 1 39  ? 6.007   4.319   -9.498  1.00 19.66 ? 38   ILE A CA  1 
ATOM   171 C C   . ILE A 1 39  ? 6.087   5.822   -9.629  1.00 19.19 ? 38   ILE A C   1 
ATOM   172 O O   . ILE A 1 39  ? 6.714   6.279   -10.528 1.00 21.74 ? 38   ILE A O   1 
ATOM   173 C CB  . ILE A 1 39  ? 7.393   3.722   -9.223  1.00 18.63 ? 38   ILE A CB  1 
ATOM   174 C CG1 . ILE A 1 39  ? 7.308   2.218   -9.060  1.00 20.97 ? 38   ILE A CG1 1 
ATOM   175 C CG2 . ILE A 1 39  ? 8.012   4.321   -8.035  1.00 22.66 ? 38   ILE A CG2 1 
ATOM   176 C CD1 . ILE A 1 39  ? 8.612   1.557   -9.046  1.00 24.60 ? 38   ILE A CD1 1 
ATOM   177 N N   . VAL A 1 40  ? 5.474   6.557   -8.707  1.00 18.60 ? 39   VAL A N   1 
ATOM   178 C CA  . VAL A 1 40  ? 5.474   8.015   -8.769  1.00 21.17 ? 39   VAL A CA  1 
ATOM   179 C C   . VAL A 1 40  ? 6.458   8.667   -7.796  1.00 20.19 ? 39   VAL A C   1 
ATOM   180 O O   . VAL A 1 40  ? 7.047   9.703   -8.104  1.00 24.73 ? 39   VAL A O   1 
ATOM   181 C CB  . VAL A 1 40  ? 4.065   8.587   -8.512  1.00 22.10 ? 39   VAL A CB  1 
ATOM   182 C CG1 . VAL A 1 40  ? 3.180   8.385   -9.732  1.00 24.78 ? 39   VAL A CG1 1 
ATOM   183 C CG2 . VAL A 1 40  ? 3.447   7.939   -7.283  1.00 21.86 ? 39   VAL A CG2 1 
ATOM   184 N N   . GLU A 1 41  ? 6.628   8.067   -6.621  1.00 20.01 ? 40   GLU A N   1 
ATOM   185 C CA  . GLU A 1 41  ? 7.469   8.637   -5.603  1.00 22.39 ? 40   GLU A CA  1 
ATOM   186 C C   . GLU A 1 41  ? 8.037   7.518   -4.822  1.00 22.10 ? 40   GLU A C   1 
ATOM   187 O O   . GLU A 1 41  ? 7.458   6.498   -4.749  1.00 19.74 ? 40   GLU A O   1 
ATOM   188 C CB  . GLU A 1 41  ? 6.717   9.501   -4.620  1.00 22.16 ? 40   GLU A CB  1 
ATOM   189 C CG  . GLU A 1 41  ? 5.793   10.489  -5.170  1.00 29.99 ? 40   GLU A CG  1 
ATOM   190 C CD  . GLU A 1 41  ? 5.427   11.581  -4.168  1.00 37.55 ? 40   GLU A CD  1 
ATOM   191 O OE1 . GLU A 1 41  ? 4.397   12.207  -4.365  1.00 44.95 ? 40   GLU A OE1 1 
ATOM   192 O OE2 . GLU A 1 41  ? 6.195   11.820  -3.259  1.00 34.22 ? 40   GLU A OE2 1 
ATOM   193 N N   . GLU A 1 42  ? 9.143   7.773   -4.162  1.00 23.70 ? 41   GLU A N   1 
ATOM   194 C CA  . GLU A 1 42  ? 9.742   6.685   -3.440  1.00 24.04 ? 41   GLU A CA  1 
ATOM   195 C C   . GLU A 1 42  ? 10.267  7.265   -2.132  1.00 24.21 ? 41   GLU A C   1 
ATOM   196 O O   . GLU A 1 42  ? 10.713  8.430   -2.101  1.00 25.12 ? 41   GLU A O   1 
ATOM   197 C CB  . GLU A 1 42  ? 10.845  6.059   -4.322  1.00 27.61 ? 41   GLU A CB  1 
ATOM   198 C CG  . GLU A 1 42  ? 11.633  4.950   -3.704  1.00 30.27 ? 41   GLU A CG  1 
ATOM   199 C CD  . GLU A 1 42  ? 12.892  5.460   -2.951  1.00 32.65 ? 41   GLU A CD  1 
ATOM   200 O OE1 . GLU A 1 42  ? 13.194  6.692   -2.873  1.00 34.78 ? 41   GLU A OE1 1 
ATOM   201 O OE2 . GLU A 1 42  ? 13.634  4.576   -2.447  1.00 36.29 ? 41   GLU A OE2 1 
ATOM   202 N N   . ALA A 1 43  ? 10.145  6.469   -1.054  1.00 21.59 ? 42   ALA A N   1 
ATOM   203 C CA  . ALA A 1 43  ? 10.524  6.838   0.282   1.00 22.11 ? 42   ALA A CA  1 
ATOM   204 C C   . ALA A 1 43  ? 11.435  5.748   0.836   1.00 22.44 ? 42   ALA A C   1 
ATOM   205 O O   . ALA A 1 43  ? 11.629  4.718   0.192   1.00 23.96 ? 42   ALA A O   1 
ATOM   206 C CB  . ALA A 1 43  ? 9.283   7.063   1.200   1.00 21.95 ? 42   ALA A CB  1 
ATOM   207 N N   . VAL A 1 44  ? 12.055  6.004   1.976   1.00 23.23 ? 43   VAL A N   1 
ATOM   208 C CA  . VAL A 1 44  ? 12.962  5.007   2.523   1.00 24.76 ? 43   VAL A CA  1 
ATOM   209 C C   . VAL A 1 44  ? 12.290  3.631   2.682   1.00 21.39 ? 43   VAL A C   1 
ATOM   210 O O   . VAL A 1 44  ? 12.875  2.617   2.289   1.00 22.83 ? 43   VAL A O   1 
ATOM   211 C CB  . VAL A 1 44  ? 13.635  5.529   3.855   1.00 25.94 ? 43   VAL A CB  1 
ATOM   212 C CG1 . VAL A 1 44  ? 14.475  4.470   4.527   1.00 30.02 ? 43   VAL A CG1 1 
ATOM   213 C CG2 . VAL A 1 44  ? 14.475  6.792   3.643   1.00 27.56 ? 43   VAL A CG2 1 
ATOM   214 N N   . TYR A 1 45  ? 11.084  3.576   3.257   1.00 18.89 ? 44   TYR A N   1 
ATOM   215 C CA  . TYR A 1 45  ? 10.443  2.284   3.595   1.00 19.69 ? 44   TYR A CA  1 
ATOM   216 C C   . TYR A 1 45  ? 9.383   1.734   2.619   1.00 18.23 ? 44   TYR A C   1 
ATOM   217 O O   . TYR A 1 45  ? 8.931   0.579   2.758   1.00 17.57 ? 44   TYR A O   1 
ATOM   218 C CB  . TYR A 1 45  ? 9.820   2.427   4.975   1.00 19.78 ? 44   TYR A CB  1 
ATOM   219 C CG  . TYR A 1 45  ? 10.849  2.600   6.089   1.00 26.41 ? 44   TYR A CG  1 
ATOM   220 C CD1 . TYR A 1 45  ? 11.712  1.542   6.416   1.00 30.55 ? 44   TYR A CD1 1 
ATOM   221 C CD2 . TYR A 1 45  ? 10.957  3.787   6.786   1.00 31.78 ? 44   TYR A CD2 1 
ATOM   222 C CE1 . TYR A 1 45  ? 12.640  1.666   7.422   1.00 36.05 ? 44   TYR A CE1 1 
ATOM   223 C CE2 . TYR A 1 45  ? 11.919  3.923   7.818   1.00 37.51 ? 44   TYR A CE2 1 
ATOM   224 C CZ  . TYR A 1 45  ? 12.751  2.859   8.100   1.00 37.95 ? 44   TYR A CZ  1 
ATOM   225 O OH  . TYR A 1 45  ? 13.717  2.927   9.083   1.00 44.85 ? 44   TYR A OH  1 
ATOM   226 N N   . ASN A 1 46  ? 8.957   2.558   1.673   1.00 16.53 ? 45   ASN A N   1 
ATOM   227 C CA  . ASN A 1 46  ? 7.849   2.246   0.825   1.00 16.83 ? 45   ASN A CA  1 
ATOM   228 C C   . ASN A 1 46  ? 7.863   3.210   -0.319  1.00 16.61 ? 45   ASN A C   1 
ATOM   229 O O   . ASN A 1 46  ? 8.706   4.083   -0.452  1.00 17.81 ? 45   ASN A O   1 
ATOM   230 C CB  . ASN A 1 46  ? 6.513   2.180   1.608   1.00 15.48 ? 45   ASN A CB  1 
ATOM   231 C CG  . ASN A 1 46  ? 6.283   3.483   2.445   1.00 16.53 ? 45   ASN A CG  1 
ATOM   232 O OD1 . ASN A 1 46  ? 6.418   4.613   1.940   1.00 19.93 ? 45   ASN A OD1 1 
ATOM   233 N ND2 . ASN A 1 46  ? 5.972   3.313   3.703   1.00 19.35 ? 45   ASN A ND2 1 
ATOM   234 N N   . PHE A 1 47  ? 6.998   2.945   -1.275  1.00 15.76 ? 46   PHE A N   1 
ATOM   235 C CA  . PHE A 1 47  ? 6.983   3.772   -2.516  1.00 16.30 ? 46   PHE A CA  1 
ATOM   236 C C   . PHE A 1 47  ? 5.535   3.938   -2.924  1.00 15.30 ? 46   PHE A C   1 
ATOM   237 O O   . PHE A 1 47  ? 4.626   3.234   -2.421  1.00 14.91 ? 46   PHE A O   1 
ATOM   238 C CB  . PHE A 1 47  ? 7.834   3.162   -3.659  1.00 15.99 ? 46   PHE A CB  1 
ATOM   239 C CG  . PHE A 1 47  ? 7.439   1.766   -4.049  1.00 16.06 ? 46   PHE A CG  1 
ATOM   240 C CD1 . PHE A 1 47  ? 6.626   1.562   -5.125  1.00 15.02 ? 46   PHE A CD1 1 
ATOM   241 C CD2 . PHE A 1 47  ? 7.912   0.631   -3.341  1.00 18.30 ? 46   PHE A CD2 1 
ATOM   242 C CE1 . PHE A 1 47  ? 6.194   0.206   -5.533  1.00 14.42 ? 46   PHE A CE1 1 
ATOM   243 C CE2 . PHE A 1 47  ? 7.515   -0.686  -3.721  1.00 16.87 ? 46   PHE A CE2 1 
ATOM   244 C CZ  . PHE A 1 47  ? 6.673   -0.889  -4.836  1.00 16.01 ? 46   PHE A CZ  1 
ATOM   245 N N   . LEU A 1 48  ? 5.288   4.953   -3.743  1.00 15.09 ? 47   LEU A N   1 
ATOM   246 C CA  . LEU A 1 48  ? 3.895   5.255   -4.158  1.00 15.25 ? 47   LEU A CA  1 
ATOM   247 C C   . LEU A 1 48  ? 3.611   4.852   -5.559  1.00 16.99 ? 47   LEU A C   1 
ATOM   248 O O   . LEU A 1 48  ? 4.387   5.146   -6.500  1.00 18.84 ? 47   LEU A O   1 
ATOM   249 C CB  . LEU A 1 48  ? 3.652   6.765   -4.009  1.00 16.40 ? 47   LEU A CB  1 
ATOM   250 C CG  . LEU A 1 48  ? 2.194   7.282   -4.147  1.00 16.50 ? 47   LEU A CG  1 
ATOM   251 C CD1 . LEU A 1 48  ? 1.305   6.760   -3.037  1.00 16.02 ? 47   LEU A CD1 1 
ATOM   252 C CD2 . LEU A 1 48  ? 2.196   8.839   -4.081  1.00 18.34 ? 47   LEU A CD2 1 
ATOM   253 N N   . ILE A 1 49  ? 2.515   4.127   -5.708  1.00 15.97 ? 48   ILE A N   1 
ATOM   254 C CA  . ILE A 1 49  ? 2.094   3.625   -7.022  1.00 16.32 ? 48   ILE A CA  1 
ATOM   255 C C   . ILE A 1 49  ? 0.815   4.308   -7.492  1.00 16.18 ? 48   ILE A C   1 
ATOM   256 O O   . ILE A 1 49  ? -0.207  4.354   -6.776  1.00 17.83 ? 48   ILE A O   1 
ATOM   257 C CB  . ILE A 1 49  ? 1.805   2.152   -6.913  1.00 15.40 ? 48   ILE A CB  1 
ATOM   258 C CG1 . ILE A 1 49  ? 3.014   1.317   -6.437  1.00 16.85 ? 48   ILE A CG1 1 
ATOM   259 C CG2 . ILE A 1 49  ? 1.389   1.587   -8.304  1.00 15.96 ? 48   ILE A CG2 1 
ATOM   260 C CD1 . ILE A 1 49  ? 2.740   -0.117  -6.098  1.00 18.41 ? 48   ILE A CD1 1 
ATOM   261 N N   . ASP A 1 50  ? 0.863   4.840   -8.695  1.00 15.31 ? 49   ASP A N   1 
ATOM   262 C CA  . ASP A 1 50  ? -0.371  5.348   -9.330  1.00 16.22 ? 49   ASP A CA  1 
ATOM   263 C C   . ASP A 1 50  ? -0.897  4.254   -10.185 1.00 16.86 ? 49   ASP A C   1 
ATOM   264 O O   . ASP A 1 50  ? -0.252  3.885   -11.167 1.00 18.71 ? 49   ASP A O   1 
ATOM   265 C CB  . ASP A 1 50  ? -0.110  6.576   -10.197 1.00 18.41 ? 49   ASP A CB  1 
ATOM   266 C CG  . ASP A 1 50  ? -1.385  7.169   -10.709 1.00 18.20 ? 49   ASP A CG  1 
ATOM   267 O OD1 . ASP A 1 50  ? -2.348  6.443   -11.082 1.00 21.22 ? 49   ASP A OD1 1 
ATOM   268 O OD2 . ASP A 1 50  ? -1.399  8.437   -10.842 1.00 25.58 ? 49   ASP A OD2 1 
ATOM   269 N N   . ALA A 1 51  ? -2.046  3.710   -9.801  1.00 16.23 ? 50   ALA A N   1 
ATOM   270 C CA  . ALA A 1 51  ? -2.667  2.615   -10.528 1.00 18.25 ? 50   ALA A CA  1 
ATOM   271 C C   . ALA A 1 51  ? -3.913  3.056   -11.305 1.00 18.12 ? 50   ALA A C   1 
ATOM   272 O O   . ALA A 1 51  ? -4.780  2.235   -11.623 1.00 20.87 ? 50   ALA A O   1 
ATOM   273 C CB  . ALA A 1 51  ? -2.947  1.373   -9.552  1.00 18.36 ? 50   ALA A CB  1 
ATOM   274 N N   . GLY A 1 52  ? -4.011  4.360   -11.625 1.00 18.10 ? 51   GLY A N   1 
ATOM   275 C CA  . GLY A 1 52  ? -5.066  4.838   -12.556 1.00 18.67 ? 51   GLY A CA  1 
ATOM   276 C C   . GLY A 1 52  ? -6.284  5.225   -11.809 1.00 17.63 ? 51   GLY A C   1 
ATOM   277 O O   . GLY A 1 52  ? -6.525  6.374   -11.610 1.00 21.16 ? 51   GLY A O   1 
ATOM   278 N N   . ASP A 1 53  ? -7.089  4.244   -11.377 1.00 19.74 ? 52   ASP A N   1 
ATOM   279 C CA  . ASP A 1 53  ? -8.316  4.575   -10.638 1.00 20.60 ? 52   ASP A CA  1 
ATOM   280 C C   . ASP A 1 53  ? -8.045  4.501   -9.103  1.00 22.09 ? 52   ASP A C   1 
ATOM   281 O O   . ASP A 1 53  ? -8.960  4.777   -8.298  1.00 22.88 ? 52   ASP A O   1 
ATOM   282 C CB  . ASP A 1 53  ? -9.491  3.697   -11.112 1.00 23.29 ? 52   ASP A CB  1 
ATOM   283 C CG  . ASP A 1 53  ? -9.278  2.229   -10.858 1.00 23.79 ? 52   ASP A CG  1 
ATOM   284 O OD1 . ASP A 1 53  ? -8.164  1.835   -10.470 1.00 23.44 ? 52   ASP A OD1 1 
ATOM   285 O OD2 . ASP A 1 53  ? -10.254 1.430   -11.088 1.00 30.72 ? 52   ASP A OD2 1 
ATOM   286 N N   . LYS A 1 54  ? -6.796  4.190   -8.724  1.00 19.30 ? 53   LYS A N   1 
ATOM   287 C CA  . LYS A 1 54  ? -6.447  4.000   -7.315  1.00 18.74 ? 53   LYS A CA  1 
ATOM   288 C C   . LYS A 1 54  ? -4.980  4.306   -7.128  1.00 17.91 ? 53   LYS A C   1 
ATOM   289 O O   . LYS A 1 54  ? -4.218  4.254   -8.095  1.00 18.17 ? 53   LYS A O   1 
ATOM   290 C CB  . LYS A 1 54  ? -6.852  2.571   -6.915  1.00 16.08 ? 53   LYS A CB  1 
ATOM   291 C CG  . LYS A 1 54  ? -5.861  1.522   -7.372  1.00 17.42 ? 53   LYS A CG  1 
ATOM   292 C CD  . LYS A 1 54  ? -6.400  0.102   -6.986  1.00 21.82 ? 53   LYS A CD  1 
ATOM   293 C CE  . LYS A 1 54  ? -5.415  -0.995  -7.459  1.00 21.78 ? 53   LYS A CE  1 
ATOM   294 N NZ  . LYS A 1 54  ? -6.245  -2.190  -7.634  1.00 28.92 ? 53   LYS A NZ  1 
ATOM   295 N N   . MET A 1 55  ? -4.583  4.633   -5.902  1.00 16.39 ? 54   MET A N   1 
ATOM   296 C CA  . MET A 1 55  ? -3.205  4.797   -5.582  1.00 17.09 ? 54   MET A CA  1 
ATOM   297 C C   . MET A 1 55  ? -2.877  3.669   -4.592  1.00 14.66 ? 54   MET A C   1 
ATOM   298 O O   . MET A 1 55  ? -3.779  3.157   -3.909  1.00 16.08 ? 54   MET A O   1 
ATOM   299 C CB  . MET A 1 55  ? -2.965  6.143   -4.899  1.00 16.99 ? 54   MET A CB  1 
ATOM   300 C CG  . MET A 1 55  ? -3.401  7.343   -5.680  1.00 21.05 ? 54   MET A CG  1 
ATOM   301 S SD  . MET A 1 55  ? -2.323  7.706   -7.052  1.00 15.92 ? 54   MET A SD  1 
ATOM   302 C CE  . MET A 1 55  ? -0.746  7.582   -6.389  1.00 20.09 ? 54   MET A CE  1 
ATOM   303 N N   . CYS A 1 56  ? -1.608  3.314   -4.472  1.00 13.81 ? 55   CYS A N   1 
ATOM   304 C CA  . CYS A 1 56  ? -1.172  2.344   -3.446  1.00 13.35 ? 55   CYS A CA  1 
ATOM   305 C C   . CYS A 1 56  ? 0.165   2.786   -2.857  1.00 15.32 ? 55   CYS A C   1 
ATOM   306 O O   . CYS A 1 56  ? 1.019   3.310   -3.562  1.00 15.77 ? 55   CYS A O   1 
ATOM   307 C CB  . CYS A 1 56  ? -0.999  0.957   -4.062  1.00 15.13 ? 55   CYS A CB  1 
ATOM   308 S SG  . CYS A 1 56  ? -2.352  0.274   -5.019  1.00 17.84 ? 55   CYS A SG  1 
ATOM   309 N N   . VAL A 1 57  ? 0.347   2.543   -1.561  1.00 12.32 ? 56   VAL A N   1 
ATOM   310 C CA  . VAL A 1 57  ? 1.670   2.563   -0.940  1.00 13.85 ? 56   VAL A CA  1 
ATOM   311 C C   . VAL A 1 57  ? 2.118   1.130   -0.962  1.00 12.99 ? 56   VAL A C   1 
ATOM   312 O O   . VAL A 1 57  ? 1.477   0.246   -0.397  1.00 14.79 ? 56   VAL A O   1 
ATOM   313 C CB  . VAL A 1 57  ? 1.660   3.128   0.487   1.00 13.71 ? 56   VAL A CB  1 
ATOM   314 C CG1 . VAL A 1 57  ? 3.038   2.954   1.103   1.00 14.71 ? 56   VAL A CG1 1 
ATOM   315 C CG2 . VAL A 1 57  ? 1.166   4.659   0.489   1.00 16.47 ? 56   VAL A CG2 1 
ATOM   316 N N   . GLY A 1 58  ? 3.201   0.892   -1.686  1.00 13.16 ? 57   GLY A N   1 
ATOM   317 C CA  . GLY A 1 58  ? 3.815   -0.480  -1.745  1.00 13.58 ? 57   GLY A CA  1 
ATOM   318 C C   . GLY A 1 58  ? 4.962   -0.571  -0.780  1.00 13.65 ? 57   GLY A C   1 
ATOM   319 O O   . GLY A 1 58  ? 5.835   0.314   -0.693  1.00 14.88 ? 57   GLY A O   1 
ATOM   320 N N   . ASN A 1 59  ? 4.971   -1.663  -0.024  1.00 13.68 ? 58   ASN A N   1 
ATOM   321 C CA  . ASN A 1 59  ? 6.054   -1.862  0.957   1.00 12.23 ? 58   ASN A CA  1 
ATOM   322 C C   . ASN A 1 59  ? 7.351   -2.292  0.265   1.00 13.59 ? 58   ASN A C   1 
ATOM   323 O O   . ASN A 1 59  ? 7.314   -3.111  -0.633  1.00 13.65 ? 58   ASN A O   1 
ATOM   324 C CB  . ASN A 1 59  ? 5.625   -2.961  1.957   1.00 13.48 ? 58   ASN A CB  1 
ATOM   325 C CG  . ASN A 1 59  ? 6.377   -2.870  3.269   1.00 17.11 ? 58   ASN A CG  1 
ATOM   326 O OD1 . ASN A 1 59  ? 7.549   -2.582  3.278   1.00 17.13 ? 58   ASN A OD1 1 
ATOM   327 N ND2 . ASN A 1 59  ? 5.720   -3.179  4.354   1.00 19.72 ? 58   ASN A ND2 1 
ATOM   328 N N   . LYS A 1 60  ? 8.505   -1.744  0.637   1.00 14.37 ? 59   LYS A N   1 
ATOM   329 C CA  . LYS A 1 60  ? 9.779   -2.291  0.151   1.00 15.08 ? 59   LYS A CA  1 
ATOM   330 C C   . LYS A 1 60  ? 9.928   -3.742  0.629   1.00 15.60 ? 59   LYS A C   1 
ATOM   331 O O   . LYS A 1 60  ? 10.644  -4.518  -0.007  1.00 18.05 ? 59   LYS A O   1 
ATOM   332 C CB  . LYS A 1 60  ? 10.963  -1.485  0.631   1.00 18.35 ? 59   LYS A CB  1 
ATOM   333 C CG  . LYS A 1 60  ? 10.938  -0.063  0.218   1.00 22.98 ? 59   LYS A CG  1 
ATOM   334 C CD  . LYS A 1 60  ? 11.139  0.232   -1.148  1.00 22.89 ? 59   LYS A CD  1 
ATOM   335 C CE  . LYS A 1 60  ? 11.625  1.820   -1.361  1.00 23.58 ? 59   LYS A CE  1 
ATOM   336 N NZ  . LYS A 1 60  ? 12.901  2.391   -0.917  1.00 27.11 ? 59   LYS A NZ  1 
ATOM   337 N N   . ILE A 1 61  ? 9.250   -4.134  1.700   1.00 15.66 ? 60   ILE A N   1 
ATOM   338 C CA  . ILE A 1 61  ? 9.225   -5.563  2.104   1.00 16.11 ? 60   ILE A CA  1 
ATOM   339 C C   . ILE A 1 61  ? 8.101   -6.164  1.283   1.00 16.06 ? 60   ILE A C   1 
ATOM   340 O O   . ILE A 1 61  ? 6.921   -6.122  1.686   1.00 17.72 ? 60   ILE A O   1 
ATOM   341 C CB  . ILE A 1 61  ? 8.920   -5.812  3.593   1.00 16.60 ? 60   ILE A CB  1 
ATOM   342 C CG1 . ILE A 1 61  ? 9.930   -5.029  4.399   1.00 16.98 ? 60   ILE A CG1 1 
ATOM   343 C CG2 . ILE A 1 61  ? 8.909   -7.281  3.983   1.00 20.14 ? 60   ILE A CG2 1 
ATOM   344 C CD1 . ILE A 1 61  ? 9.524   -4.975  5.849   1.00 22.77 ? 60   ILE A CD1 1 
ATOM   345 N N   . GLY A 1 62  ? 8.478   -6.725  0.123   1.00 16.79 ? 61   GLY A N   1 
ATOM   346 C CA  . GLY A 1 62  ? 7.488   -7.154  -0.798  1.00 16.27 ? 61   GLY A CA  1 
ATOM   347 C C   . GLY A 1 62  ? 8.133   -7.817  -1.982  1.00 16.14 ? 61   GLY A C   1 
ATOM   348 O O   . GLY A 1 62  ? 9.364   -7.820  -2.081  1.00 17.14 ? 61   GLY A O   1 
ATOM   349 N N   . VAL A 1 63  ? 7.293   -8.380  -2.844  1.00 17.74 ? 62   VAL A N   1 
ATOM   350 C CA  . VAL A 1 63  ? 7.622   -9.018  -4.109  1.00 17.88 ? 62   VAL A CA  1 
ATOM   351 C C   . VAL A 1 63  ? 7.005   -8.126  -5.192  1.00 18.39 ? 62   VAL A C   1 
ATOM   352 O O   . VAL A 1 63  ? 5.810   -7.886  -5.188  1.00 18.62 ? 62   VAL A O   1 
ATOM   353 C CB  . VAL A 1 63  ? 7.057   -10.443 -4.224  1.00 19.51 ? 62   VAL A CB  1 
ATOM   354 C CG1 . VAL A 1 63  ? 7.351   -11.027 -5.593  1.00 20.49 ? 62   VAL A CG1 1 
ATOM   355 C CG2 . VAL A 1 63  ? 7.681   -11.303 -3.122  1.00 21.59 ? 62   VAL A CG2 1 
ATOM   356 N N   . TRP A 1 64  ? 7.851   -7.538  -6.055  1.00 18.39 ? 63   TRP A N   1 
ATOM   357 C CA  . TRP A 1 64  ? 7.376   -6.538  -7.020  1.00 17.75 ? 63   TRP A CA  1 
ATOM   358 C C   . TRP A 1 64  ? 7.962   -6.841  -8.395  1.00 20.71 ? 63   TRP A C   1 
ATOM   359 O O   . TRP A 1 64  ? 9.141   -7.172  -8.475  1.00 23.46 ? 63   TRP A O   1 
ATOM   360 C CB  . TRP A 1 64  ? 7.855   -5.149  -6.533  1.00 18.23 ? 63   TRP A CB  1 
ATOM   361 C CG  . TRP A 1 64  ? 7.070   -4.674  -5.312  1.00 16.51 ? 63   TRP A CG  1 
ATOM   362 C CD1 . TRP A 1 64  ? 7.550   -4.547  -4.003  1.00 17.85 ? 63   TRP A CD1 1 
ATOM   363 C CD2 . TRP A 1 64  ? 5.652   -4.410  -5.243  1.00 16.40 ? 63   TRP A CD2 1 
ATOM   364 N NE1 . TRP A 1 64  ? 6.559   -4.177  -3.174  1.00 17.14 ? 63   TRP A NE1 1 
ATOM   365 C CE2 . TRP A 1 64  ? 5.364   -4.084  -3.879  1.00 16.83 ? 63   TRP A CE2 1 
ATOM   366 C CE3 . TRP A 1 64  ? 4.608   -4.358  -6.198  1.00 16.87 ? 63   TRP A CE3 1 
ATOM   367 C CZ2 . TRP A 1 64  ? 4.050   -3.676  -3.460  1.00 16.19 ? 63   TRP A CZ2 1 
ATOM   368 C CZ3 . TRP A 1 64  ? 3.326   -3.989  -5.775  1.00 16.88 ? 63   TRP A CZ3 1 
ATOM   369 C CH2 . TRP A 1 64  ? 3.047   -3.711  -4.428  1.00 15.27 ? 63   TRP A CH2 1 
ATOM   370 N N   . LYS A 1 65  ? 7.203   -6.657  -9.471  1.00 21.18 ? 64   LYS A N   1 
ATOM   371 C CA  . LYS A 1 65  ? 7.764   -6.775  -10.824 1.00 24.36 ? 64   LYS A CA  1 
ATOM   372 C C   . LYS A 1 65  ? 7.908   -5.388  -11.347 1.00 25.77 ? 64   LYS A C   1 
ATOM   373 O O   . LYS A 1 65  ? 6.934   -4.606  -11.252 1.00 26.34 ? 64   LYS A O   1 
ATOM   374 C CB  . LYS A 1 65  ? 6.798   -7.525  -11.761 1.00 25.65 ? 64   LYS A CB  1 
ATOM   375 C CG  . LYS A 1 65  ? 7.380   -7.722  -13.173 1.00 30.05 ? 64   LYS A CG  1 
ATOM   376 C CD  . LYS A 1 65  ? 6.344   -7.993  -14.238 1.00 40.17 ? 64   LYS A CD  1 
ATOM   377 C CE  . LYS A 1 65  ? 5.536   -9.282  -13.994 1.00 42.92 ? 64   LYS A CE  1 
ATOM   378 N NZ  . LYS A 1 65  ? 6.299   -10.545 -14.183 1.00 46.89 ? 64   LYS A NZ  1 
ATOM   379 N N   . VAL A 1 66  ? 9.088   -5.045  -11.884 1.00 27.13 ? 65   VAL A N   1 
ATOM   380 C CA  . VAL A 1 66  ? 9.276   -3.735  -12.514 1.00 30.82 ? 65   VAL A CA  1 
ATOM   381 C C   . VAL A 1 66  ? 9.658   -3.875  -13.978 1.00 34.20 ? 65   VAL A C   1 
ATOM   382 O O   . VAL A 1 66  ? 10.468  -4.752  -14.390 1.00 34.01 ? 65   VAL A O   1 
ATOM   383 C CB  . VAL A 1 66  ? 10.257  -2.732  -11.772 1.00 31.54 ? 65   VAL A CB  1 
ATOM   384 C CG1 . VAL A 1 66  ? 10.003  -2.670  -10.302 1.00 31.08 ? 65   VAL A CG1 1 
ATOM   385 C CG2 . VAL A 1 66  ? 11.714  -3.066  -12.076 1.00 35.14 ? 65   VAL A CG2 1 
ATOM   386 N N   . SER A 1 67  ? 9.025   -3.005  -14.766 1.00 35.59 ? 66   SER A N   1 
ATOM   387 C CA  . SER A 1 67  ? 9.173   -3.027  -16.214 1.00 38.95 ? 66   SER A CA  1 
ATOM   388 C C   . SER A 1 67  ? 9.170   -1.582  -16.735 1.00 40.63 ? 66   SER A C   1 
ATOM   389 O O   . SER A 1 67  ? 8.648   -0.619  -16.060 1.00 40.05 ? 66   SER A O   1 
ATOM   390 C CB  . SER A 1 67  ? 8.006   -3.837  -16.843 1.00 40.12 ? 66   SER A CB  1 
ATOM   391 O OG  . SER A 1 67  ? 6.690   -3.219  -16.729 1.00 39.78 ? 66   SER A OG  1 
ATOM   392 N N   . ARG A 1 80  ? 10.483  11.770  3.507   1.00 40.51 ? 79   ARG A N   1 
ATOM   393 C CA  . ARG A 1 80  ? 10.975  10.795  2.541   1.00 38.07 ? 79   ARG A CA  1 
ATOM   394 C C   . ARG A 1 80  ? 11.086  9.408   3.165   1.00 33.02 ? 79   ARG A C   1 
ATOM   395 O O   . ARG A 1 80  ? 11.376  8.429   2.478   1.00 27.66 ? 79   ARG A O   1 
ATOM   396 C CB  . ARG A 1 80  ? 12.330  11.230  1.982   1.00 40.66 ? 79   ARG A CB  1 
ATOM   397 C CG  . ARG A 1 80  ? 13.358  11.574  3.047   1.00 47.06 ? 79   ARG A CG  1 
ATOM   398 C CD  . ARG A 1 80  ? 14.578  12.249  2.441   1.00 59.30 ? 79   ARG A CD  1 
ATOM   399 N NE  . ARG A 1 80  ? 15.651  12.417  3.416   1.00 67.56 ? 79   ARG A NE  1 
ATOM   400 C CZ  . ARG A 1 80  ? 15.690  13.386  4.325   1.00 71.69 ? 79   ARG A CZ  1 
ATOM   401 N NH1 . ARG A 1 80  ? 14.712  14.279  4.387   1.00 71.94 ? 79   ARG A NH1 1 
ATOM   402 N NH2 . ARG A 1 80  ? 16.707  13.462  5.173   1.00 74.98 ? 79   ARG A NH2 1 
ATOM   403 N N   . LYS A 1 81  ? 10.853  9.332   4.471   1.00 29.61 ? 80   LYS A N   1 
ATOM   404 C CA  . LYS A 1 81  ? 10.926  8.067   5.189   1.00 28.08 ? 80   LYS A CA  1 
ATOM   405 C C   . LYS A 1 81  ? 9.715   7.177   4.815   1.00 24.03 ? 80   LYS A C   1 
ATOM   406 O O   . LYS A 1 81  ? 9.859   6.021   4.662   1.00 22.43 ? 80   LYS A O   1 
ATOM   407 C CB  . LYS A 1 81  ? 10.996  8.204   6.692   1.00 30.51 ? 80   LYS A CB  1 
ATOM   408 C CG  . LYS A 1 81  ? 12.397  8.287   7.247   1.00 36.48 ? 80   LYS A CG  1 
ATOM   409 C CD  . LYS A 1 81  ? 12.413  8.627   8.716   1.00 46.89 ? 80   LYS A CD  1 
ATOM   410 C CE  . LYS A 1 81  ? 12.206  10.126  8.946   1.00 53.54 ? 80   LYS A CE  1 
ATOM   411 N NZ  . LYS A 1 81  ? 13.018  10.821  10.031  1.00 57.75 ? 80   LYS A NZ  1 
ATOM   412 N N   . SER A 1 82  ? 8.537   7.763   4.718   1.00 21.21 ? 81   SER A N   1 
ATOM   413 C CA  . SER A 1 82  ? 7.336   6.984   4.388   1.00 18.16 ? 81   SER A CA  1 
ATOM   414 C C   . SER A 1 82  ? 6.350   7.810   3.602   1.00 17.83 ? 81   SER A C   1 
ATOM   415 O O   . SER A 1 82  ? 6.370   9.001   3.725   1.00 22.70 ? 81   SER A O   1 
ATOM   416 C CB  . SER A 1 82  ? 6.718   6.443   5.666   1.00 17.94 ? 81   SER A CB  1 
ATOM   417 O OG  . SER A 1 82  ? 5.495   5.799   5.483   1.00 20.13 ? 81   SER A OG  1 
ATOM   418 N N   . LEU A 1 83  ? 5.554   7.172   2.755   1.00 16.83 ? 82   LEU A N   1 
ATOM   419 C CA  . LEU A 1 83  ? 4.537   7.802   2.013   1.00 16.37 ? 82   LEU A CA  1 
ATOM   420 C C   . LEU A 1 83  ? 3.168   7.505   2.542   1.00 14.80 ? 82   LEU A C   1 
ATOM   421 O O   . LEU A 1 83  ? 2.189   7.866   1.892   1.00 16.14 ? 82   LEU A O   1 
ATOM   422 C CB  . LEU A 1 83  ? 4.638   7.349   0.532   1.00 15.90 ? 82   LEU A CB  1 
ATOM   423 C CG  . LEU A 1 83  ? 5.816   8.111   -0.099  1.00 17.98 ? 82   LEU A CG  1 
ATOM   424 C CD1 . LEU A 1 83  ? 6.461   7.256   -1.242  1.00 19.09 ? 82   LEU A CD1 1 
ATOM   425 C CD2 . LEU A 1 83  ? 5.448   9.547   -0.526  1.00 22.10 ? 82   LEU A CD2 1 
ATOM   426 N N   . TYR A 1 84  ? 3.040   6.922   3.723   1.00 15.42 ? 83   TYR A N   1 
ATOM   427 C CA  . TYR A 1 84  ? 1.672   6.639   4.255   1.00 15.29 ? 83   TYR A CA  1 
ATOM   428 C C   . TYR A 1 84  ? 0.869   7.914   4.580   1.00 16.04 ? 83   TYR A C   1 
ATOM   429 O O   . TYR A 1 84  ? -0.355  7.856   4.647   1.00 17.07 ? 83   TYR A O   1 
ATOM   430 C CB  . TYR A 1 84  ? 1.758   5.766   5.509   1.00 17.12 ? 83   TYR A CB  1 
ATOM   431 C CG  . TYR A 1 84  ? 1.910   4.292   5.208   1.00 15.01 ? 83   TYR A CG  1 
ATOM   432 C CD1 . TYR A 1 84  ? 1.035   3.669   4.388   1.00 14.88 ? 83   TYR A CD1 1 
ATOM   433 C CD2 . TYR A 1 84  ? 2.964   3.569   5.753   1.00 16.80 ? 83   TYR A CD2 1 
ATOM   434 C CE1 . TYR A 1 84  ? 1.086   2.269   4.181   1.00 19.93 ? 83   TYR A CE1 1 
ATOM   435 C CE2 . TYR A 1 84  ? 3.111   2.200   5.511   1.00 18.13 ? 83   TYR A CE2 1 
ATOM   436 C CZ  . TYR A 1 84  ? 2.137   1.566   4.727   1.00 19.84 ? 83   TYR A CZ  1 
ATOM   437 O OH  . TYR A 1 84  ? 2.166   0.197   4.484   1.00 23.08 ? 83   TYR A OH  1 
ATOM   438 N N   . ALA A 1 85  ? 1.530   9.056   4.719   1.00 17.65 ? 84   ALA A N   1 
ATOM   439 C CA  . ALA A 1 85  ? 0.769   10.305  4.880   1.00 19.23 ? 84   ALA A CA  1 
ATOM   440 C C   . ALA A 1 85  ? -0.135  10.649  3.728   1.00 19.78 ? 84   ALA A C   1 
ATOM   441 O O   . ALA A 1 85  ? -1.044  11.481  3.869   1.00 20.69 ? 84   ALA A O   1 
ATOM   442 C CB  . ALA A 1 85  ? 1.688   11.440  5.186   1.00 21.93 ? 84   ALA A CB  1 
ATOM   443 N N   . LYS A 1 86  ? 0.071   9.968   2.596   1.00 19.39 ? 85   LYS A N   1 
ATOM   444 C CA  . LYS A 1 86  ? -0.771  10.179  1.437   1.00 18.80 ? 85   LYS A CA  1 
ATOM   445 C C   . LYS A 1 86  ? -2.114  9.506   1.552   1.00 16.73 ? 85   LYS A C   1 
ATOM   446 O O   . LYS A 1 86  ? -3.006  9.842   0.758   1.00 18.66 ? 85   LYS A O   1 
ATOM   447 C CB  . LYS A 1 86  ? -0.101  9.645   0.187   1.00 18.82 ? 85   LYS A CB  1 
ATOM   448 C CG  . LYS A 1 86  ? 1.268   10.229  -0.168  1.00 21.34 ? 85   LYS A CG  1 
ATOM   449 C CD  . LYS A 1 86  ? 1.234   11.704  -0.256  1.00 27.71 ? 85   LYS A CD  1 
ATOM   450 C CE  . LYS A 1 86  ? 2.354   12.115  -1.129  1.00 35.10 ? 85   LYS A CE  1 
ATOM   451 N NZ  . LYS A 1 86  ? 1.737   12.736  -2.329  1.00 45.74 ? 85   LYS A NZ  1 
ATOM   452 N N   . VAL A 1 87  ? -2.280  8.540   2.468   1.00 16.09 ? 86   VAL A N   1 
ATOM   453 C CA  . VAL A 1 87  ? -3.531  7.719   2.407   1.00 16.60 ? 86   VAL A CA  1 
ATOM   454 C C   . VAL A 1 87  ? -4.623  8.564   3.176   1.00 18.93 ? 86   VAL A C   1 
ATOM   455 O O   . VAL A 1 87  ? -4.407  9.036   4.300   1.00 22.07 ? 86   VAL A O   1 
ATOM   456 C CB  . VAL A 1 87  ? -3.369  6.403   3.155   1.00 14.71 ? 86   VAL A CB  1 
ATOM   457 C CG1 . VAL A 1 87  ? -4.605  5.581   2.936   1.00 18.89 ? 86   VAL A CG1 1 
ATOM   458 C CG2 . VAL A 1 87  ? -2.000  5.715   2.705   1.00 17.96 ? 86   VAL A CG2 1 
ATOM   459 N N   . PRO A 1 88  ? -5.784  8.747   2.536   1.00 20.56 ? 87   PRO A N   1 
ATOM   460 C CA  . PRO A 1 88  ? -6.865  9.557   3.187   1.00 21.21 ? 87   PRO A CA  1 
ATOM   461 C C   . PRO A 1 88  ? -7.473  8.788   4.375   1.00 23.62 ? 87   PRO A C   1 
ATOM   462 O O   . PRO A 1 88  ? -7.914  7.653   4.173   1.00 22.29 ? 87   PRO A O   1 
ATOM   463 C CB  . PRO A 1 88  ? -7.934  9.686   2.097   1.00 22.63 ? 87   PRO A CB  1 
ATOM   464 C CG  . PRO A 1 88  ? -7.269  9.435   0.836   1.00 22.72 ? 87   PRO A CG  1 
ATOM   465 C CD  . PRO A 1 88  ? -6.086  8.449   1.127   1.00 20.74 ? 87   PRO A CD  1 
ATOM   466 N N   . LYS A 1 89  ? -7.542  9.410   5.547   1.00 24.96 ? 88   LYS A N   1 
ATOM   467 C CA  . LYS A 1 89  ? -8.203  8.804   6.697   1.00 27.26 ? 88   LYS A CA  1 
ATOM   468 C C   . LYS A 1 89  ? -9.722  8.830   6.524   1.00 26.23 ? 88   LYS A C   1 
ATOM   469 O O   . LYS A 1 89  ? -10.289 9.828   6.080   1.00 25.32 ? 88   LYS A O   1 
ATOM   470 C CB  . LYS A 1 89  ? -7.807  9.524   7.987   1.00 29.93 ? 88   LYS A CB  1 
ATOM   471 C CG  . LYS A 1 89  ? -6.660  8.868   8.737   1.00 34.21 ? 88   LYS A CG  1 
ATOM   472 C CD  . LYS A 1 89  ? -6.479  9.483   10.116  1.00 40.74 ? 88   LYS A CD  1 
ATOM   473 C CE  . LYS A 1 89  ? -5.047  9.337   10.602  1.00 41.02 ? 88   LYS A CE  1 
ATOM   474 N NZ  . LYS A 1 89  ? -4.089  10.088  9.744   1.00 41.43 ? 88   LYS A NZ  1 
ATOM   475 N N   . GLY A 1 90  ? -10.372 7.724   6.876   1.00 25.74 ? 89   GLY A N   1 
ATOM   476 C CA  . GLY A 1 90  ? -11.798 7.595   6.754   1.00 29.54 ? 89   GLY A CA  1 
ATOM   477 C C   . GLY A 1 90  ? -12.228 6.915   5.493   1.00 28.79 ? 89   GLY A C   1 
ATOM   478 O O   . GLY A 1 90  ? -13.403 6.654   5.347   1.00 33.06 ? 89   GLY A O   1 
ATOM   479 N N   . ILE A 1 91  ? -11.295 6.737   4.549   1.00 26.87 ? 90   ILE A N   1 
ATOM   480 C CA  . ILE A 1 91  ? -11.591 6.217   3.233   1.00 26.37 ? 90   ILE A CA  1 
ATOM   481 C C   . ILE A 1 91  ? -11.580 4.690   3.354   1.00 25.48 ? 90   ILE A C   1 
ATOM   482 O O   . ILE A 1 91  ? -10.893 4.140   4.240   1.00 23.89 ? 90   ILE A O   1 
ATOM   483 C CB  . ILE A 1 91  ? -10.502 6.604   2.186   1.00 24.81 ? 90   ILE A CB  1 
ATOM   484 C CG1 . ILE A 1 91  ? -11.049 6.515   0.768   1.00 31.21 ? 90   ILE A CG1 1 
ATOM   485 C CG2 . ILE A 1 91  ? -9.316  5.645   2.201   1.00 27.98 ? 90   ILE A CG2 1 
ATOM   486 C CD1 . ILE A 1 91  ? -10.193 7.382   -0.223  1.00 32.59 ? 90   ILE A CD1 1 
ATOM   487 N N   . GLY A 1 92  ? -12.293 4.016   2.457   1.00 25.68 ? 91   GLY A N   1 
ATOM   488 C CA  . GLY A 1 92  ? -12.239 2.569   2.368   1.00 24.66 ? 91   GLY A CA  1 
ATOM   489 C C   . GLY A 1 92  ? -10.972 2.148   1.647   1.00 22.91 ? 91   GLY A C   1 
ATOM   490 O O   . GLY A 1 92  ? -10.741 2.541   0.504   1.00 24.50 ? 91   GLY A O   1 
ATOM   491 N N   . VAL A 1 93  ? -10.144 1.356   2.321   1.00 20.76 ? 92   VAL A N   1 
ATOM   492 C CA  . VAL A 1 93  ? -8.841  0.975   1.787   1.00 19.00 ? 92   VAL A CA  1 
ATOM   493 C C   . VAL A 1 93  ? -8.815  -0.517  1.625   1.00 18.87 ? 92   VAL A C   1 
ATOM   494 O O   . VAL A 1 93  ? -9.630  -1.246  2.246   1.00 19.45 ? 92   VAL A O   1 
ATOM   495 C CB  . VAL A 1 93  ? -7.697  1.393   2.735   1.00 18.89 ? 92   VAL A CB  1 
ATOM   496 C CG1 . VAL A 1 93  ? -7.593  2.941   2.891   1.00 20.27 ? 92   VAL A CG1 1 
ATOM   497 C CG2 . VAL A 1 93  ? -7.860  0.735   4.092   1.00 19.26 ? 92   VAL A CG2 1 
ATOM   498 N N   . THR A 1 94  ? -7.830  -1.005  0.881   1.00 17.37 ? 93   THR A N   1 
ATOM   499 C CA  . THR A 1 94  ? -7.566  -2.425  0.774   1.00 18.00 ? 93   THR A CA  1 
ATOM   500 C C   . THR A 1 94  ? -6.131  -2.657  1.183   1.00 16.34 ? 93   THR A C   1 
ATOM   501 O O   . THR A 1 94  ? -5.181  -2.041  0.649   1.00 16.65 ? 93   THR A O   1 
ATOM   502 C CB  . THR A 1 94  ? -7.748  -2.922  -0.643  1.00 19.96 ? 93   THR A CB  1 
ATOM   503 O OG1 . THR A 1 94  ? -9.080  -2.651  -1.079  1.00 20.69 ? 93   THR A OG1 1 
ATOM   504 C CG2 . THR A 1 94  ? -7.473  -4.439  -0.711  1.00 21.96 ? 93   THR A CG2 1 
ATOM   505 N N   . VAL A 1 95  ? -5.979  -3.417  2.240   1.00 15.66 ? 94   VAL A N   1 
ATOM   506 C CA  . VAL A 1 95  ? -4.645  -3.730  2.756   1.00 17.67 ? 94   VAL A CA  1 
ATOM   507 C C   . VAL A 1 95  ? -4.314  -5.114  2.235   1.00 17.26 ? 94   VAL A C   1 
ATOM   508 O O   . VAL A 1 95  ? -5.062  -6.122  2.489   1.00 19.53 ? 94   VAL A O   1 
ATOM   509 C CB  . VAL A 1 95  ? -4.621  -3.755  4.281   1.00 17.59 ? 94   VAL A CB  1 
ATOM   510 C CG1 . VAL A 1 95  ? -3.242  -4.290  4.753   1.00 18.67 ? 94   VAL A CG1 1 
ATOM   511 C CG2 . VAL A 1 95  ? -4.894  -2.309  4.829   1.00 20.44 ? 94   VAL A CG2 1 
ATOM   512 N N   . TYR A 1 96  ? -3.285  -5.208  1.407   1.00 16.14 ? 95   TYR A N   1 
ATOM   513 C CA  . TYR A 1 96  ? -2.914  -6.530  0.868   1.00 17.27 ? 95   TYR A CA  1 
ATOM   514 C C   . TYR A 1 96  ? -1.809  -7.107  1.770   1.00 16.28 ? 95   TYR A C   1 
ATOM   515 O O   . TYR A 1 96  ? -0.823  -6.396  2.118   1.00 17.57 ? 95   TYR A O   1 
ATOM   516 C CB  . TYR A 1 96  ? -2.332  -6.381  -0.507  1.00 18.80 ? 95   TYR A CB  1 
ATOM   517 C CG  . TYR A 1 96  ? -3.384  -6.010  -1.534  1.00 18.10 ? 95   TYR A CG  1 
ATOM   518 C CD1 . TYR A 1 96  ? -4.237  -6.995  -2.138  1.00 21.95 ? 95   TYR A CD1 1 
ATOM   519 C CD2 . TYR A 1 96  ? -3.570  -4.695  -1.892  1.00 18.84 ? 95   TYR A CD2 1 
ATOM   520 C CE1 . TYR A 1 96  ? -5.184  -6.645  -3.039  1.00 24.11 ? 95   TYR A CE1 1 
ATOM   521 C CE2 . TYR A 1 96  ? -4.588  -4.375  -2.876  1.00 21.50 ? 95   TYR A CE2 1 
ATOM   522 C CZ  . TYR A 1 96  ? -5.349  -5.337  -3.385  1.00 22.60 ? 95   TYR A CZ  1 
ATOM   523 O OH  . TYR A 1 96  ? -6.314  -4.952  -4.308  1.00 25.84 ? 95   TYR A OH  1 
ATOM   524 N N   . LEU A 1 97  ? -1.965  -8.388  2.100   1.00 18.22 ? 96   LEU A N   1 
ATOM   525 C CA  . LEU A 1 97  ? -1.021  -9.155  2.892   1.00 18.17 ? 96   LEU A CA  1 
ATOM   526 C C   . LEU A 1 97  ? -0.421  -10.205 1.943   1.00 18.70 ? 96   LEU A C   1 
ATOM   527 O O   . LEU A 1 97  ? -0.859  -10.377 0.826   1.00 20.75 ? 96   LEU A O   1 
ATOM   528 C CB  . LEU A 1 97  ? -1.755  -9.838  4.042   1.00 19.79 ? 96   LEU A CB  1 
ATOM   529 C CG  . LEU A 1 97  ? -2.763  -8.996  4.794   1.00 21.86 ? 96   LEU A CG  1 
ATOM   530 C CD1 . LEU A 1 97  ? -3.472  -9.831  5.791   1.00 26.76 ? 96   LEU A CD1 1 
ATOM   531 C CD2 . LEU A 1 97  ? -2.033  -8.010  5.518   1.00 22.58 ? 96   LEU A CD2 1 
ATOM   532 N N   . ALA A 1 98  ? 0.571   -10.913 2.415   1.00 20.65 ? 97   ALA A N   1 
ATOM   533 C CA  . ALA A 1 98  ? 1.148   -11.962 1.599   1.00 23.96 ? 97   ALA A CA  1 
ATOM   534 C C   . ALA A 1 98  ? 0.152   -13.066 1.242   1.00 24.83 ? 97   ALA A C   1 
ATOM   535 O O   . ALA A 1 98  ? 0.249   -13.657 0.237   1.00 27.61 ? 97   ALA A O   1 
ATOM   536 C CB  . ALA A 1 98  ? 2.327   -12.541 2.260   1.00 26.51 ? 97   ALA A CB  1 
ATOM   537 N N   . ASN A 1 99  ? -0.809  -13.300 2.129   1.00 26.83 ? 98   ASN A N   1 
ATOM   538 C CA  . ASN A 1 99  ? -1.752  -14.393 1.940   1.00 30.87 ? 98   ASN A CA  1 
ATOM   539 C C   . ASN A 1 99  ? -3.225  -13.997 1.987   1.00 29.91 ? 98   ASN A C   1 
ATOM   540 O O   . ASN A 1 99  ? -4.087  -14.859 2.165   1.00 34.34 ? 98   ASN A O   1 
ATOM   541 C CB  . ASN A 1 99  ? -1.482  -15.507 2.956   1.00 35.29 ? 98   ASN A CB  1 
ATOM   542 C CG  . ASN A 1 99  ? -0.067  -16.043 2.870   1.00 39.81 ? 98   ASN A CG  1 
ATOM   543 O OD1 . ASN A 1 99  ? 0.661   -16.066 3.863   1.00 46.78 ? 98   ASN A OD1 1 
ATOM   544 N ND2 . ASN A 1 99  ? 0.331   -16.476 1.680   1.00 44.15 ? 98   ASN A ND2 1 
ATOM   545 N N   . GLY A 1 100 ? -3.531  -12.712 1.826   1.00 26.93 ? 99   GLY A N   1 
ATOM   546 C CA  . GLY A 1 100 ? -4.910  -12.326 1.798   1.00 26.27 ? 99   GLY A CA  1 
ATOM   547 C C   . GLY A 1 100 ? -5.071  -10.836 1.797   1.00 23.92 ? 99   GLY A C   1 
ATOM   548 O O   . GLY A 1 100 ? -4.185  -10.169 1.429   1.00 21.05 ? 99   GLY A O   1 
ATOM   549 N N   . ARG A 1 101 ? -6.226  -10.339 2.188   1.00 23.20 ? 100  ARG A N   1 
ATOM   550 C CA  . ARG A 1 101 ? -6.416  -8.910  2.172   1.00 22.74 ? 100  ARG A CA  1 
ATOM   551 C C   . ARG A 1 101 ? -7.395  -8.516  3.255   1.00 22.55 ? 100  ARG A C   1 
ATOM   552 O O   . ARG A 1 101 ? -8.143  -9.314  3.693   1.00 25.75 ? 100  ARG A O   1 
ATOM   553 C CB  . ARG A 1 101 ? -6.881  -8.448  0.803   1.00 26.63 ? 100  ARG A CB  1 
ATOM   554 C CG  . ARG A 1 101 ? -8.329  -8.583  0.618   1.00 29.41 ? 100  ARG A CG  1 
ATOM   555 C CD  . ARG A 1 101 ? -8.858  -8.088  -0.690  1.00 39.00 ? 100  ARG A CD  1 
ATOM   556 N NE  . ARG A 1 101 ? -8.498  -8.940  -1.781  1.00 48.28 ? 100  ARG A NE  1 
ATOM   557 C CZ  . ARG A 1 101 ? -8.622  -8.644  -3.075  1.00 51.45 ? 100  ARG A CZ  1 
ATOM   558 N NH1 . ARG A 1 101 ? -9.103  -7.493  -3.486  1.00 50.87 ? 100  ARG A NH1 1 
ATOM   559 N NH2 . ARG A 1 101 ? -8.238  -9.534  -3.967  1.00 53.74 ? 100  ARG A NH2 1 
ATOM   560 N N   . VAL A 1 102 ? -7.329  -7.273  3.689   1.00 22.91 ? 101  VAL A N   1 
ATOM   561 C CA  . VAL A 1 102 ? -8.186  -6.685  4.760   1.00 23.33 ? 101  VAL A CA  1 
ATOM   562 C C   . VAL A 1 102 ? -8.796  -5.459  4.068   1.00 22.62 ? 101  VAL A C   1 
ATOM   563 O O   . VAL A 1 102 ? -8.066  -4.590  3.560   1.00 22.78 ? 101  VAL A O   1 
ATOM   564 C CB  . VAL A 1 102 ? -7.360  -6.272  6.000   1.00 23.61 ? 101  VAL A CB  1 
ATOM   565 C CG1 . VAL A 1 102 ? -8.229  -5.452  6.989   1.00 27.35 ? 101  VAL A CG1 1 
ATOM   566 C CG2 . VAL A 1 102 ? -6.810  -7.492  6.697   1.00 25.51 ? 101  VAL A CG2 1 
ATOM   567 N N   . GLN A 1 103 ? -10.131 -5.359  4.061   1.00 23.80 ? 102  GLN A N   1 
ATOM   568 C CA  . GLN A 1 103 ? -10.738 -4.151  3.414   1.00 24.16 ? 102  GLN A CA  1 
ATOM   569 C C   . GLN A 1 103 ? -11.638 -3.548  4.418   1.00 24.21 ? 102  GLN A C   1 
ATOM   570 O O   . GLN A 1 103 ? -12.515 -4.280  4.980   1.00 26.79 ? 102  GLN A O   1 
ATOM   571 C CB  . GLN A 1 103 ? -11.610 -4.544  2.241   1.00 27.14 ? 102  GLN A CB  1 
ATOM   572 C CG  . GLN A 1 103 ? -10.881 -4.996  1.039   1.00 34.00 ? 102  GLN A CG  1 
ATOM   573 C CD  . GLN A 1 103 ? -11.891 -5.356  -0.068  1.00 44.93 ? 102  GLN A CD  1 
ATOM   574 O OE1 . GLN A 1 103 ? -12.803 -4.574  -0.387  1.00 52.07 ? 102  GLN A OE1 1 
ATOM   575 N NE2 . GLN A 1 103 ? -11.757 -6.546  -0.614  1.00 50.68 ? 102  GLN A NE2 1 
ATOM   576 N N   . GLY A 1 104 ? -11.500 -2.235  4.635   1.00 22.66 ? 103  GLY A N   1 
ATOM   577 C CA  . GLY A 1 104 ? -12.372 -1.528  5.578   1.00 23.23 ? 103  GLY A CA  1 
ATOM   578 C C   . GLY A 1 104 ? -11.998 -0.096  5.623   1.00 21.63 ? 103  GLY A C   1 
ATOM   579 O O   . GLY A 1 104 ? -11.256 0.380   4.757   1.00 21.63 ? 103  GLY A O   1 
ATOM   580 N N   . ARG A 1 105 ? -12.519 0.614   6.599   1.00 22.32 ? 104  ARG A N   1 
ATOM   581 C CA  . ARG A 1 105 ? -12.299 2.040   6.693   1.00 21.96 ? 104  ARG A CA  1 
ATOM   582 C C   . ARG A 1 105 ? -10.984 2.402   7.396   1.00 19.70 ? 104  ARG A C   1 
ATOM   583 O O   . ARG A 1 105 ? -10.690 1.946   8.483   1.00 20.62 ? 104  ARG A O   1 
ATOM   584 C CB  . ARG A 1 105 ? -13.514 2.670   7.407   1.00 24.30 ? 104  ARG A CB  1 
ATOM   585 C CG  . ARG A 1 105 ? -13.366 4.148   7.707   1.00 29.41 ? 104  ARG A CG  1 
ATOM   586 C CD  . ARG A 1 105 ? -14.548 4.809   8.511   1.00 41.63 ? 104  ARG A CD  1 
ATOM   587 N NE  . ARG A 1 105 ? -14.343 4.828   9.973   1.00 49.91 ? 104  ARG A NE  1 
ATOM   588 C CZ  . ARG A 1 105 ? -13.534 5.676   10.642  1.00 56.77 ? 104  ARG A CZ  1 
ATOM   589 N NH1 . ARG A 1 105 ? -12.790 6.624   10.022  1.00 58.06 ? 104  ARG A NH1 1 
ATOM   590 N NH2 . ARG A 1 105 ? -13.447 5.567   11.965  1.00 60.97 ? 104  ARG A NH2 1 
ATOM   591 N N   . LEU A 1 106 ? -10.130 3.158   6.746   1.00 17.96 ? 105  LEU A N   1 
ATOM   592 C CA  . LEU A 1 106 ? -8.858  3.491   7.451   1.00 18.15 ? 105  LEU A CA  1 
ATOM   593 C C   . LEU A 1 106 ? -9.102  4.363   8.678   1.00 20.50 ? 105  LEU A C   1 
ATOM   594 O O   . LEU A 1 106 ? -9.693  5.438   8.568   1.00 21.89 ? 105  LEU A O   1 
ATOM   595 C CB  . LEU A 1 106 ? -7.859  4.200   6.504   1.00 17.06 ? 105  LEU A CB  1 
ATOM   596 C CG  . LEU A 1 106 ? -6.495  4.548   7.162   1.00 16.83 ? 105  LEU A CG  1 
ATOM   597 C CD1 . LEU A 1 106 ? -5.705  3.234   7.393   1.00 18.22 ? 105  LEU A CD1 1 
ATOM   598 C CD2 . LEU A 1 106 ? -5.735  5.359   6.216   1.00 20.35 ? 105  LEU A CD2 1 
ATOM   599 N N   . ILE A 1 107 ? -8.657  3.881   9.839   1.00 20.68 ? 106  ILE A N   1 
ATOM   600 C CA  . ILE A 1 107 ? -8.704  4.633   11.074  1.00 22.02 ? 106  ILE A CA  1 
ATOM   601 C C   . ILE A 1 107 ? -7.468  5.474   11.341  1.00 23.29 ? 106  ILE A C   1 
ATOM   602 O O   . ILE A 1 107 ? -7.580  6.660   11.536  1.00 23.90 ? 106  ILE A O   1 
ATOM   603 C CB  . ILE A 1 107 ? -8.987  3.681   12.271  1.00 23.58 ? 106  ILE A CB  1 
ATOM   604 C CG1 . ILE A 1 107 ? -10.346 2.994   12.042  1.00 21.12 ? 106  ILE A CG1 1 
ATOM   605 C CG2 . ILE A 1 107 ? -8.987  4.455   13.546  1.00 27.15 ? 106  ILE A CG2 1 
ATOM   606 C CD1 . ILE A 1 107 ? -10.500 1.736   12.987  1.00 32.08 ? 106  ILE A CD1 1 
ATOM   607 N N   . ASP A 1 108 ? -6.301  4.869   11.216  1.00 20.72 ? 107  ASP A N   1 
ATOM   608 C CA  . ASP A 1 108 ? -5.089  5.542   11.523  1.00 21.42 ? 107  ASP A CA  1 
ATOM   609 C C   . ASP A 1 108 ? -3.934  4.717   10.999  1.00 20.89 ? 107  ASP A C   1 
ATOM   610 O O   . ASP A 1 108 ? -4.084  3.515   10.719  1.00 20.03 ? 107  ASP A O   1 
ATOM   611 C CB  . ASP A 1 108 ? -4.929  5.677   12.988  1.00 23.27 ? 107  ASP A CB  1 
ATOM   612 C CG  . ASP A 1 108 ? -4.003  6.828   13.316  1.00 27.97 ? 107  ASP A CG  1 
ATOM   613 O OD1 . ASP A 1 108 ? -3.748  7.660   12.447  1.00 30.92 ? 107  ASP A OD1 1 
ATOM   614 O OD2 . ASP A 1 108 ? -3.426  6.847   14.389  1.00 40.15 ? 107  ASP A OD2 1 
ATOM   615 N N   . ILE A 1 109 ? -2.824  5.381   10.824  1.00 20.40 ? 108  ILE A N   1 
ATOM   616 C CA  . ILE A 1 109 ? -1.575  4.747   10.526  1.00 20.14 ? 108  ILE A CA  1 
ATOM   617 C C   . ILE A 1 109 ? -0.622  5.293   11.530  1.00 22.61 ? 108  ILE A C   1 
ATOM   618 O O   . ILE A 1 109 ? -0.379  6.461   11.571  1.00 25.89 ? 108  ILE A O   1 
ATOM   619 C CB  . ILE A 1 109 ? -1.070  5.001   9.078   1.00 19.00 ? 108  ILE A CB  1 
ATOM   620 C CG1 . ILE A 1 109 ? -2.057  4.381   8.105   1.00 19.04 ? 108  ILE A CG1 1 
ATOM   621 C CG2 . ILE A 1 109 ? 0.273   4.416   8.871   1.00 20.32 ? 108  ILE A CG2 1 
ATOM   622 C CD1 . ILE A 1 109 ? -1.819  4.624   6.691   1.00 19.91 ? 108  ILE A CD1 1 
ATOM   623 N N   . GLY A 1 110 ? -0.116  4.422   12.350  1.00 22.38 ? 109  GLY A N   1 
ATOM   624 C CA  . GLY A 1 110 ? 0.824   4.823   13.337  1.00 26.10 ? 109  GLY A CA  1 
ATOM   625 C C   . GLY A 1 110 ? 2.238   4.574   12.934  1.00 26.36 ? 109  GLY A C   1 
ATOM   626 O O   . GLY A 1 110 ? 2.563   4.347   11.809  1.00 25.62 ? 109  GLY A O   1 
ATOM   627 N N   . VAL A 1 111 ? 3.102   4.610   13.920  1.00 27.33 ? 110  VAL A N   1 
ATOM   628 C CA  . VAL A 1 111 ? 4.457   4.395   13.640  1.00 28.49 ? 110  VAL A CA  1 
ATOM   629 C C   . VAL A 1 111 ? 4.671   2.980   13.124  1.00 24.90 ? 110  VAL A C   1 
ATOM   630 O O   . VAL A 1 111 ? 5.306   2.811   12.160  1.00 25.14 ? 110  VAL A O   1 
ATOM   631 C CB  . VAL A 1 111 ? 5.336   4.659   14.865  1.00 31.98 ? 110  VAL A CB  1 
ATOM   632 C CG1 . VAL A 1 111 ? 6.719   4.227   14.605  1.00 34.03 ? 110  VAL A CG1 1 
ATOM   633 C CG2 . VAL A 1 111 ? 5.312   6.097   15.201  1.00 40.09 ? 110  VAL A CG2 1 
ATOM   634 N N   . TYR A 1 112 ? 4.107   1.995   13.796  1.00 24.88 ? 111  TYR A N   1 
ATOM   635 C CA  . TYR A 1 112 ? 4.325   0.611   13.421  1.00 24.63 ? 111  TYR A CA  1 
ATOM   636 C C   . TYR A 1 112 ? 3.157   -0.125  12.770  1.00 22.02 ? 111  TYR A C   1 
ATOM   637 O O   . TYR A 1 112 ? 3.307   -1.209  12.373  1.00 22.19 ? 111  TYR A O   1 
ATOM   638 C CB  . TYR A 1 112 ? 4.798   -0.202  14.635  1.00 26.07 ? 111  TYR A CB  1 
ATOM   639 C CG  . TYR A 1 112 ? 6.022   0.340   15.271  1.00 33.29 ? 111  TYR A CG  1 
ATOM   640 C CD1 . TYR A 1 112 ? 7.195   0.305   14.627  1.00 39.27 ? 111  TYR A CD1 1 
ATOM   641 C CD2 . TYR A 1 112 ? 5.984   0.877   16.513  1.00 39.68 ? 111  TYR A CD2 1 
ATOM   642 C CE1 . TYR A 1 112 ? 8.310   0.821   15.172  1.00 43.79 ? 111  TYR A CE1 1 
ATOM   643 C CE2 . TYR A 1 112 ? 7.116   1.401   17.099  1.00 43.97 ? 111  TYR A CE2 1 
ATOM   644 C CZ  . TYR A 1 112 ? 8.274   1.357   16.416  1.00 47.24 ? 111  TYR A CZ  1 
ATOM   645 O OH  . TYR A 1 112 ? 9.429   1.873   16.936  1.00 51.66 ? 111  TYR A OH  1 
ATOM   646 N N   . GLU A 1 113 ? 2.006   0.495   12.689  1.00 18.82 ? 112  GLU A N   1 
ATOM   647 C CA  . GLU A 1 113 ? 0.769   -0.266  12.435  1.00 18.65 ? 112  GLU A CA  1 
ATOM   648 C C   . GLU A 1 113 ? -0.239  0.481   11.604  1.00 17.05 ? 112  GLU A C   1 
ATOM   649 O O   . GLU A 1 113 ? -0.196  1.695   11.516  1.00 19.11 ? 112  GLU A O   1 
ATOM   650 C CB  . GLU A 1 113 ? 0.174   -0.725  13.763  1.00 22.03 ? 112  GLU A CB  1 
ATOM   651 C CG  . GLU A 1 113 ? -0.731  0.269   14.504  1.00 26.19 ? 112  GLU A CG  1 
ATOM   652 C CD  . GLU A 1 113 ? -0.094  1.449   15.166  1.00 36.86 ? 112  GLU A CD  1 
ATOM   653 O OE1 . GLU A 1 113 ? 1.139   1.562   15.282  1.00 37.75 ? 112  GLU A OE1 1 
ATOM   654 O OE2 . GLU A 1 113 ? -0.922  2.268   15.658  1.00 42.62 ? 112  GLU A OE2 1 
ATOM   655 N N   . VAL A 1 114 ? -1.079  -0.274  10.927  1.00 15.59 ? 113  VAL A N   1 
ATOM   656 C CA  . VAL A 1 114 ? -2.227  0.280   10.219  1.00 16.20 ? 113  VAL A CA  1 
ATOM   657 C C   . VAL A 1 114 ? -3.473  -0.222  10.951  1.00 18.04 ? 113  VAL A C   1 
ATOM   658 O O   . VAL A 1 114 ? -3.552  -1.415  11.286  1.00 19.45 ? 113  VAL A O   1 
ATOM   659 C CB  . VAL A 1 114 ? -2.215  -0.204  8.745   1.00 17.07 ? 113  VAL A CB  1 
ATOM   660 C CG1 . VAL A 1 114 ? -3.505  0.231   7.987   1.00 19.25 ? 113  VAL A CG1 1 
ATOM   661 C CG2 . VAL A 1 114 ? -0.943  0.362   8.054   1.00 18.07 ? 113  VAL A CG2 1 
ATOM   662 N N   . LEU A 1 115 ? -4.427  0.682   11.214  1.00 16.76 ? 114  LEU A N   1 
ATOM   663 C CA  . LEU A 1 115 ? -5.685  0.316   11.897  1.00 17.63 ? 114  LEU A CA  1 
ATOM   664 C C   . LEU A 1 115 ? -6.840  0.536   10.905  1.00 17.54 ? 114  LEU A C   1 
ATOM   665 O O   . LEU A 1 115 ? -6.988  1.622   10.345  1.00 18.83 ? 114  LEU A O   1 
ATOM   666 C CB  . LEU A 1 115 ? -5.955  1.164   13.159  1.00 19.32 ? 114  LEU A CB  1 
ATOM   667 C CG  . LEU A 1 115 ? -4.799  1.221   14.194  1.00 21.03 ? 114  LEU A CG  1 
ATOM   668 C CD1 . LEU A 1 115 ? -5.200  2.105   15.364  1.00 26.50 ? 114  LEU A CD1 1 
ATOM   669 C CD2 . LEU A 1 115 ? -4.438  -0.210  14.657  1.00 21.98 ? 114  LEU A CD2 1 
ATOM   670 N N   . VAL A 1 116 ? -7.603  -0.514  10.631  1.00 17.98 ? 115  VAL A N   1 
ATOM   671 C CA  . VAL A 1 116 ? -8.699  -0.419  9.705   1.00 19.33 ? 115  VAL A CA  1 
ATOM   672 C C   . VAL A 1 116 ? -9.981  -0.896  10.405  1.00 21.44 ? 115  VAL A C   1 
ATOM   673 O O   . VAL A 1 116 ? -9.965  -1.912  11.151  1.00 23.31 ? 115  VAL A O   1 
ATOM   674 C CB  . VAL A 1 116 ? -8.441  -1.415  8.545   1.00 20.99 ? 115  VAL A CB  1 
ATOM   675 C CG1 . VAL A 1 116 ? -9.620  -1.405  7.612   1.00 23.99 ? 115  VAL A CG1 1 
ATOM   676 C CG2 . VAL A 1 116 ? -7.209  -0.997  7.773   1.00 22.04 ? 115  VAL A CG2 1 
ATOM   677 N N   . GLU A 1 117 ? -11.096 -0.195  10.206  1.00 20.62 ? 116  GLU A N   1 
ATOM   678 C CA  . GLU A 1 117 ? -12.375 -0.657  10.812  1.00 25.05 ? 116  GLU A CA  1 
ATOM   679 C C   . GLU A 1 117 ? -13.086 -1.636  9.878   1.00 27.23 ? 116  GLU A C   1 
ATOM   680 O O   . GLU A 1 117 ? -13.363 -1.289  8.717   1.00 27.23 ? 116  GLU A O   1 
ATOM   681 C CB  . GLU A 1 117 ? -13.252 0.551   11.064  1.00 28.94 ? 116  GLU A CB  1 
ATOM   682 C CG  . GLU A 1 117 ? -14.546 0.209   11.788  1.00 36.21 ? 116  GLU A CG  1 
ATOM   683 C CD  . GLU A 1 117 ? -15.594 1.316   11.727  1.00 49.77 ? 116  GLU A CD  1 
ATOM   684 O OE1 . GLU A 1 117 ? -15.367 2.392   11.111  1.00 54.65 ? 116  GLU A OE1 1 
ATOM   685 O OE2 . GLU A 1 117 ? -16.700 1.113   12.298  1.00 59.21 ? 116  GLU A OE2 1 
ATOM   686 N N   . GLU A 1 118 ? -13.362 -2.840  10.371  1.00 28.50 ? 117  GLU A N   1 
ATOM   687 C CA  . GLU A 1 118 ? -14.175 -3.824  9.663   1.00 36.48 ? 117  GLU A CA  1 
ATOM   688 C C   . GLU A 1 118 ? -15.315 -4.161  10.607  1.00 40.22 ? 117  GLU A C   1 
ATOM   689 O O   . GLU A 1 118 ? -15.074 -4.501  11.765  1.00 38.76 ? 117  GLU A O   1 
ATOM   690 C CB  . GLU A 1 118 ? -13.357 -5.073  9.342   1.00 38.17 ? 117  GLU A CB  1 
ATOM   691 C CG  . GLU A 1 118 ? -12.634 -5.017  8.007   1.00 46.60 ? 117  GLU A CG  1 
ATOM   692 C CD  . GLU A 1 118 ? -11.217 -4.495  8.133   1.00 54.95 ? 117  GLU A CD  1 
ATOM   693 O OE1 . GLU A 1 118 ? -11.035 -3.400  8.706   1.00 56.57 ? 117  GLU A OE1 1 
ATOM   694 O OE2 . GLU A 1 118 ? -10.285 -5.179  7.660   1.00 60.43 ? 117  GLU A OE2 1 
ATOM   695 N N   . VAL A 1 119 ? -16.556 -4.042  10.144  1.00 46.66 ? 118  VAL A N   1 
ATOM   696 C CA  . VAL A 1 119 ? -17.646 -4.010  11.083  1.00 52.56 ? 118  VAL A CA  1 
ATOM   697 C C   . VAL A 1 119 ? -17.367 -2.876  12.005  1.00 50.51 ? 118  VAL A C   1 
ATOM   698 O O   . VAL A 1 119 ? -17.004 -1.843  11.555  1.00 52.53 ? 118  VAL A O   1 
ATOM   699 C CB  . VAL A 1 119 ? -17.783 -5.281  11.780  1.00 55.04 ? 118  VAL A CB  1 
ATOM   700 C CG1 . VAL A 1 119 ? -18.397 -5.119  13.101  1.00 58.27 ? 118  VAL A CG1 1 
ATOM   701 C CG2 . VAL A 1 119 ? -18.547 -6.201  10.913  1.00 62.09 ? 118  VAL A CG2 1 
ATOM   702 N N   . GLY A 1 120 ? -17.651 -3.057  13.289  1.00 52.22 ? 119  GLY A N   1 
ATOM   703 C CA  . GLY A 1 120 ? -17.476 -1.998  14.263  1.00 50.52 ? 119  GLY A CA  1 
ATOM   704 C C   . GLY A 1 120 ? -16.240 -2.302  15.072  1.00 45.71 ? 119  GLY A C   1 
ATOM   705 O O   . GLY A 1 120 ? -16.057 -1.811  16.186  1.00 48.18 ? 119  GLY A O   1 
ATOM   706 N N   . ASP A 1 121 ? -15.387 -3.134  14.488  1.00 40.57 ? 120  ASP A N   1 
ATOM   707 C CA  . ASP A 1 121 ? -14.188 -3.595  15.152  1.00 37.07 ? 120  ASP A CA  1 
ATOM   708 C C   . ASP A 1 121 ? -12.929 -3.051  14.463  1.00 32.14 ? 120  ASP A C   1 
ATOM   709 O O   . ASP A 1 121 ? -12.938 -2.874  13.292  1.00 31.33 ? 120  ASP A O   1 
ATOM   710 C CB  . ASP A 1 121 ? -14.152 -5.119  15.189  1.00 38.15 ? 120  ASP A CB  1 
ATOM   711 C CG  . ASP A 1 121 ? -15.433 -5.743  15.778  1.00 45.45 ? 120  ASP A CG  1 
ATOM   712 O OD1 . ASP A 1 121 ? -15.958 -5.189  16.738  1.00 45.58 ? 120  ASP A OD1 1 
ATOM   713 O OD2 . ASP A 1 121 ? -15.883 -6.744  15.217  1.00 50.59 ? 120  ASP A OD2 1 
ATOM   714 N N   . ILE A 1 122 ? -11.898 -2.800  15.252  1.00 30.47 ? 121  ILE A N   1 
ATOM   715 C CA  . ILE A 1 122 ? -10.573 -2.384  14.790  1.00 26.28 ? 121  ILE A CA  1 
ATOM   716 C C   . ILE A 1 122 ? -9.715  -3.588  14.417  1.00 25.15 ? 121  ILE A C   1 
ATOM   717 O O   . ILE A 1 122 ? -9.457  -4.469  15.257  1.00 27.12 ? 121  ILE A O   1 
ATOM   718 C CB  . ILE A 1 122 ? -9.851  -1.559  15.872  1.00 28.75 ? 121  ILE A CB  1 
ATOM   719 C CG1 . ILE A 1 122 ? -10.608 -0.248  16.100  1.00 33.34 ? 121  ILE A CG1 1 
ATOM   720 C CG2 . ILE A 1 122 ? -8.417  -1.199  15.427  1.00 26.70 ? 121  ILE A CG2 1 
ATOM   721 C CD1 . ILE A 1 122 ? -10.309 0.426   17.438  1.00 41.04 ? 121  ILE A CD1 1 
ATOM   722 N N   . ILE A 1 123 ? -9.298  -3.643  13.156  1.00 22.11 ? 122  ILE A N   1 
ATOM   723 C CA  . ILE A 1 123 ? -8.243  -4.584  12.736  1.00 20.34 ? 122  ILE A CA  1 
ATOM   724 C C   . ILE A 1 123 ? -6.875  -3.872  12.695  1.00 19.52 ? 122  ILE A C   1 
ATOM   725 O O   . ILE A 1 123 ? -6.697  -2.892  11.987  1.00 18.82 ? 122  ILE A O   1 
ATOM   726 C CB  . ILE A 1 123 ? -8.549  -5.279  11.333  1.00 19.50 ? 122  ILE A CB  1 
ATOM   727 C CG1 . ILE A 1 123 ? -9.955  -5.841  11.227  1.00 25.38 ? 122  ILE A CG1 1 
ATOM   728 C CG2 . ILE A 1 123 ? -7.488  -6.361  10.930  1.00 19.70 ? 122  ILE A CG2 1 
ATOM   729 C CD1 . ILE A 1 123 ? -10.298 -6.894  12.184  1.00 25.21 ? 122  ILE A CD1 1 
ATOM   730 N N   . TYR A 1 124 ? -5.951  -4.387  13.527  1.00 18.11 ? 123  TYR A N   1 
ATOM   731 C CA  . TYR A 1 124 ? -4.601  -3.961  13.559  1.00 18.24 ? 123  TYR A CA  1 
ATOM   732 C C   . TYR A 1 124 ? -3.763  -4.823  12.628  1.00 17.52 ? 123  TYR A C   1 
ATOM   733 O O   . TYR A 1 124 ? -3.902  -6.065  12.596  1.00 17.38 ? 123  TYR A O   1 
ATOM   734 C CB  . TYR A 1 124 ? -4.146  -4.102  15.012  1.00 19.64 ? 123  TYR A CB  1 
ATOM   735 C CG  . TYR A 1 124 ? -2.655  -4.137  15.255  1.00 18.07 ? 123  TYR A CG  1 
ATOM   736 C CD1 . TYR A 1 124 ? -2.003  -3.024  15.796  1.00 17.55 ? 123  TYR A CD1 1 
ATOM   737 C CD2 . TYR A 1 124 ? -1.870  -5.283  14.958  1.00 16.02 ? 123  TYR A CD2 1 
ATOM   738 C CE1 . TYR A 1 124 ? -0.621  -3.019  16.015  1.00 20.77 ? 123  TYR A CE1 1 
ATOM   739 C CE2 . TYR A 1 124 ? -0.505  -5.324  15.226  1.00 19.46 ? 123  TYR A CE2 1 
ATOM   740 C CZ  . TYR A 1 124 ? 0.110   -4.180  15.727  1.00 19.77 ? 123  TYR A CZ  1 
ATOM   741 O OH  . TYR A 1 124 ? 1.450   -4.155  16.020  1.00 19.33 ? 123  TYR A OH  1 
ATOM   742 N N   . ILE A 1 125 ? -2.896  -4.187  11.819  1.00 15.87 ? 124  ILE A N   1 
ATOM   743 C CA  . ILE A 1 125 ? -1.964  -4.940  10.982  1.00 17.10 ? 124  ILE A CA  1 
ATOM   744 C C   . ILE A 1 125 ? -0.595  -4.265  11.163  1.00 17.35 ? 124  ILE A C   1 
ATOM   745 O O   . ILE A 1 125 ? -0.442  -3.027  10.936  1.00 18.10 ? 124  ILE A O   1 
ATOM   746 C CB  . ILE A 1 125 ? -2.359  -4.877  9.458   1.00 16.74 ? 124  ILE A CB  1 
ATOM   747 C CG1 . ILE A 1 125 ? -3.804  -5.334  9.197   1.00 19.06 ? 124  ILE A CG1 1 
ATOM   748 C CG2 . ILE A 1 125 ? -1.407  -5.725  8.616   1.00 17.67 ? 124  ILE A CG2 1 
ATOM   749 C CD1 . ILE A 1 125 ? -4.611  -4.207  8.682   1.00 22.79 ? 124  ILE A CD1 1 
ATOM   750 N N   . HIS A 1 126 ? 0.400   -5.010  11.609  1.00 14.85 ? 125  HIS A N   1 
ATOM   751 C CA  . HIS A 1 126 ? 1.699   -4.441  11.676  1.00 15.87 ? 125  HIS A CA  1 
ATOM   752 C C   . HIS A 1 126 ? 2.152   -4.078  10.259  1.00 16.79 ? 125  HIS A C   1 
ATOM   753 O O   . HIS A 1 126 ? 1.971   -4.839  9.297   1.00 17.29 ? 125  HIS A O   1 
ATOM   754 C CB  . HIS A 1 126 ? 2.628   -5.484  12.296  1.00 15.03 ? 125  HIS A CB  1 
ATOM   755 C CG  . HIS A 1 126 ? 4.001   -4.989  12.551  1.00 19.21 ? 125  HIS A CG  1 
ATOM   756 N ND1 . HIS A 1 126 ? 4.459   -4.625  13.799  1.00 25.85 ? 125  HIS A ND1 1 
ATOM   757 C CD2 . HIS A 1 126 ? 5.008   -4.750  11.685  1.00 15.88 ? 125  HIS A CD2 1 
ATOM   758 C CE1 . HIS A 1 126 ? 5.714   -4.207  13.685  1.00 21.36 ? 125  HIS A CE1 1 
ATOM   759 N NE2 . HIS A 1 126 ? 6.082   -4.347  12.428  1.00 25.68 ? 125  HIS A NE2 1 
ATOM   760 N N   . LYS A 1 127 ? 2.830   -2.940  10.172  1.00 15.34 ? 126  LYS A N   1 
ATOM   761 C CA  . LYS A 1 127 ? 3.339   -2.473  8.887   1.00 16.42 ? 126  LYS A CA  1 
ATOM   762 C C   . LYS A 1 127 ? 4.203   -3.495  8.121   1.00 16.06 ? 126  LYS A C   1 
ATOM   763 O O   . LYS A 1 127 ? 4.152   -3.486  6.910   1.00 16.48 ? 126  LYS A O   1 
ATOM   764 C CB  . LYS A 1 127 ? 4.129   -1.183  9.045   1.00 16.46 ? 126  LYS A CB  1 
ATOM   765 C CG  . LYS A 1 127 ? 3.212   0.045   9.135   1.00 17.82 ? 126  LYS A CG  1 
ATOM   766 C CD  . LYS A 1 127 ? 4.047   1.273   9.296   1.00 21.26 ? 126  LYS A CD  1 
ATOM   767 C CE  . LYS A 1 127 ? 3.231   2.517   9.369   1.00 21.14 ? 126  LYS A CE  1 
ATOM   768 N NZ  . LYS A 1 127 ? 4.194   3.647   9.625   1.00 22.42 ? 126  LYS A NZ  1 
ATOM   769 N N   . ASP A 1 128 ? 4.993   -4.319  8.798   1.00 15.58 ? 127  ASP A N   1 
ATOM   770 C CA  . ASP A 1 128 ? 5.872   -5.264  8.079   1.00 18.07 ? 127  ASP A CA  1 
ATOM   771 C C   . ASP A 1 128 ? 5.032   -6.306  7.331   1.00 17.84 ? 127  ASP A C   1 
ATOM   772 O O   . ASP A 1 128 ? 5.563   -6.986  6.453   1.00 20.55 ? 127  ASP A O   1 
ATOM   773 C CB  . ASP A 1 128 ? 6.904   -5.962  9.023   1.00 20.44 ? 127  ASP A CB  1 
ATOM   774 C CG  . ASP A 1 128 ? 8.003   -5.017  9.522   1.00 24.90 ? 127  ASP A CG  1 
ATOM   775 O OD1 . ASP A 1 128 ? 8.123   -3.871  9.048   1.00 27.28 ? 127  ASP A OD1 1 
ATOM   776 O OD2 . ASP A 1 128 ? 8.747   -5.461  10.440  1.00 28.73 ? 127  ASP A OD2 1 
ATOM   777 N N   . LEU A 1 129 ? 3.769   -6.482  7.708   1.00 15.85 ? 128  LEU A N   1 
ATOM   778 C CA  . LEU A 1 129 ? 2.888   -7.447  7.014   1.00 17.36 ? 128  LEU A CA  1 
ATOM   779 C C   . LEU A 1 129 ? 2.043   -6.777  5.935   1.00 18.05 ? 128  LEU A C   1 
ATOM   780 O O   . LEU A 1 129 ? 1.294   -7.450  5.187   1.00 20.03 ? 128  LEU A O   1 
ATOM   781 C CB  . LEU A 1 129 ? 1.958   -8.047  8.056   1.00 16.43 ? 128  LEU A CB  1 
ATOM   782 C CG  . LEU A 1 129 ? 2.598   -8.814  9.225   1.00 15.80 ? 128  LEU A CG  1 
ATOM   783 C CD1 . LEU A 1 129 ? 1.526   -9.607  9.962   1.00 19.95 ? 128  LEU A CD1 1 
ATOM   784 C CD2 . LEU A 1 129 ? 3.633   -9.784  8.637   1.00 20.56 ? 128  LEU A CD2 1 
ATOM   785 N N   . VAL A 1 130 ? 2.067   -5.416  5.917   1.00 18.25 ? 129  VAL A N   1 
ATOM   786 C CA  . VAL A 1 130 ? 1.335   -4.675  4.882   1.00 19.76 ? 129  VAL A CA  1 
ATOM   787 C C   . VAL A 1 130 ? 2.159   -4.632  3.609   1.00 20.42 ? 129  VAL A C   1 
ATOM   788 O O   . VAL A 1 130 ? 3.028   -3.827  3.416   1.00 24.54 ? 129  VAL A O   1 
ATOM   789 C CB  . VAL A 1 130 ? 0.929   -3.280  5.305   1.00 19.28 ? 129  VAL A CB  1 
ATOM   790 C CG1 . VAL A 1 130 ? 0.139   -2.554  4.177   1.00 24.31 ? 129  VAL A CG1 1 
ATOM   791 C CG2 . VAL A 1 130 ? 0.136   -3.327  6.577   1.00 20.20 ? 129  VAL A CG2 1 
ATOM   792 N N   . TYR A 1 131 ? 1.846   -5.529  2.721   1.00 16.42 ? 130  TYR A N   1 
ATOM   793 C CA  . TYR A 1 131 ? 2.513   -5.626  1.441   1.00 16.16 ? 130  TYR A CA  1 
ATOM   794 C C   . TYR A 1 131 ? 2.167   -4.391  0.544   1.00 15.14 ? 130  TYR A C   1 
ATOM   795 O O   . TYR A 1 131 ? 3.041   -3.782  -0.168  1.00 15.05 ? 130  TYR A O   1 
ATOM   796 C CB  . TYR A 1 131 ? 1.976   -6.883  0.809   1.00 17.62 ? 130  TYR A CB  1 
ATOM   797 C CG  . TYR A 1 131 ? 2.404   -7.025  -0.576  1.00 19.67 ? 130  TYR A CG  1 
ATOM   798 C CD1 . TYR A 1 131 ? 3.765   -6.885  -0.960  1.00 24.45 ? 130  TYR A CD1 1 
ATOM   799 C CD2 . TYR A 1 131 ? 1.467   -7.324  -1.552  1.00 26.91 ? 130  TYR A CD2 1 
ATOM   800 C CE1 . TYR A 1 131 ? 4.131   -7.064  -2.320  1.00 25.21 ? 130  TYR A CE1 1 
ATOM   801 C CE2 . TYR A 1 131 ? 1.831   -7.476  -2.880  1.00 28.90 ? 130  TYR A CE2 1 
ATOM   802 C CZ  . TYR A 1 131 ? 3.172   -7.318  -3.240  1.00 25.21 ? 130  TYR A CZ  1 
ATOM   803 O OH  . TYR A 1 131 ? 3.544   -7.489  -4.501  1.00 25.17 ? 130  TYR A OH  1 
ATOM   804 N N   . ALA A 1 132 ? 0.911   -4.022  0.565   1.00 14.53 ? 131  ALA A N   1 
ATOM   805 C CA  . ALA A 1 132 ? 0.473   -2.794  -0.129  1.00 14.12 ? 131  ALA A CA  1 
ATOM   806 C C   . ALA A 1 132 ? -0.790  -2.328  0.490   1.00 14.88 ? 131  ALA A C   1 
ATOM   807 O O   . ALA A 1 132 ? -1.552  -3.118  1.028   1.00 15.75 ? 131  ALA A O   1 
ATOM   808 C CB  . ALA A 1 132 ? 0.359   -2.958  -1.664  1.00 14.58 ? 131  ALA A CB  1 
ATOM   809 N N   . LEU A 1 133 ? -1.021  -1.024  0.413   1.00 15.32 ? 132  LEU A N   1 
ATOM   810 C CA  . LEU A 1 133 ? -2.286  -0.446  0.926   1.00 14.38 ? 132  LEU A CA  1 
ATOM   811 C C   . LEU A 1 133 ? -2.784  0.453   -0.159  1.00 13.07 ? 132  LEU A C   1 
ATOM   812 O O   . LEU A 1 133 ? -2.089  1.372   -0.580  1.00 14.69 ? 132  LEU A O   1 
ATOM   813 C CB  . LEU A 1 133 ? -2.004  0.360   2.192   1.00 14.49 ? 132  LEU A CB  1 
ATOM   814 C CG  . LEU A 1 133 ? -3.266  0.832   2.929   1.00 14.11 ? 132  LEU A CG  1 
ATOM   815 C CD1 . LEU A 1 133 ? -2.773  1.204   4.316   1.00 22.07 ? 132  LEU A CD1 1 
ATOM   816 C CD2 . LEU A 1 133 ? -3.930  1.999   2.217   1.00 16.21 ? 132  LEU A CD2 1 
ATOM   817 N N   . CYS A 1 134 ? -3.968  0.107   -0.726  1.00 12.61 ? 133  CYS A N   1 
ATOM   818 C CA  . CYS A 1 134 ? -4.500  0.876   -1.882  1.00 14.56 ? 133  CYS A CA  1 
ATOM   819 C C   . CYS A 1 134 ? -5.777  1.612   -1.506  1.00 15.24 ? 133  CYS A C   1 
ATOM   820 O O   . CYS A 1 134 ? -6.508  1.139   -0.627  1.00 15.85 ? 133  CYS A O   1 
ATOM   821 C CB  . CYS A 1 134 ? -4.802  -0.058  -3.053  1.00 16.40 ? 133  CYS A CB  1 
ATOM   822 S SG  . CYS A 1 134 ? -3.371  -0.955  -3.667  1.00 17.94 ? 133  CYS A SG  1 
ATOM   823 N N   . TRP A 1 135 ? -6.052  2.736   -2.188  1.00 13.92 ? 134  TRP A N   1 
ATOM   824 C CA  . TRP A 1 135 ? -7.318  3.436   -2.018  1.00 15.74 ? 134  TRP A CA  1 
ATOM   825 C C   . TRP A 1 135 ? -7.742  4.029   -3.323  1.00 16.90 ? 134  TRP A C   1 
ATOM   826 O O   . TRP A 1 135 ? -6.906  4.320   -4.178  1.00 16.97 ? 134  TRP A O   1 
ATOM   827 C CB  . TRP A 1 135 ? -7.183  4.509   -0.928  1.00 15.68 ? 134  TRP A CB  1 
ATOM   828 C CG  . TRP A 1 135 ? -6.252  5.607   -1.284  1.00 17.32 ? 134  TRP A CG  1 
ATOM   829 C CD1 . TRP A 1 135 ? -6.585  6.822   -1.808  1.00 17.55 ? 134  TRP A CD1 1 
ATOM   830 C CD2 . TRP A 1 135 ? -4.791  5.608   -1.160  1.00 14.48 ? 134  TRP A CD2 1 
ATOM   831 N NE1 . TRP A 1 135 ? -5.449  7.571   -2.014  1.00 17.93 ? 134  TRP A NE1 1 
ATOM   832 C CE2 . TRP A 1 135 ? -4.339  6.852   -1.619  1.00 15.51 ? 134  TRP A CE2 1 
ATOM   833 C CE3 . TRP A 1 135 ? -3.832  4.632   -0.741  1.00 15.83 ? 134  TRP A CE3 1 
ATOM   834 C CZ2 . TRP A 1 135 ? -2.926  7.232   -1.605  1.00 17.02 ? 134  TRP A CZ2 1 
ATOM   835 C CZ3 . TRP A 1 135 ? -2.458  4.966   -0.731  1.00 16.50 ? 134  TRP A CZ3 1 
ATOM   836 C CH2 . TRP A 1 135 ? -2.009  6.294   -1.136  1.00 15.77 ? 134  TRP A CH2 1 
ATOM   837 N N   . PRO A 1 136 ? -9.054  4.216   -3.526  1.00 18.99 ? 135  PRO A N   1 
ATOM   838 C CA  . PRO A 1 136 ? -9.486  4.804   -4.795  1.00 20.04 ? 135  PRO A CA  1 
ATOM   839 C C   . PRO A 1 136 ? -9.159  6.287   -4.873  1.00 21.62 ? 135  PRO A C   1 
ATOM   840 O O   . PRO A 1 136 ? -9.208  6.983   -3.844  1.00 24.10 ? 135  PRO A O   1 
ATOM   841 C CB  . PRO A 1 136 ? -10.985 4.574   -4.789  1.00 22.75 ? 135  PRO A CB  1 
ATOM   842 C CG  . PRO A 1 136 ? -11.326 4.392   -3.344  1.00 24.32 ? 135  PRO A CG  1 
ATOM   843 C CD  . PRO A 1 136 ? -10.152 3.963   -2.576  1.00 19.54 ? 135  PRO A CD  1 
ATOM   844 N N   . LYS A 1 137 ? -8.788  6.779   -6.063  1.00 22.75 ? 136  LYS A N   1 
ATOM   845 C CA  . LYS A 1 137 ? -8.656  8.233   -6.282  1.00 27.58 ? 136  LYS A CA  1 
ATOM   846 C C   . LYS A 1 137 ? -9.986  8.977   -6.116  1.00 31.46 ? 136  LYS A C   1 
ATOM   847 O O   . LYS A 1 137 ? -11.065 8.395   -6.374  1.00 33.21 ? 136  LYS A O   1 
ATOM   848 C CB  . LYS A 1 137 ? -8.119  8.489   -7.697  1.00 25.81 ? 136  LYS A CB  1 
ATOM   849 C CG  . LYS A 1 137 ? -6.724  8.000   -7.870  1.00 25.42 ? 136  LYS A CG  1 
ATOM   850 C CD  . LYS A 1 137 ? -6.232  8.479   -9.273  1.00 25.53 ? 136  LYS A CD  1 
ATOM   851 C CE  . LYS A 1 137 ? -4.859  8.127   -9.572  1.00 22.20 ? 136  LYS A CE  1 
ATOM   852 N NZ  . LYS A 1 137 ? -4.485  8.338   -10.989 1.00 21.80 ? 136  LYS A NZ  1 
ATOM   853 O OXT . LYS A 1 137 ? -10.031 10.165  -5.721  1.00 36.06 ? 136  LYS A OXT 1 
HETATM 854 O O   . HOH B 2 .   ? 14.918  0.596   -2.704  1.00 16.65 ? 2001 HOH A O   1 
HETATM 855 O O   . HOH B 2 .   ? 2.974   -8.988  -12.330 1.00 19.81 ? 2002 HOH A O   1 
HETATM 856 O O   . HOH B 2 .   ? -1.130  -9.414  -9.079  1.00 6.03  ? 2003 HOH A O   1 
HETATM 857 O O   . HOH B 2 .   ? -0.668  -10.829 -10.952 1.00 17.13 ? 2004 HOH A O   1 
HETATM 858 O O   . HOH B 2 .   ? -3.493  -10.016 -9.646  1.00 16.89 ? 2005 HOH A O   1 
HETATM 859 O O   . HOH B 2 .   ? 0.462   -15.901 -6.167  1.00 16.42 ? 2006 HOH A O   1 
HETATM 860 O O   . HOH B 2 .   ? -5.217  -4.568  -11.589 1.00 16.59 ? 2007 HOH A O   1 
HETATM 861 O O   . HOH B 2 .   ? -1.273  -7.322  -10.561 1.00 15.23 ? 2008 HOH A O   1 
HETATM 862 O O   . HOH B 2 .   ? -4.122  -2.128  -10.373 1.00 13.18 ? 2009 HOH A O   1 
HETATM 863 O O   . HOH B 2 .   ? -0.879  -12.332 8.464   1.00 20.17 ? 2010 HOH A O   1 
HETATM 864 O O   . HOH B 2 .   ? 10.298  10.460  -4.814  1.00 11.57 ? 2011 HOH A O   1 
HETATM 865 O O   . HOH B 2 .   ? 6.438   0.572   5.468   1.00 13.48 ? 2012 HOH A O   1 
HETATM 866 O O   . HOH B 2 .   ? -1.328  10.490  -3.899  1.00 21.30 ? 2013 HOH A O   1 
HETATM 867 O O   . HOH B 2 .   ? -0.755  3.984   -13.856 1.00 17.24 ? 2014 HOH A O   1 
HETATM 868 O O   . HOH B 2 .   ? -7.230  -0.570  -10.942 1.00 21.72 ? 2015 HOH A O   1 
HETATM 869 O O   . HOH B 2 .   ? 8.897   -1.127  4.861   1.00 20.18 ? 2016 HOH A O   1 
HETATM 870 O O   . HOH B 2 .   ? 5.012   -7.046  3.539   1.00 16.54 ? 2017 HOH A O   1 
HETATM 871 O O   . HOH B 2 .   ? 4.583   -10.044 -0.140  1.00 15.32 ? 2018 HOH A O   1 
HETATM 872 O O   . HOH B 2 .   ? 1.053   -12.056 6.402   1.00 26.36 ? 2019 HOH A O   1 
HETATM 873 O O   . HOH B 2 .   ? 5.206   -4.432  -14.348 1.00 21.76 ? 2020 HOH A O   1 
HETATM 874 O O   . HOH B 2 .   ? 19.897  15.002  4.364   1.00 20.49 ? 2021 HOH A O   1 
HETATM 875 O O   . HOH B 2 .   ? 10.668  12.008  6.530   1.00 21.23 ? 2022 HOH A O   1 
HETATM 876 O O   . HOH B 2 .   ? 8.086   10.343  6.404   1.00 15.79 ? 2023 HOH A O   1 
HETATM 877 O O   . HOH B 2 .   ? 2.777   -0.638  2.237   1.00 22.46 ? 2024 HOH A O   1 
HETATM 878 O O   . HOH B 2 .   ? 4.101   -0.995  5.684   1.00 16.69 ? 2025 HOH A O   1 
HETATM 879 O O   . HOH B 2 .   ? 4.242   9.467   5.857   1.00 22.51 ? 2026 HOH A O   1 
HETATM 880 O O   . HOH B 2 .   ? -2.223  11.502  6.578   1.00 19.30 ? 2027 HOH A O   1 
HETATM 881 O O   . HOH B 2 .   ? -2.945  11.096  -1.704  1.00 10.89 ? 2028 HOH A O   1 
HETATM 882 O O   . HOH B 2 .   ? -1.601  13.320  -2.769  1.00 25.62 ? 2029 HOH A O   1 
HETATM 883 O O   . HOH B 2 .   ? -2.566  8.751   6.167   1.00 13.84 ? 2030 HOH A O   1 
HETATM 884 O O   . HOH B 2 .   ? -6.768  11.598  6.320   1.00 18.43 ? 2031 HOH A O   1 
HETATM 885 O O   . HOH B 2 .   ? -9.474  12.007  4.379   1.00 15.16 ? 2032 HOH A O   1 
HETATM 886 O O   . HOH B 2 .   ? -10.073 0.103   -1.527  1.00 24.65 ? 2033 HOH A O   1 
HETATM 887 O O   . HOH B 2 .   ? -7.233  -2.246  -4.520  1.00 16.05 ? 2034 HOH A O   1 
HETATM 888 O O   . HOH B 2 .   ? -7.503  -12.140 -1.240  1.00 16.63 ? 2035 HOH A O   1 
HETATM 889 O O   . HOH B 2 .   ? -10.014 8.152   11.771  1.00 15.22 ? 2036 HOH A O   1 
HETATM 890 O O   . HOH B 2 .   ? 3.929   6.457   8.428   1.00 15.14 ? 2037 HOH A O   1 
HETATM 891 O O   . HOH B 2 .   ? 6.454   3.437   7.418   1.00 6.08  ? 2038 HOH A O   1 
HETATM 892 O O   . HOH B 2 .   ? 7.344   -2.121  6.936   1.00 21.57 ? 2039 HOH A O   1 
HETATM 893 O O   . HOH B 2 .   ? 9.118   -8.390  10.202  1.00 22.09 ? 2040 HOH A O   1 
HETATM 894 O O   . HOH B 2 .   ? 1.948   -10.025 4.761   1.00 10.57 ? 2041 HOH A O   1 
HETATM 895 O O   . HOH B 2 .   ? -8.495  0.360   -3.573  1.00 15.57 ? 2042 HOH A O   1 
HETATM 896 O O   . HOH B 2 .   ? -5.255  10.083  -3.634  1.00 10.29 ? 2043 HOH A O   1 
HETATM 897 O O   . HOH B 2 .   ? -4.867  11.394  -11.438 1.00 9.05  ? 2044 HOH A O   1 
# 
loop_
_atom_site_anisotrop.id 
_atom_site_anisotrop.type_symbol 
_atom_site_anisotrop.pdbx_label_atom_id 
_atom_site_anisotrop.pdbx_label_alt_id 
_atom_site_anisotrop.pdbx_label_comp_id 
_atom_site_anisotrop.pdbx_label_asym_id 
_atom_site_anisotrop.pdbx_label_seq_id 
_atom_site_anisotrop.pdbx_PDB_ins_code 
_atom_site_anisotrop.U[1][1] 
_atom_site_anisotrop.U[2][2] 
_atom_site_anisotrop.U[3][3] 
_atom_site_anisotrop.U[1][2] 
_atom_site_anisotrop.U[1][3] 
_atom_site_anisotrop.U[2][3] 
_atom_site_anisotrop.pdbx_auth_seq_id 
_atom_site_anisotrop.pdbx_auth_comp_id 
_atom_site_anisotrop.pdbx_auth_asym_id 
_atom_site_anisotrop.pdbx_auth_atom_id 
1   N N   . PHE A 17  ? 0.3508 0.5431 0.3951 0.0002  0.0299  0.0413  16  PHE A N   
2   C CA  . PHE A 17  ? 0.3374 0.5114 0.3764 -0.0010 0.0499  0.0495  16  PHE A CA  
3   C C   . PHE A 17  ? 0.3540 0.5047 0.3892 -0.0136 0.0516  0.0435  16  PHE A C   
4   O O   . PHE A 17  ? 0.3460 0.4834 0.3828 -0.0167 0.0600  0.0475  16  PHE A O   
5   C CB  . PHE A 17  ? 0.3451 0.5003 0.3583 0.0120  0.0582  0.0562  16  PHE A CB  
6   C CG  . PHE A 17  ? 0.3339 0.4511 0.3309 0.0110  0.0627  0.0599  16  PHE A CG  
7   C CD1 . PHE A 17  ? 0.3614 0.4631 0.3405 0.0233  0.0716  0.0660  16  PHE A CD1 
8   C CD2 . PHE A 17  ? 0.3576 0.4478 0.3544 0.0022  0.0554  0.0600  16  PHE A CD2 
9   C CE1 . PHE A 17  ? 0.3994 0.4477 0.3407 0.0300  0.0680  0.0654  16  PHE A CE1 
10  C CE2 . PHE A 17  ? 0.3885 0.4344 0.3675 0.0012  0.0450  0.0608  16  PHE A CE2 
11  C CZ  . PHE A 17  ? 0.4411 0.4584 0.3814 0.0165  0.0484  0.0600  16  PHE A CZ  
12  N N   . PHE A 18  ? 0.3692 0.5097 0.3916 -0.0143 0.0467  0.0369  17  PHE A N   
13  C CA  . PHE A 18  ? 0.3816 0.5020 0.4032 -0.0228 0.0510  0.0361  17  PHE A CA  
14  C C   . PHE A 18  ? 0.3892 0.5086 0.4217 -0.0355 0.0457  0.0266  17  PHE A C   
15  O O   . PHE A 18  ? 0.3807 0.4849 0.4145 -0.0422 0.0517  0.0276  17  PHE A O   
16  C CB  . PHE A 18  ? 0.3752 0.4839 0.3839 -0.0118 0.0577  0.0432  17  PHE A CB  
17  C CG  . PHE A 18  ? 0.3474 0.4530 0.3682 -0.0060 0.0638  0.0604  17  PHE A CG  
18  C CD1 . PHE A 18  ? 0.3501 0.4400 0.3920 -0.0166 0.0587  0.0693  17  PHE A CD1 
19  C CD2 . PHE A 18  ? 0.3587 0.4718 0.3709 0.0106  0.0696  0.0685  17  PHE A CD2 
20  C CE1 . PHE A 18  ? 0.3637 0.4428 0.4268 -0.0154 0.0539  0.0860  17  PHE A CE1 
21  C CE2 . PHE A 18  ? 0.3295 0.4361 0.3633 0.0139  0.0744  0.0881  17  PHE A CE2 
22  C CZ  . PHE A 18  ? 0.3692 0.4578 0.4329 -0.0014 0.0633  0.0967  17  PHE A CZ  
23  N N   . THR A 19  ? 0.4180 0.5519 0.4644 -0.0394 0.0308  0.0196  18  THR A N   
24  C CA  . THR A 19  ? 0.4565 0.5868 0.5267 -0.0549 0.0177  0.0122  18  THR A CA  
25  C C   . THR A 19  ? 0.4340 0.5618 0.5258 -0.0641 0.0358  0.0210  18  THR A C   
26  O O   . THR A 19  ? 0.4501 0.5575 0.5368 -0.0716 0.0353  0.0147  18  THR A O   
27  C CB  . THR A 19  ? 0.4686 0.6249 0.5859 -0.0639 -0.0061 0.0140  18  THR A CB  
28  O OG1 . THR A 19  ? 0.5438 0.6916 0.6299 -0.0530 -0.0331 0.0013  18  THR A OG1 
29  C CG2 . THR A 19  ? 0.5015 0.6518 0.6637 -0.0849 -0.0223 0.0121  18  THR A CG2 
30  N N   . ASN A 20  ? 0.4106 0.5517 0.5170 -0.0581 0.0530  0.0365  19  ASN A N   
31  C CA  . ASN A 20  ? 0.4111 0.5415 0.5250 -0.0569 0.0732  0.0479  19  ASN A CA  
32  C C   . ASN A 20  ? 0.4084 0.5069 0.4728 -0.0428 0.0824  0.0489  19  ASN A C   
33  O O   . ASN A 20  ? 0.4201 0.5009 0.4666 -0.0270 0.0988  0.0607  19  ASN A O   
34  C CB  . ASN A 20  ? 0.4359 0.5929 0.5978 -0.0512 0.0894  0.0715  19  ASN A CB  
35  C CG  . ASN A 20  ? 0.4746 0.6367 0.6163 -0.0290 0.1020  0.0834  19  ASN A CG  
36  O OD1 . ASN A 20  ? 0.4988 0.6498 0.6009 -0.0242 0.0909  0.0710  19  ASN A OD1 
37  N ND2 . ASN A 20  ? 0.5044 0.6809 0.6748 -0.0118 0.1293  0.1123  19  ASN A ND2 
38  N N   . LYS A 21  ? 0.3821 0.4678 0.4247 -0.0452 0.0700  0.0395  20  LYS A N   
39  C CA  . LYS A 21  ? 0.3974 0.4508 0.4099 -0.0378 0.0646  0.0417  20  LYS A CA  
40  C C   . LYS A 21  ? 0.3873 0.4270 0.4029 -0.0459 0.0592  0.0405  20  LYS A C   
41  O O   . LYS A 21  ? 0.3812 0.3991 0.3907 -0.0448 0.0452  0.0451  20  LYS A O   
42  C CB  . LYS A 21  ? 0.4063 0.4583 0.4131 -0.0335 0.0538  0.0435  20  LYS A CB  
43  C CG  . LYS A 21  ? 0.4607 0.5204 0.4570 -0.0210 0.0592  0.0468  20  LYS A CG  
44  C CD  . LYS A 21  ? 0.5459 0.5744 0.5060 -0.0017 0.0685  0.0527  20  LYS A CD  
45  C CE  . LYS A 21  ? 0.5802 0.6228 0.5360 0.0143  0.0796  0.0612  20  LYS A CE  
46  N NZ  . LYS A 21  ? 0.7011 0.6913 0.5961 0.0448  0.0891  0.0688  20  LYS A NZ  
47  N N   . ILE A 22  ? 0.3862 0.4364 0.4162 -0.0540 0.0667  0.0365  21  ILE A N   
48  C CA  . ILE A 22  ? 0.3965 0.4334 0.4276 -0.0574 0.0673  0.0384  21  ILE A CA  
49  C C   . ILE A 22  ? 0.4132 0.4228 0.4257 -0.0514 0.0647  0.0426  21  ILE A C   
50  O O   . ILE A 22  ? 0.4532 0.4548 0.4525 -0.0439 0.0770  0.0438  21  ILE A O   
51  C CB  . ILE A 22  ? 0.4012 0.4408 0.4390 -0.0643 0.0749  0.0310  21  ILE A CB  
52  C CG1 . ILE A 22  ? 0.4493 0.4971 0.4816 -0.0619 0.0686  0.0233  21  ILE A CG1 
53  C CG2 . ILE A 22  ? 0.4243 0.4474 0.4586 -0.0632 0.0809  0.0357  21  ILE A CG2 
54  C CD1 . ILE A 22  ? 0.5383 0.5636 0.5512 -0.0590 0.0689  0.0153  21  ILE A CD1 
55  N N   . GLY A 23  ? 0.3877 0.4269 0.3585 0.0234  0.0647  0.1103  22  GLY A N   
56  C CA  . GLY A 23  ? 0.3742 0.4443 0.3520 0.0488  0.0619  0.1244  22  GLY A CA  
57  C C   . GLY A 23  ? 0.3679 0.4656 0.3288 0.0618  0.0486  0.1101  22  GLY A C   
58  O O   . GLY A 23  ? 0.4017 0.5165 0.3504 0.0724  0.0414  0.1152  22  GLY A O   
59  N N   . CYS A 24  ? 0.3570 0.4554 0.3163 0.0567  0.0446  0.0949  23  CYS A N   
60  C CA  . CYS A 24  ? 0.3647 0.4752 0.3129 0.0693  0.0395  0.0777  23  CYS A CA  
61  C C   . CYS A 24  ? 0.3349 0.4302 0.2754 0.0708  0.0275  0.0619  23  CYS A C   
62  O O   . CYS A 24  ? 0.3319 0.4052 0.2854 0.0613  0.0268  0.0593  23  CYS A O   
63  C CB  . CYS A 24  ? 0.3663 0.4817 0.3367 0.0645  0.0384  0.0753  23  CYS A CB  
64  S SG  . CYS A 24  ? 0.4905 0.6378 0.4925 0.0643  0.0521  0.1026  23  CYS A SG  
65  N N   . ASN A 25  ? 0.3292 0.4321 0.2456 0.0784  0.0216  0.0505  24  ASN A N   
66  C CA  . ASN A 25  ? 0.3276 0.4203 0.2411 0.0760  0.0067  0.0362  24  ASN A CA  
67  C C   . ASN A 25  ? 0.3002 0.3774 0.2252 0.0741  0.0066  0.0186  24  ASN A C   
68  O O   . ASN A 25  ? 0.3110 0.3912 0.2432 0.0782  0.0161  0.0168  24  ASN A O   
69  C CB  . ASN A 25  ? 0.3706 0.4696 0.2405 0.0738  -0.0025 0.0282  24  ASN A CB  
70  C CG  . ASN A 25  ? 0.4418 0.5622 0.3014 0.0669  -0.0160 0.0565  24  ASN A CG  
71  O OD1 . ASN A 25  ? 0.5461 0.6725 0.3566 0.0534  -0.0292 0.0567  24  ASN A OD1 
72  N ND2 . ASN A 25  ? 0.4219 0.5498 0.3245 0.0718  -0.0121 0.0825  24  ASN A ND2 
73  N N   . VAL A 26  ? 0.2620 0.3257 0.1982 0.0673  -0.0026 0.0114  25  VAL A N   
74  C CA  . VAL A 26  ? 0.2539 0.3024 0.1989 0.0603  -0.0063 -0.0003 25  VAL A CA  
75  C C   . VAL A 26  ? 0.2697 0.3088 0.2147 0.0571  -0.0175 -0.0128 25  VAL A C   
76  O O   . VAL A 26  ? 0.2703 0.3154 0.2244 0.0567  -0.0208 -0.0058 25  VAL A O   
77  C CB  . VAL A 26  ? 0.2359 0.2705 0.1887 0.0415  -0.0023 0.0086  25  VAL A CB  
78  C CG1 . VAL A 26  ? 0.2427 0.2554 0.1974 0.0328  0.0100  0.0079  25  VAL A CG1 
79  C CG2 . VAL A 26  ? 0.2405 0.2647 0.1976 0.0272  -0.0132 0.0055  25  VAL A CG2 
80  N N   . SER A 27  ? 0.2610 0.2893 0.2053 0.0561  -0.0236 -0.0260 26  SER A N   
81  C CA  . SER A 27  ? 0.2600 0.2782 0.2060 0.0495  -0.0353 -0.0371 26  SER A CA  
82  C C   . SER A 27  ? 0.2520 0.2537 0.2097 0.0421  -0.0384 -0.0407 26  SER A C   
83  O O   . SER A 27  ? 0.2511 0.2534 0.2206 0.0458  -0.0349 -0.0336 26  SER A O   
84  C CB  . SER A 27  ? 0.3203 0.3384 0.2401 0.0504  -0.0454 -0.0499 26  SER A CB  
85  O OG  . SER A 27  ? 0.3932 0.3942 0.2926 0.0575  -0.0334 -0.0656 26  SER A OG  
86  N N   . SER A 28  ? 0.2569 0.2486 0.2208 0.0307  -0.0457 -0.0454 27  SER A N   
87  C CA  . SER A 28  ? 0.2625 0.2382 0.2355 0.0209  -0.0530 -0.0465 27  SER A CA  
88  C C   . SER A 28  ? 0.2878 0.2504 0.2595 0.0288  -0.0592 -0.0629 27  SER A C   
89  O O   . SER A 28  ? 0.3209 0.2827 0.2822 0.0237  -0.0678 -0.0737 27  SER A O   
90  C CB  . SER A 28  ? 0.2681 0.2329 0.2429 0.0011  -0.0531 -0.0456 27  SER A CB  
91  O OG  . SER A 28  ? 0.2899 0.2406 0.2712 -0.0098 -0.0644 -0.0426 27  SER A OG  
92  N N   . PRO A 29  ? 0.3147 0.2647 0.3026 0.0376  -0.0540 -0.0615 28  PRO A N   
93  C CA  . PRO A 29  ? 0.3537 0.2736 0.3372 0.0419  -0.0502 -0.0817 28  PRO A CA  
94  C C   . PRO A 29  ? 0.3672 0.2686 0.3651 0.0273  -0.0644 -0.0825 28  PRO A C   
95  O O   . PRO A 29  ? 0.4169 0.2843 0.4099 0.0272  -0.0601 -0.1012 28  PRO A O   
96  C CB  . PRO A 29  ? 0.3698 0.2791 0.3831 0.0617  -0.0275 -0.0761 28  PRO A CB  
97  C CG  . PRO A 29  ? 0.3389 0.2809 0.3901 0.0603  -0.0348 -0.0404 28  PRO A CG  
98  C CD  . PRO A 29  ? 0.3081 0.2700 0.3261 0.0425  -0.0491 -0.0375 28  PRO A CD  
99  N N   . LEU A 30  ? 0.3342 0.2499 0.3417 0.0115  -0.0765 -0.0655 29  LEU A N   
100 C CA  . LEU A 30  ? 0.3528 0.2551 0.3696 -0.0057 -0.0879 -0.0637 29  LEU A CA  
101 C C   . LEU A 30  ? 0.3703 0.2756 0.3724 -0.0136 -0.0943 -0.0800 29  LEU A C   
102 O O   . LEU A 30  ? 0.3394 0.2688 0.3357 -0.0134 -0.0924 -0.0776 29  LEU A O   
103 C CB  . LEU A 30  ? 0.3550 0.2657 0.3731 -0.0271 -0.0923 -0.0412 29  LEU A CB  
104 C CG  . LEU A 30  ? 0.3872 0.2999 0.4235 -0.0343 -0.1005 -0.0116 29  LEU A CG  
105 C CD1 . LEU A 30  ? 0.4561 0.3855 0.5056 -0.0160 -0.0939 -0.0032 29  LEU A CD1 
106 C CD2 . LEU A 30  ? 0.4020 0.3160 0.4067 -0.0677 -0.1033 0.0017  29  LEU A CD2 
107 N N   . LYS A 31  ? 0.4194 0.3008 0.4225 -0.0222 -0.1031 -0.0924 30  LYS A N   
108 C CA  . LYS A 31  ? 0.4482 0.3374 0.4410 -0.0374 -0.1177 -0.1017 30  LYS A CA  
109 C C   . LYS A 31  ? 0.4116 0.3357 0.4331 -0.0471 -0.1202 -0.0827 30  LYS A C   
110 O O   . LYS A 31  ? 0.4287 0.3816 0.4601 -0.0513 -0.1287 -0.0754 30  LYS A O   
111 C CB  . LYS A 31  ? 0.5010 0.3526 0.4886 -0.0537 -0.1281 -0.1170 30  LYS A CB  
112 C CG  . LYS A 31  ? 0.6423 0.4410 0.5921 -0.0503 -0.1160 -0.1466 30  LYS A CG  
113 C CD  . LYS A 31  ? 0.7402 0.5400 0.6407 -0.0443 -0.1061 -0.1620 30  LYS A CD  
114 C CE  . LYS A 31  ? 0.8239 0.6302 0.6750 -0.0763 -0.1314 -0.1714 30  LYS A CE  
115 N NZ  . LYS A 31  ? 0.9185 0.6936 0.6913 -0.0860 -0.1192 -0.1975 30  LYS A NZ  
116 N N   . HIS A 32  ? 0.3734 0.2939 0.4110 -0.0533 -0.1098 -0.0710 31  HIS A N   
117 C CA  . HIS A 32  ? 0.3606 0.3022 0.4250 -0.0633 -0.0973 -0.0572 31  HIS A CA  
118 C C   . HIS A 32  ? 0.3351 0.2897 0.3990 -0.0537 -0.0725 -0.0503 31  HIS A C   
119 O O   . HIS A 32  ? 0.3453 0.3105 0.4387 -0.0581 -0.0499 -0.0403 31  HIS A O   
120 C CB  . HIS A 32  ? 0.3725 0.2944 0.4388 -0.0828 -0.0908 -0.0504 31  HIS A CB  
121 C CG  . HIS A 32  ? 0.3400 0.2450 0.3744 -0.0894 -0.0793 -0.0439 31  HIS A CG  
122 N ND1 . HIS A 32  ? 0.3884 0.2802 0.4119 -0.0849 -0.0946 -0.0395 31  HIS A ND1 
123 C CD2 . HIS A 32  ? 0.3965 0.2941 0.4070 -0.1051 -0.0537 -0.0384 31  HIS A CD2 
124 C CE1 . HIS A 32  ? 0.3889 0.2756 0.3868 -0.1011 -0.0891 -0.0249 31  HIS A CE1 
125 N NE2 . HIS A 32  ? 0.4058 0.2898 0.3833 -0.1173 -0.0640 -0.0282 31  HIS A NE2 
126 N N   . VAL A 33  ? 0.3560 0.2659 0.2843 -0.0656 -0.0981 -0.0114 32  VAL A N   
127 C CA  . VAL A 33  ? 0.3245 0.2708 0.2813 -0.0493 -0.0773 -0.0121 32  VAL A CA  
128 C C   . VAL A 33  ? 0.2906 0.2626 0.2676 -0.0286 -0.0737 -0.0163 32  VAL A C   
129 O O   . VAL A 33  ? 0.3130 0.2707 0.2807 -0.0098 -0.0770 -0.0216 32  VAL A O   
130 C CB  . VAL A 33  ? 0.3202 0.2453 0.2699 -0.0361 -0.0795 -0.0112 32  VAL A CB  
131 C CG1 . VAL A 33  ? 0.2941 0.2528 0.2678 -0.0255 -0.0589 -0.0113 32  VAL A CG1 
132 C CG2 . VAL A 33  ? 0.3573 0.2451 0.2752 -0.0618 -0.0916 -0.0031 32  VAL A CG2 
133 N N   . ASP A 34  ? 0.2775 0.2864 0.2823 -0.0343 -0.0679 -0.0145 33  ASP A N   
134 C CA  . ASP A 34  ? 0.2769 0.3007 0.2925 -0.0213 -0.0745 -0.0139 33  ASP A CA  
135 C C   . ASP A 34  ? 0.2429 0.2839 0.2775 -0.0032 -0.0614 -0.0121 33  ASP A C   
136 O O   . ASP A 34  ? 0.2350 0.3053 0.3060 -0.0010 -0.0554 -0.0103 33  ASP A O   
137 C CB  . ASP A 34  ? 0.3084 0.3605 0.3515 -0.0363 -0.0847 -0.0112 33  ASP A CB  
138 C CG  . ASP A 34  ? 0.3509 0.4460 0.4424 -0.0455 -0.0675 -0.0133 33  ASP A CG  
139 O OD1 . ASP A 34  ? 0.3868 0.4762 0.4677 -0.0593 -0.0507 -0.0167 33  ASP A OD1 
140 O OD2 . ASP A 34  ? 0.3896 0.5236 0.5306 -0.0413 -0.0718 -0.0130 33  ASP A OD2 
141 N N   . ILE A 35  ? 0.2244 0.2464 0.2384 0.0093  -0.0563 -0.0142 34  ILE A N   
142 C CA  . ILE A 35  ? 0.2153 0.2470 0.2386 0.0221  -0.0453 -0.0113 34  ILE A CA  
143 C C   . ILE A 35  ? 0.2429 0.2616 0.2402 0.0296  -0.0460 -0.0136 34  ILE A C   
144 O O   . ILE A 35  ? 0.2372 0.2404 0.2184 0.0331  -0.0431 -0.0230 34  ILE A O   
145 C CB  . ILE A 35  ? 0.1918 0.2192 0.2181 0.0235  -0.0334 -0.0126 34  ILE A CB  
146 C CG1 . ILE A 35  ? 0.2068 0.2431 0.2464 0.0100  -0.0266 -0.0128 34  ILE A CG1 
147 C CG2 . ILE A 35  ? 0.1920 0.2254 0.2237 0.0335  -0.0233 -0.0094 34  ILE A CG2 
148 C CD1 . ILE A 35  ? 0.2301 0.2521 0.2580 0.0034  -0.0193 -0.0128 34  ILE A CD1 
149 N N   . VAL A 36  ? 0.2530 0.2764 0.2465 0.0309  -0.0499 -0.0062 35  VAL A N   
150 C CA  . VAL A 36  ? 0.2937 0.3038 0.2518 0.0301  -0.0460 -0.0075 35  VAL A CA  
151 C C   . VAL A 36  ? 0.2917 0.3054 0.2553 0.0311  -0.0469 0.0055  35  VAL A C   
152 O O   . VAL A 36  ? 0.3174 0.3349 0.3006 0.0321  -0.0635 0.0154  35  VAL A O   
153 C CB  . VAL A 36  ? 0.3158 0.3094 0.2393 0.0197  -0.0628 -0.0068 35  VAL A CB  
154 C CG1 . VAL A 36  ? 0.3806 0.3579 0.2565 0.0133  -0.0504 -0.0126 35  VAL A CG1 
155 C CG2 . VAL A 36  ? 0.3508 0.3345 0.2694 0.0154  -0.0713 -0.0166 35  VAL A CG2 
156 N N   . GLY A 37  ? 0.2657 0.2794 0.2218 0.0314  -0.0308 0.0052  36  GLY A N   
157 C CA  . GLY A 37  ? 0.2775 0.2858 0.2348 0.0300  -0.0338 0.0182  36  GLY A CA  
158 C C   . GLY A 37  ? 0.2772 0.2841 0.2143 0.0221  -0.0159 0.0175  36  GLY A C   
159 O O   . GLY A 37  ? 0.3077 0.3195 0.2252 0.0165  -0.0015 0.0062  36  GLY A O   
160 N N   . GLU A 38  ? 0.2640 0.2653 0.2080 0.0205  -0.0153 0.0273  37  GLU A N   
161 C CA  . GLU A 38  ? 0.2968 0.2981 0.2213 0.0070  0.0000  0.0292  37  GLU A CA  
162 C C   . GLU A 38  ? 0.2643 0.2756 0.2227 0.0126  0.0073  0.0278  37  GLU A C   
163 O O   . GLU A 38  ? 0.2641 0.2658 0.2424 0.0219  -0.0026 0.0313  37  GLU A O   
164 C CB  . GLU A 38  ? 0.3753 0.3436 0.2589 -0.0082 -0.0157 0.0482  37  GLU A CB  
165 C CG  . GLU A 38  ? 0.4327 0.3925 0.2969 -0.0267 -0.0048 0.0564  37  GLU A CG  
166 C CD  . GLU A 38  ? 0.6042 0.5197 0.4154 -0.0462 -0.0260 0.0779  37  GLU A CD  
167 O OE1 . GLU A 38  ? 0.6598 0.5571 0.4458 -0.0474 -0.0459 0.0839  37  GLU A OE1 
168 O OE2 . GLU A 38  ? 0.6812 0.5764 0.4753 -0.0617 -0.0264 0.0899  37  GLU A OE2 
169 N N   . ILE A 39  ? 0.2578 0.2878 0.2233 0.0052  0.0240  0.0216  38  ILE A N   
170 C CA  . ILE A 39  ? 0.2407 0.2755 0.2307 0.0050  0.0258  0.0227  38  ILE A CA  
171 C C   . ILE A 39  ? 0.2502 0.2597 0.2190 -0.0084 0.0213  0.0371  38  ILE A C   
172 O O   . ILE A 39  ? 0.2914 0.2998 0.2351 -0.0265 0.0283  0.0431  38  ILE A O   
173 C CB  . ILE A 39  ? 0.2078 0.2753 0.2247 0.0022  0.0390  0.0118  38  ILE A CB  
174 C CG1 . ILE A 39  ? 0.2258 0.3070 0.2639 0.0180  0.0376  -0.0025 38  ILE A CG1 
175 C CG2 . ILE A 39  ? 0.2522 0.3203 0.2885 -0.0028 0.0346  0.0159  38  ILE A CG2 
176 C CD1 . ILE A 39  ? 0.2491 0.3625 0.3229 0.0205  0.0475  -0.0161 38  ILE A CD1 
177 N N   . VAL A 40  ? 0.2475 0.2346 0.2246 -0.0015 0.0111  0.0409  39  VAL A N   
178 C CA  . VAL A 40  ? 0.2984 0.2503 0.2558 -0.0114 0.0027  0.0533  39  VAL A CA  
179 C C   . VAL A 40  ? 0.2855 0.2341 0.2474 -0.0236 0.0080  0.0531  39  VAL A C   
180 O O   . VAL A 40  ? 0.3576 0.2852 0.2969 -0.0425 0.0055  0.0642  39  VAL A O   
181 C CB  . VAL A 40  ? 0.3171 0.2393 0.2834 0.0063  -0.0135 0.0545  39  VAL A CB  
182 C CG1 . VAL A 40  ? 0.3575 0.2717 0.3123 0.0112  -0.0295 0.0627  39  VAL A CG1 
183 C CG2 . VAL A 40  ? 0.2977 0.2364 0.2965 0.0218  -0.0062 0.0384  39  VAL A CG2 
184 N N   . GLU A 41  ? 0.2703 0.2347 0.2554 -0.0173 0.0120  0.0422  40  GLU A N   
185 C CA  . GLU A 41  ? 0.3030 0.2595 0.2884 -0.0309 0.0115  0.0425  40  GLU A CA  
186 C C   . GLU A 41  ? 0.2815 0.2676 0.2906 -0.0293 0.0123  0.0345  40  GLU A C   
187 O O   . GLU A 41  ? 0.2443 0.2420 0.2637 -0.0156 0.0125  0.0276  40  GLU A O   
188 C CB  . GLU A 41  ? 0.3176 0.2327 0.2915 -0.0268 0.0068  0.0382  40  GLU A CB  
189 C CG  . GLU A 41  ? 0.4328 0.3114 0.3953 -0.0179 -0.0002 0.0422  40  GLU A CG  
190 C CD  . GLU A 41  ? 0.5468 0.3801 0.4996 -0.0169 -0.0020 0.0340  40  GLU A CD  
191 O OE1 . GLU A 41  ? 0.6474 0.4532 0.6073 0.0002  -0.0080 0.0301  40  GLU A OE1 
192 O OE2 . GLU A 41  ? 0.5121 0.3364 0.4516 -0.0331 0.0006  0.0312  40  GLU A OE2 
193 N N   . GLU A 42  ? 0.2972 0.2896 0.3136 -0.0453 0.0079  0.0370  41  GLU A N   
194 C CA  . GLU A 42  ? 0.2848 0.3013 0.3273 -0.0433 0.0000  0.0322  41  GLU A CA  
195 C C   . GLU A 42  ? 0.2992 0.2919 0.3289 -0.0617 -0.0136 0.0357  41  GLU A C   
196 O O   . GLU A 42  ? 0.3211 0.2973 0.3360 -0.0789 -0.0139 0.0419  41  GLU A O   
197 C CB  . GLU A 42  ? 0.2999 0.3665 0.3825 -0.0432 0.0058  0.0299  41  GLU A CB  
198 C CG  . GLU A 42  ? 0.3108 0.4042 0.4353 -0.0372 -0.0082 0.0246  41  GLU A CG  
199 C CD  . GLU A 42  ? 0.3283 0.4348 0.4775 -0.0569 -0.0233 0.0310  41  GLU A CD  
200 O OE1 . GLU A 42  ? 0.3663 0.4597 0.4956 -0.0783 -0.0208 0.0392  41  GLU A OE1 
201 O OE2 . GLU A 42  ? 0.3522 0.4813 0.5453 -0.0512 -0.0420 0.0284  41  GLU A OE2 
202 N N   . ALA A 43  ? 0.2407 0.2877 0.2920 -0.0515 0.0026  0.0087  42  ALA A N   
203 C CA  . ALA A 43  ? 0.2472 0.2902 0.3028 -0.0487 -0.0076 0.0070  42  ALA A CA  
204 C C   . ALA A 43  ? 0.2391 0.2983 0.3152 -0.0418 -0.0125 -0.0004 42  ALA A C   
205 O O   . ALA A 43  ? 0.2505 0.3236 0.3362 -0.0376 -0.0075 -0.0044 42  ALA A O   
206 C CB  . ALA A 43  ? 0.2592 0.2808 0.2941 -0.0394 -0.0126 0.0111  42  ALA A CB  
207 N N   . VAL A 44  ? 0.2492 0.3032 0.3301 -0.0394 -0.0252 -0.0038 43  VAL A N   
208 C CA  . VAL A 44  ? 0.2589 0.3237 0.3584 -0.0309 -0.0355 -0.0126 43  VAL A CA  
209 C C   . VAL A 44  ? 0.2247 0.2789 0.3093 -0.0191 -0.0365 -0.0121 43  VAL A C   
210 O O   . VAL A 44  ? 0.2328 0.3011 0.3335 -0.0127 -0.0387 -0.0195 43  VAL A O   
211 C CB  . VAL A 44  ? 0.2790 0.3287 0.3781 -0.0286 -0.0552 -0.0162 43  VAL A CB  
212 C CG1 . VAL A 44  ? 0.3253 0.3771 0.4383 -0.0169 -0.0720 -0.0261 43  VAL A CG1 
213 C CG2 . VAL A 44  ? 0.2885 0.3499 0.4088 -0.0432 -0.0579 -0.0171 43  VAL A CG2 
214 N N   . TYR A 45  ? 0.2109 0.2408 0.2662 -0.0166 -0.0349 -0.0040 44  TYR A N   
215 C CA  . TYR A 45  ? 0.2313 0.2465 0.2702 -0.0100 -0.0372 -0.0014 44  TYR A CA  
216 C C   . TYR A 45  ? 0.2121 0.2314 0.2492 -0.0128 -0.0263 0.0044  44  TYR A C   
217 O O   . TYR A 45  ? 0.2112 0.2186 0.2379 -0.0101 -0.0299 0.0067  44  TYR A O   
218 C CB  . TYR A 45  ? 0.2525 0.2386 0.2603 -0.0072 -0.0406 0.0040  44  TYR A CB  
219 C CG  . TYR A 45  ? 0.3450 0.3138 0.3446 -0.0013 -0.0586 -0.0023 44  TYR A CG  
220 C CD1 . TYR A 45  ? 0.3992 0.3600 0.4013 0.0062  -0.0758 -0.0096 44  TYR A CD1 
221 C CD2 . TYR A 45  ? 0.4212 0.3775 0.4090 -0.0018 -0.0625 -0.0023 44  TYR A CD2 
222 C CE1 . TYR A 45  ? 0.4777 0.4191 0.4730 0.0130  -0.0974 -0.0166 44  TYR A CE1 
223 C CE2 . TYR A 45  ? 0.5040 0.4387 0.4823 0.0040  -0.0841 -0.0088 44  TYR A CE2 
224 C CZ  . TYR A 45  ? 0.5096 0.4386 0.4939 0.0111  -0.1016 -0.0159 44  TYR A CZ  
225 O OH  . TYR A 45  ? 0.6068 0.5128 0.5842 0.0183  -0.1279 -0.0238 44  TYR A OH  
226 N N   . ASN A 46  ? 0.1847 0.2151 0.2282 -0.0189 -0.0163 0.0070  45  ASN A N   
227 C CA  . ASN A 46  ? 0.1899 0.2194 0.2302 -0.0212 -0.0104 0.0122  45  ASN A CA  
228 C C   . ASN A 46  ? 0.1838 0.2200 0.2274 -0.0267 -0.0044 0.0120  45  ASN A C   
229 O O   . ASN A 46  ? 0.1955 0.2378 0.2434 -0.0313 -0.0024 0.0092  45  ASN A O   
230 C CB  . ASN A 46  ? 0.1796 0.1987 0.2099 -0.0215 -0.0076 0.0198  45  ASN A CB  
231 C CG  . ASN A 46  ? 0.1969 0.2117 0.2195 -0.0202 -0.0041 0.0207  45  ASN A CG  
232 O OD1 . ASN A 46  ? 0.2384 0.2557 0.2633 -0.0219 -0.0037 0.0191  45  ASN A OD1 
233 N ND2 . ASN A 46  ? 0.2417 0.2446 0.2489 -0.0171 -0.0025 0.0231  45  ASN A ND2 
234 N N   . PHE A 47  ? 0.1757 0.2078 0.2154 -0.0277 -0.0030 0.0150  46  PHE A N   
235 C CA  . PHE A 47  ? 0.1864 0.2146 0.2183 -0.0330 0.0005  0.0152  46  PHE A CA  
236 C C   . PHE A 47  ? 0.1791 0.1959 0.2063 -0.0320 -0.0044 0.0199  46  PHE A C   
237 O O   . PHE A 47  ? 0.1704 0.1892 0.2069 -0.0290 -0.0077 0.0226  46  PHE A O   
238 C CB  . PHE A 47  ? 0.1822 0.2148 0.2108 -0.0334 0.0054  0.0099  46  PHE A CB  
239 C CG  . PHE A 47  ? 0.1860 0.2126 0.2116 -0.0262 -0.0006 0.0083  46  PHE A CG  
240 C CD1 . PHE A 47  ? 0.1837 0.1931 0.1940 -0.0262 -0.0050 0.0103  46  PHE A CD1 
241 C CD2 . PHE A 47  ? 0.2096 0.2415 0.2441 -0.0191 -0.0060 0.0040  46  PHE A CD2 
242 C CE1 . PHE A 47  ? 0.1818 0.1792 0.1868 -0.0200 -0.0150 0.0090  46  PHE A CE1 
243 C CE2 . PHE A 47  ? 0.1985 0.2172 0.2254 -0.0131 -0.0152 0.0029  46  PHE A CE2 
244 C CZ  . PHE A 47  ? 0.1978 0.1999 0.2106 -0.0141 -0.0195 0.0055  46  PHE A CZ  
245 N N   . LEU A 48  ? 0.1853 0.1890 0.1991 -0.0354 -0.0060 0.0209  47  LEU A N   
246 C CA  . LEU A 48  ? 0.1915 0.1834 0.2046 -0.0320 -0.0155 0.0230  47  LEU A CA  
247 C C   . LEU A 48  ? 0.2247 0.1987 0.2222 -0.0327 -0.0226 0.0228  47  LEU A C   
248 O O   . LEU A 48  ? 0.2617 0.2206 0.2335 -0.0379 -0.0185 0.0219  47  LEU A O   
249 C CB  . LEU A 48  ? 0.2134 0.1931 0.2165 -0.0319 -0.0194 0.0232  47  LEU A CB  
250 C CG  . LEU A 48  ? 0.2150 0.1871 0.2249 -0.0236 -0.0316 0.0221  47  LEU A CG  
251 C CD1 . LEU A 48  ? 0.1900 0.1877 0.2309 -0.0167 -0.0273 0.0216  47  LEU A CD1 
252 C CD2 . LEU A 48  ? 0.2517 0.2027 0.2425 -0.0218 -0.0387 0.0205  47  LEU A CD2 
253 N N   . ILE A 49  ? 0.1954 0.2064 0.2049 -0.0050 -0.0281 0.0105  48  ILE A N   
254 C CA  . ILE A 49  ? 0.1991 0.2185 0.2026 -0.0010 -0.0246 0.0106  48  ILE A CA  
255 C C   . ILE A 49  ? 0.1991 0.2171 0.1985 0.0006  -0.0260 0.0102  48  ILE A C   
256 O O   . ILE A 49  ? 0.2221 0.2349 0.2204 0.0003  -0.0282 0.0059  48  ILE A O   
257 C CB  . ILE A 49  ? 0.1894 0.2088 0.1871 0.0007  -0.0241 0.0031  48  ILE A CB  
258 C CG1 . ILE A 49  ? 0.2065 0.2270 0.2068 0.0005  -0.0225 0.0028  48  ILE A CG1 
259 C CG2 . ILE A 49  ? 0.1977 0.2223 0.1864 0.0060  -0.0233 0.0014  48  ILE A CG2 
260 C CD1 . ILE A 49  ? 0.2292 0.2460 0.2244 0.0017  -0.0232 -0.0045 48  ILE A CD1 
261 N N   . ASP A 50  ? 0.1867 0.2108 0.1842 0.0035  -0.0240 0.0160  49  ASP A N   
262 C CA  . ASP A 50  ? 0.1998 0.2243 0.1923 0.0063  -0.0257 0.0156  49  ASP A CA  
263 C C   . ASP A 50  ? 0.2091 0.2386 0.1927 0.0104  -0.0264 0.0102  49  ASP A C   
264 O O   . ASP A 50  ? 0.2330 0.2680 0.2099 0.0152  -0.0238 0.0123  49  ASP A O   
265 C CB  . ASP A 50  ? 0.2261 0.2534 0.2201 0.0080  -0.0240 0.0253  49  ASP A CB  
266 C CG  . ASP A 50  ? 0.2253 0.2520 0.2142 0.0113  -0.0263 0.0250  49  ASP A CG  
267 O OD1 . ASP A 50  ? 0.2645 0.2947 0.2473 0.0140  -0.0285 0.0189  49  ASP A OD1 
268 O OD2 . ASP A 50  ? 0.3187 0.3421 0.3112 0.0111  -0.0267 0.0322  49  ASP A OD2 
269 N N   . ALA A 51  ? 0.2018 0.2293 0.1855 0.0093  -0.0303 0.0037  50  ALA A N   
270 C CA  . ALA A 51  ? 0.2290 0.2582 0.2062 0.0117  -0.0344 -0.0024 50  ALA A CA  
271 C C   . ALA A 51  ? 0.2269 0.2596 0.2019 0.0142  -0.0389 -0.0022 50  ALA A C   
272 O O   . ALA A 51  ? 0.2618 0.2950 0.2363 0.0140  -0.0455 -0.0076 50  ALA A O   
273 C CB  . ALA A 51  ? 0.2300 0.2550 0.2124 0.0073  -0.0370 -0.0086 50  ALA A CB  
274 N N   . GLY A 52  ? 0.2258 0.2608 0.2010 0.0162  -0.0366 0.0044  51  GLY A N   
275 C CA  . GLY A 52  ? 0.2329 0.2722 0.2041 0.0204  -0.0408 0.0055  51  GLY A CA  
276 C C   . GLY A 52  ? 0.2160 0.2566 0.1973 0.0180  -0.0431 0.0055  51  GLY A C   
277 O O   . GLY A 52  ? 0.2602 0.2999 0.2438 0.0194  -0.0410 0.0106  51  GLY A O   
278 N N   . ASP A 53  ? 0.2395 0.2824 0.2280 0.0147  -0.0477 0.0007  52  ASP A N   
279 C CA  . ASP A 53  ? 0.2448 0.2927 0.2451 0.0137  -0.0485 0.0030  52  ASP A CA  
280 C C   . ASP A 53  ? 0.2628 0.3068 0.2697 0.0110  -0.0430 0.0036  52  ASP A C   
281 O O   . ASP A 53  ? 0.2685 0.3168 0.2839 0.0123  -0.0413 0.0066  52  ASP A O   
282 C CB  . ASP A 53  ? 0.2736 0.3293 0.2818 0.0119  -0.0573 0.0006  52  ASP A CB  
283 C CG  . ASP A 53  ? 0.2799 0.3322 0.2918 0.0065  -0.0613 -0.0047 52  ASP A CG  
284 O OD1 . ASP A 53  ? 0.2801 0.3248 0.2859 0.0055  -0.0569 -0.0071 52  ASP A OD1 
285 O OD2 . ASP A 53  ? 0.3626 0.4198 0.3850 0.0030  -0.0702 -0.0060 52  ASP A OD2 
286 N N   . LYS A 54  ? 0.2317 0.2681 0.2336 0.0089  -0.0398 0.0016  53  LYS A N   
287 C CA  . LYS A 54  ? 0.2250 0.2566 0.2305 0.0071  -0.0359 0.0012  53  LYS A CA  
288 C C   . LYS A 54  ? 0.2192 0.2427 0.2187 0.0063  -0.0334 0.0010  53  LYS A C   
289 O O   . LYS A 54  ? 0.2239 0.2481 0.2185 0.0064  -0.0337 0.0014  53  LYS A O   
290 C CB  . LYS A 54  ? 0.1876 0.2226 0.2007 0.0032  -0.0378 -0.0014 53  LYS A CB  
291 C CG  . LYS A 54  ? 0.2080 0.2382 0.2157 0.0006  -0.0398 -0.0061 53  LYS A CG  
292 C CD  . LYS A 54  ? 0.2604 0.2916 0.2771 -0.0038 -0.0433 -0.0082 53  LYS A CD  
293 C CE  . LYS A 54  ? 0.2649 0.2885 0.2739 -0.0047 -0.0460 -0.0140 53  LYS A CE  
294 N NZ  . LYS A 54  ? 0.3530 0.3759 0.3700 -0.0088 -0.0539 -0.0163 53  LYS A NZ  
295 N N   . MET A 55  ? 0.2022 0.2187 0.2018 0.0063  -0.0312 0.0011  54  MET A N   
296 C CA  . MET A 55  ? 0.2141 0.2236 0.2115 0.0044  -0.0307 0.0011  54  MET A CA  
297 C C   . MET A 55  ? 0.1835 0.1915 0.1822 0.0024  -0.0296 -0.0024 54  MET A C   
298 O O   . MET A 55  ? 0.1999 0.2100 0.2010 0.0035  -0.0286 -0.0031 54  MET A O   
299 C CB  . MET A 55  ? 0.2170 0.2163 0.2122 0.0063  -0.0320 0.0033  54  MET A CB  
300 C CG  . MET A 55  ? 0.2691 0.2674 0.2634 0.0088  -0.0333 0.0075  54  MET A CG  
301 S SD  . MET A 55  ? 0.2022 0.2043 0.1986 0.0059  -0.0329 0.0137  54  MET A SD  
302 C CE  . MET A 55  ? 0.2551 0.2520 0.2564 0.0009  -0.0339 0.0149  54  MET A CE  
303 N N   . CYS A 56  ? 0.1737 0.1789 0.1720 0.0001  -0.0294 -0.0030 55  CYS A N   
304 C CA  . CYS A 56  ? 0.1688 0.1711 0.1675 -0.0009 -0.0286 -0.0058 55  CYS A CA  
305 C C   . CYS A 56  ? 0.1959 0.1920 0.1944 -0.0021 -0.0301 -0.0050 55  CYS A C   
306 O O   . CYS A 56  ? 0.1998 0.1978 0.2013 -0.0038 -0.0308 -0.0015 55  CYS A O   
307 C CB  . CYS A 56  ? 0.1897 0.1964 0.1890 -0.0025 -0.0282 -0.0083 55  CYS A CB  
308 S SG  . CYS A 56  ? 0.2214 0.2339 0.2225 -0.0027 -0.0306 -0.0099 55  CYS A SG  
309 N N   . VAL A 57  ? 0.1608 0.1505 0.1568 -0.0010 -0.0309 -0.0072 56  VAL A N   
310 C CA  . VAL A 57  ? 0.1814 0.1663 0.1785 -0.0026 -0.0338 -0.0073 56  VAL A CA  
311 C C   . VAL A 57  ? 0.1683 0.1584 0.1669 -0.0035 -0.0310 -0.0087 56  VAL A C   
312 O O   . VAL A 57  ? 0.1921 0.1816 0.1883 -0.0020 -0.0288 -0.0108 56  VAL A O   
313 C CB  . VAL A 57  ? 0.1860 0.1589 0.1762 0.0010  -0.0379 -0.0097 56  VAL A CB  
314 C CG1 . VAL A 57  ? 0.1992 0.1681 0.1916 -0.0012 -0.0426 -0.0102 56  VAL A CG1 
315 C CG2 . VAL A 57  ? 0.2252 0.1890 0.2114 0.0034  -0.0422 -0.0091 56  VAL A CG2 
316 N N   . GLY A 58  ? 0.1670 0.1625 0.1705 -0.0053 -0.0305 -0.0065 57  GLY A N   
317 C CA  . GLY A 58  ? 0.1711 0.1701 0.1746 -0.0046 -0.0282 -0.0081 57  GLY A CA  
318 C C   . GLY A 58  ? 0.1719 0.1684 0.1783 -0.0050 -0.0307 -0.0074 57  GLY A C   
319 O O   . GLY A 58  ? 0.1851 0.1824 0.1979 -0.0071 -0.0343 -0.0036 57  GLY A O   
320 N N   . ASN A 59  ? 0.1746 0.1679 0.1774 -0.0033 -0.0298 -0.0104 58  ASN A N   
321 C CA  . ASN A 59  ? 0.1563 0.1475 0.1608 -0.0027 -0.0328 -0.0100 58  ASN A CA  
322 C C   . ASN A 59  ? 0.1679 0.1684 0.1799 -0.0026 -0.0315 -0.0065 58  ASN A C   
323 O O   . ASN A 59  ? 0.1678 0.1729 0.1780 -0.0001 -0.0270 -0.0070 58  ASN A O   
324 C CB  . ASN A 59  ? 0.1764 0.1617 0.1740 0.0001  -0.0313 -0.0129 58  ASN A CB  
325 C CG  . ASN A 59  ? 0.2251 0.2049 0.2200 0.0021  -0.0357 -0.0133 58  ASN A CG  
326 O OD1 . ASN A 59  ? 0.2223 0.2051 0.2235 0.0008  -0.0398 -0.0116 58  ASN A OD1 
327 N ND2 . ASN A 59  ? 0.2635 0.2364 0.2496 0.0059  -0.0349 -0.0146 58  ASN A ND2 
328 N N   . LYS A 60  ? 0.1737 0.1775 0.1947 -0.0043 -0.0358 -0.0025 59  LYS A N   
329 C CA  . LYS A 60  ? 0.1759 0.1914 0.2059 -0.0027 -0.0335 0.0024  59  LYS A CA  
330 C C   . LYS A 60  ? 0.1857 0.1983 0.2086 0.0020  -0.0310 -0.0016 59  LYS A C   
331 O O   . LYS A 60  ? 0.2133 0.2341 0.2384 0.0064  -0.0267 0.0006  59  LYS A O   
332 C CB  . LYS A 60  ? 0.2108 0.2310 0.2553 -0.0065 -0.0404 0.0085  59  LYS A CB  
333 C CG  . LYS A 60  ? 0.2661 0.2871 0.3199 -0.0120 -0.0445 0.0137  59  LYS A CG  
334 C CD  . LYS A 60  ? 0.2578 0.2922 0.3196 -0.0118 -0.0380 0.0215  59  LYS A CD  
335 C CE  . LYS A 60  ? 0.2598 0.2966 0.3396 -0.0194 -0.0448 0.0314  59  LYS A CE  
336 N NZ  . LYS A 60  ? 0.2952 0.3381 0.3968 -0.0253 -0.0533 0.0401  59  LYS A NZ  
337 N N   . ILE A 61  ? 0.1932 0.1945 0.2074 0.0025  -0.0330 -0.0066 60  ILE A N   
338 C CA  . ILE A 61  ? 0.2025 0.1995 0.2100 0.0066  -0.0302 -0.0095 60  ILE A CA  
339 C C   . ILE A 61  ? 0.2051 0.1986 0.2066 0.0070  -0.0261 -0.0126 60  ILE A C   
340 O O   . ILE A 61  ? 0.2298 0.2166 0.2270 0.0052  -0.0261 -0.0144 60  ILE A O   
341 C CB  . ILE A 61  ? 0.2143 0.2015 0.2149 0.0078  -0.0331 -0.0115 60  ILE A CB  
342 C CG1 . ILE A 61  ? 0.2171 0.2056 0.2223 0.0073  -0.0404 -0.0098 60  ILE A CG1 
343 C CG2 . ILE A 61  ? 0.2623 0.2450 0.2580 0.0117  -0.0301 -0.0125 60  ILE A CG2 
344 C CD1 . ILE A 61  ? 0.2980 0.2752 0.2919 0.0104  -0.0441 -0.0124 60  ILE A CD1 
345 N N   . GLY A 62  ? 0.2130 0.2111 0.2139 0.0103  -0.0231 -0.0127 61  GLY A N   
346 C CA  . GLY A 62  ? 0.2098 0.2037 0.2047 0.0108  -0.0220 -0.0163 61  GLY A CA  
347 C C   . GLY A 62  ? 0.2087 0.2058 0.1988 0.0177  -0.0196 -0.0173 61  GLY A C   
348 O O   . GLY A 62  ? 0.2170 0.2231 0.2109 0.0221  -0.0171 -0.0133 61  GLY A O   
349 N N   . VAL A 63  ? 0.2340 0.2241 0.2159 0.0195  -0.0209 -0.0222 62  VAL A N   
350 C CA  . VAL A 63  ? 0.2397 0.2285 0.2109 0.0283  -0.0200 -0.0254 62  VAL A CA  
351 C C   . VAL A 63  ? 0.2454 0.2395 0.2136 0.0281  -0.0199 -0.0250 62  VAL A C   
352 O O   . VAL A 63  ? 0.2499 0.2388 0.2188 0.0222  -0.0238 -0.0276 62  VAL A O   
353 C CB  . VAL A 63  ? 0.2694 0.2409 0.2310 0.0308  -0.0251 -0.0330 62  VAL A CB  
354 C CG1 . VAL A 63  ? 0.2886 0.2556 0.2343 0.0423  -0.0259 -0.0380 62  VAL A CG1 
355 C CG2 . VAL A 63  ? 0.2965 0.2626 0.2610 0.0315  -0.0247 -0.0322 62  VAL A CG2 
356 N N   . TRP A 64  ? 0.2416 0.2485 0.2088 0.0345  -0.0147 -0.0196 63  TRP A N   
357 C CA  . TRP A 64  ? 0.2318 0.2456 0.1972 0.0346  -0.0136 -0.0169 63  TRP A CA  
358 C C   . TRP A 64  ? 0.2720 0.2912 0.2237 0.0481  -0.0093 -0.0161 63  TRP A C   
359 O O   . TRP A 64  ? 0.3039 0.3315 0.2560 0.0560  -0.0038 -0.0115 63  TRP A O   
360 C CB  . TRP A 64  ? 0.2282 0.2547 0.2097 0.0278  -0.0107 -0.0072 63  TRP A CB  
361 C CG  . TRP A 64  ? 0.2063 0.2255 0.1957 0.0172  -0.0154 -0.0091 63  TRP A CG  
362 C CD1 . TRP A 64  ? 0.2204 0.2386 0.2191 0.0124  -0.0169 -0.0074 63  TRP A CD1 
363 C CD2 . TRP A 64  ? 0.2082 0.2199 0.1950 0.0123  -0.0192 -0.0134 63  TRP A CD2 
364 N NE1 . TRP A 64  ? 0.2137 0.2242 0.2132 0.0065  -0.0205 -0.0101 63  TRP A NE1 
365 C CE2 . TRP A 64  ? 0.2127 0.2200 0.2067 0.0061  -0.0214 -0.0132 63  TRP A CE2 
366 C CE3 . TRP A 64  ? 0.2172 0.2267 0.1970 0.0135  -0.0214 -0.0167 63  TRP A CE3 
367 C CZ2 . TRP A 64  ? 0.2060 0.2085 0.2005 0.0018  -0.0238 -0.0149 63  TRP A CZ2 
368 C CZ3 . TRP A 64  ? 0.2177 0.2229 0.2008 0.0077  -0.0249 -0.0184 63  TRP A CZ3 
369 C CH2 . TRP A 64  ? 0.1958 0.1982 0.1862 0.0023  -0.0253 -0.0172 63  TRP A CH2 
370 N N   . LYS A 65  ? 0.2830 0.2993 0.2223 0.0523  -0.0115 -0.0194 64  LYS A N   
371 C CA  . LYS A 65  ? 0.3266 0.3492 0.2499 0.0676  -0.0065 -0.0174 64  LYS A CA  
372 C C   . LYS A 65  ? 0.3362 0.3755 0.2676 0.0663  -0.0005 -0.0061 64  LYS A C   
373 O O   . LYS A 65  ? 0.3425 0.3792 0.2792 0.0570  -0.0047 -0.0066 64  LYS A O   
374 C CB  . LYS A 65  ? 0.3560 0.3619 0.2566 0.0748  -0.0149 -0.0294 64  LYS A CB  
375 C CG  . LYS A 65  ? 0.4180 0.4280 0.2958 0.0944  -0.0101 -0.0287 64  LYS A CG  
376 C CD  . LYS A 65  ? 0.5584 0.5543 0.4137 0.1011  -0.0196 -0.0390 64  LYS A CD  
377 C CE  . LYS A 65  ? 0.6049 0.5746 0.4510 0.0985  -0.0341 -0.0544 64  LYS A CE  
378 N NZ  . LYS A 65  ? 0.6656 0.6225 0.4936 0.1128  -0.0351 -0.0612 64  LYS A NZ  
379 N N   . VAL A 66  ? 0.3607 0.4023 0.2679 0.1321  -0.0186 -0.0203 65  VAL A N   
380 C CA  . VAL A 66  ? 0.4080 0.4590 0.3040 0.1357  -0.0082 -0.0057 65  VAL A CA  
381 C C   . VAL A 66  ? 0.4577 0.5170 0.3249 0.1627  -0.0042 -0.0053 65  VAL A C   
382 O O   . VAL A 66  ? 0.4546 0.5228 0.3149 0.1764  -0.0023 -0.0083 65  VAL A O   
383 C CB  . VAL A 66  ? 0.4079 0.4699 0.3206 0.1181  0.0072  0.0139  65  VAL A CB  
384 C CG1 . VAL A 66  ? 0.3965 0.4518 0.3326 0.0960  0.0022  0.0123  65  VAL A CG1 
385 C CG2 . VAL A 66  ? 0.4450 0.5297 0.3604 0.1256  0.0188  0.0218  65  VAL A CG2 
386 N N   . SER A 67  ? 0.4840 0.5384 0.3297 0.1738  -0.0032 -0.0019 66  SER A N   
387 C CA  . SER A 67  ? 0.5374 0.5960 0.3467 0.2045  0.0000  -0.0016 66  SER A CA  
388 C C   . SER A 67  ? 0.5682 0.6201 0.3554 0.2101  0.0161  0.0193  66  SER A C   
389 O O   . SER A 67  ? 0.5609 0.6012 0.3597 0.1928  0.0177  0.0265  66  SER A O   
390 C CB  . SER A 67  ? 0.5584 0.6118 0.3544 0.2230  -0.0239 -0.0296 66  SER A CB  
391 O OG  . SER A 67  ? 0.5557 0.6021 0.3535 0.2204  -0.0362 -0.0386 66  SER A OG  
392 N N   . ARG A 80  ? 0.5078 0.4422 0.5893 -0.1101 -0.0244 -0.0442 79  ARG A N   
393 C CA  . ARG A 80  ? 0.4653 0.4259 0.5553 -0.1068 -0.0163 -0.0313 79  ARG A CA  
394 C C   . ARG A 80  ? 0.3926 0.3853 0.4768 -0.0910 -0.0292 -0.0352 79  ARG A C   
395 O O   . ARG A 80  ? 0.3176 0.3298 0.4034 -0.0840 -0.0248 -0.0258 79  ARG A O   
396 C CB  . ARG A 80  ? 0.4791 0.4585 0.6073 -0.1274 -0.0062 -0.0334 79  ARG A CB  
397 C CG  . ARG A 80  ? 0.5397 0.5465 0.7019 -0.1414 -0.0200 -0.0579 79  ARG A CG  
398 C CD  . ARG A 80  ? 0.6746 0.6965 0.8821 -0.1673 -0.0057 -0.0613 79  ARG A CD  
399 N NE  . ARG A 80  ? 0.7526 0.8138 1.0006 -0.1799 -0.0218 -0.0895 79  ARG A NE  
400 C CZ  . ARG A 80  ? 0.8057 0.8527 1.0652 -0.1925 -0.0329 -0.1114 79  ARG A CZ  
401 N NH1 . ARG A 80  ? 0.8370 0.8280 1.0683 -0.1939 -0.0279 -0.1064 79  ARG A NH1 
402 N NH2 . ARG A 80  ? 0.8202 0.9100 1.1187 -0.2017 -0.0504 -0.1404 79  ARG A NH2 
403 N N   . LYS A 81  ? 0.3526 0.3468 0.4257 -0.0836 -0.0441 -0.0485 80  LYS A N   
404 C CA  . LYS A 81  ? 0.3303 0.3464 0.3904 -0.0659 -0.0543 -0.0507 80  LYS A CA  
405 C C   . LYS A 81  ? 0.2939 0.2929 0.3263 -0.0515 -0.0466 -0.0351 80  LYS A C   
406 O O   . LYS A 81  ? 0.2711 0.2831 0.2982 -0.0413 -0.0463 -0.0293 80  LYS A O   
407 C CB  . LYS A 81  ? 0.3634 0.3837 0.4123 -0.0575 -0.0706 -0.0678 80  LYS A CB  
408 C CG  . LYS A 81  ? 0.4177 0.4749 0.4936 -0.0616 -0.0849 -0.0870 80  LYS A CG  
409 C CD  . LYS A 81  ? 0.5539 0.6125 0.6153 -0.0514 -0.1032 -0.1073 80  LYS A CD  
410 C CE  . LYS A 81  ? 0.6423 0.6775 0.7144 -0.0688 -0.1051 -0.1213 80  LYS A CE  
411 N NZ  . LYS A 81  ? 0.6841 0.7379 0.7722 -0.0718 -0.1262 -0.1526 80  LYS A NZ  
412 N N   . SER A 82  ? 0.2727 0.2433 0.2899 -0.0510 -0.0413 -0.0310 81  SER A N   
413 C CA  . SER A 82  ? 0.2436 0.2037 0.2427 -0.0395 -0.0347 -0.0207 81  SER A CA  
414 C C   . SER A 82  ? 0.2487 0.1863 0.2426 -0.0412 -0.0272 -0.0154 81  SER A C   
415 O O   . SER A 82  ? 0.3156 0.2366 0.3102 -0.0478 -0.0275 -0.0197 81  SER A O   
416 C CB  . SER A 82  ? 0.2487 0.2051 0.2277 -0.0276 -0.0388 -0.0247 81  SER A CB  
417 O OG  . SER A 82  ? 0.2832 0.2303 0.2512 -0.0205 -0.0304 -0.0175 81  SER A OG  
418 N N   . LEU A 83  ? 0.2378 0.1750 0.2268 -0.0339 -0.0214 -0.0075 82  LEU A N   
419 C CA  . LEU A 83  ? 0.2398 0.1609 0.2212 -0.0294 -0.0169 -0.0041 82  LEU A CA  
420 C C   . LEU A 83  ? 0.2235 0.1423 0.1964 -0.0200 -0.0170 -0.0080 82  LEU A C   
421 O O   . LEU A 83  ? 0.2439 0.1568 0.2127 -0.0125 -0.0150 -0.0076 82  LEU A O   
422 C CB  . LEU A 83  ? 0.2310 0.1585 0.2148 -0.0255 -0.0117 0.0043  82  LEU A CB  
423 C CG  . LEU A 83  ? 0.2565 0.1795 0.2471 -0.0351 -0.0060 0.0103  82  LEU A CG  
424 C CD1 . LEU A 83  ? 0.2633 0.2036 0.2585 -0.0316 -0.0012 0.0178  82  LEU A CD1 
425 C CD2 . LEU A 83  ? 0.3227 0.2152 0.3019 -0.0353 0.0001  0.0143  82  LEU A CD2 
426 N N   . TYR A 84  ? 0.2308 0.1549 0.2003 -0.0184 -0.0184 -0.0123 83  TYR A N   
427 C CA  . TYR A 84  ? 0.2308 0.1545 0.1955 -0.0109 -0.0139 -0.0152 83  TYR A CA  
428 C C   . TYR A 84  ? 0.2479 0.1577 0.2039 -0.0058 -0.0148 -0.0206 83  TYR A C   
429 O O   . TYR A 84  ? 0.2590 0.1733 0.2161 0.0016  -0.0104 -0.0236 83  TYR A O   
430 C CB  . TYR A 84  ? 0.2559 0.1825 0.2122 -0.0086 -0.0111 -0.0156 83  TYR A CB  
431 C CG  . TYR A 84  ? 0.2244 0.1593 0.1865 -0.0091 -0.0059 -0.0101 83  TYR A CG  
432 C CD1 . TYR A 84  ? 0.2166 0.1571 0.1919 -0.0099 -0.0002 -0.0102 83  TYR A CD1 
433 C CD2 . TYR A 84  ? 0.2495 0.1856 0.2030 -0.0071 -0.0082 -0.0070 83  TYR A CD2 
434 C CE1 . TYR A 84  ? 0.2781 0.2203 0.2587 -0.0113 0.0057  -0.0073 83  TYR A CE1 
435 C CE2 . TYR A 84  ? 0.2658 0.2026 0.2203 -0.0052 -0.0027 -0.0016 83  TYR A CE2 
436 C CZ  . TYR A 84  ? 0.2829 0.2199 0.2511 -0.0087 0.0051  -0.0017 83  TYR A CZ  
437 O OH  . TYR A 84  ? 0.3249 0.2570 0.2950 -0.0084 0.0116  0.0015  83  TYR A OH  
438 N N   . ALA A 85  ? 0.2757 0.1692 0.2255 -0.0096 -0.0196 -0.0231 84  ALA A N   
439 C CA  . ALA A 85  ? 0.3063 0.1798 0.2447 -0.0027 -0.0202 -0.0281 84  ALA A CA  
440 C C   . ALA A 85  ? 0.3146 0.1847 0.2522 0.0068  -0.0174 -0.0246 84  ALA A C   
441 O O   . ALA A 85  ? 0.3336 0.1917 0.2607 0.0182  -0.0175 -0.0290 84  ALA A O   
442 C CB  . ALA A 85  ? 0.3491 0.2008 0.2832 -0.0108 -0.0250 -0.0326 84  ALA A CB  
443 N N   . LYS A 86  ? 0.3027 0.1850 0.2492 0.0056  -0.0159 -0.0179 85  LYS A N   
444 C CA  . LYS A 86  ? 0.2961 0.1791 0.2392 0.0189  -0.0157 -0.0164 85  LYS A CA  
445 C C   . LYS A 86  ? 0.2578 0.1659 0.2120 0.0285  -0.0160 -0.0249 85  LYS A C   
446 O O   . LYS A 86  ? 0.2815 0.1943 0.2331 0.0438  -0.0189 -0.0285 85  LYS A O   
447 C CB  . LYS A 86  ? 0.2932 0.1824 0.2394 0.0173  -0.0146 -0.0084 85  LYS A CB  
448 C CG  . LYS A 86  ? 0.3329 0.2032 0.2745 0.0063  -0.0104 0.0011  85  LYS A CG  
449 C CD  . LYS A 86  ? 0.4311 0.2664 0.3555 0.0097  -0.0069 0.0042  85  LYS A CD  
450 C CE  . LYS A 86  ? 0.5308 0.3501 0.4526 0.0014  0.0021  0.0160  85  LYS A CE  
451 N NZ  . LYS A 86  ? 0.6813 0.4791 0.5777 0.0211  0.0070  0.0250  85  LYS A NZ  
452 N N   . VAL A 87  ? 0.2197 0.1563 0.2354 0.0018  -0.0207 -0.0350 86  VAL A N   
453 C CA  . VAL A 87  ? 0.2285 0.1762 0.2262 0.0067  -0.0165 -0.0293 86  VAL A CA  
454 C C   . VAL A 87  ? 0.2644 0.2087 0.2461 0.0178  -0.0205 -0.0317 86  VAL A C   
455 O O   . VAL A 87  ? 0.3078 0.2466 0.2843 0.0256  -0.0289 -0.0394 86  VAL A O   
456 C CB  . VAL A 87  ? 0.2006 0.1609 0.1976 0.0076  -0.0186 -0.0297 86  VAL A CB  
457 C CG1 . VAL A 87  ? 0.2527 0.2239 0.2412 0.0102  -0.0138 -0.0219 86  VAL A CG1 
458 C CG2 . VAL A 87  ? 0.2354 0.1974 0.2498 -0.0012 -0.0176 -0.0309 86  VAL A CG2 
459 N N   . PRO A 88  ? 0.2870 0.2338 0.2602 0.0206  -0.0154 -0.0255 87  PRO A N   
460 C CA  . PRO A 88  ? 0.3004 0.2457 0.2598 0.0325  -0.0174 -0.0266 87  PRO A CA  
461 C C   . PRO A 88  ? 0.3289 0.2881 0.2806 0.0420  -0.0165 -0.0248 87  PRO A C   
462 O O   . PRO A 88  ? 0.3049 0.2788 0.2633 0.0386  -0.0113 -0.0172 87  PRO A O   
463 C CB  . PRO A 88  ? 0.3182 0.2660 0.2754 0.0324  -0.0125 -0.0197 87  PRO A CB  
464 C CG  . PRO A 88  ? 0.3193 0.2611 0.2829 0.0226  -0.0092 -0.0169 87  PRO A CG  
465 C CD  . PRO A 88  ? 0.2889 0.2359 0.2634 0.0150  -0.0092 -0.0186 87  PRO A CD  
466 N N   . LYS A 89  ? 0.3526 0.3059 0.2900 0.0552  -0.0215 -0.0308 88  LYS A N   
467 C CA  . LYS A 89  ? 0.3821 0.3468 0.3070 0.0687  -0.0171 -0.0266 88  LYS A CA  
468 C C   . LYS A 89  ? 0.3644 0.3427 0.2894 0.0754  -0.0074 -0.0163 88  LYS A C   
469 O O   . LYS A 89  ? 0.3559 0.3284 0.2779 0.0787  -0.0086 -0.0180 88  LYS A O   
470 C CB  . LYS A 89  ? 0.4279 0.3782 0.3309 0.0853  -0.0263 -0.0372 88  LYS A CB  
471 C CG  . LYS A 89  ? 0.4845 0.4304 0.3849 0.0859  -0.0340 -0.0437 88  LYS A CG  
472 C CD  . LYS A 89  ? 0.5817 0.5122 0.4538 0.1079  -0.0449 -0.0546 88  LYS A CD  
473 C CE  . LYS A 89  ? 0.5882 0.5062 0.4639 0.1064  -0.0613 -0.0677 88  LYS A CE  
474 N NZ  . LYS A 89  ? 0.5879 0.4949 0.4916 0.0893  -0.0719 -0.0763 88  LYS A NZ  
475 N N   . GLY A 90  ? 0.3497 0.3465 0.2819 0.0774  0.0019  -0.0049 89  GLY A N   
476 C CA  . GLY A 90  ? 0.3887 0.4023 0.3313 0.0826  0.0115  0.0066  89  GLY A CA  
477 C C   . GLY A 90  ? 0.3673 0.3907 0.3360 0.0675  0.0112  0.0125  89  GLY A C   
478 O O   . GLY A 90  ? 0.4104 0.4496 0.3961 0.0701  0.0169  0.0221  89  GLY A O   
479 N N   . ILE A 91  ? 0.3453 0.3581 0.3173 0.0537  0.0039  0.0061  90  ILE A N   
480 C CA  . ILE A 91  ? 0.3326 0.3484 0.3211 0.0428  0.0007  0.0086  90  ILE A CA  
481 C C   . ILE A 91  ? 0.3112 0.3395 0.3174 0.0360  0.0022  0.0157  90  ILE A C   
482 O O   . ILE A 91  ? 0.2926 0.3216 0.2936 0.0369  0.0051  0.0163  90  ILE A O   
483 C CB  . ILE A 91  ? 0.3214 0.3190 0.3021 0.0339  -0.0051 0.0004  90  ILE A CB  
484 C CG1 . ILE A 91  ? 0.4018 0.3965 0.3877 0.0301  -0.0091 0.0017  90  ILE A CG1 
485 C CG2 . ILE A 91  ? 0.3610 0.3570 0.3450 0.0252  -0.0061 -0.0014 90  ILE A CG2 
486 C CD1 . ILE A 91  ? 0.4310 0.4049 0.4025 0.0274  -0.0103 -0.0036 90  ILE A CD1 
487 N N   . GLY A 92  ? 0.3048 0.3401 0.3310 0.0300  -0.0016 0.0201  91  GLY A N   
488 C CA  . GLY A 92  ? 0.2828 0.3258 0.3283 0.0222  -0.0035 0.0254  91  GLY A CA  
489 C C   . GLY A 92  ? 0.2690 0.2977 0.3039 0.0141  -0.0097 0.0173  91  GLY A C   
490 O O   . GLY A 92  ? 0.2959 0.3127 0.3224 0.0121  -0.0156 0.0111  91  GLY A O   
491 N N   . VAL A 93  ? 0.2418 0.2714 0.2756 0.0113  -0.0074 0.0181  92  VAL A N   
492 C CA  . VAL A 93  ? 0.2263 0.2445 0.2511 0.0051  -0.0115 0.0108  92  VAL A CA  
493 C C   . VAL A 93  ? 0.2183 0.2405 0.2583 -0.0006 -0.0156 0.0147  92  VAL A C   
494 O O   . VAL A 93  ? 0.2156 0.2495 0.2738 -0.0004 -0.0134 0.0242  92  VAL A O   
495 C CB  . VAL A 93  ? 0.2312 0.2445 0.2421 0.0076  -0.0081 0.0058  92  VAL A CB  
496 C CG1 . VAL A 93  ? 0.2557 0.2609 0.2534 0.0131  -0.0070 0.0002  92  VAL A CG1 
497 C CG2 . VAL A 93  ? 0.2323 0.2547 0.2447 0.0129  -0.0037 0.0123  92  VAL A CG2 
498 N N   . THR A 94  ? 0.2046 0.2169 0.2383 -0.0049 -0.0203 0.0084  93  THR A N   
499 C CA  . THR A 94  ? 0.2093 0.2216 0.2532 -0.0093 -0.0255 0.0100  93  THR A CA  
500 C C   . THR A 94  ? 0.1932 0.2011 0.2265 -0.0102 -0.0229 0.0051  93  THR A C   
501 O O   . THR A 94  ? 0.2035 0.2036 0.2253 -0.0100 -0.0214 -0.0018 93  THR A O   
502 C CB  . THR A 94  ? 0.2369 0.2398 0.2818 -0.0106 -0.0362 0.0054  93  THR A CB  
503 O OG1 . THR A 94  ? 0.2409 0.2472 0.2979 -0.0089 -0.0419 0.0081  93  THR A OG1 
504 C CG2 . THR A 94  ? 0.2594 0.2600 0.3152 -0.0143 -0.0438 0.0060  93  THR A CG2 
505 N N   . VAL A 95  ? 0.1810 0.1946 0.2195 -0.0101 -0.0210 0.0099  94  VAL A N   
506 C CA  . VAL A 95  ? 0.2103 0.2205 0.2408 -0.0097 -0.0207 0.0048  94  VAL A CA  
507 C C   . VAL A 95  ? 0.2039 0.2103 0.2417 -0.0137 -0.0270 0.0049  94  VAL A C   
508 O O   . VAL A 95  ? 0.2271 0.2365 0.2784 -0.0156 -0.0296 0.0130  94  VAL A O   
509 C CB  . VAL A 95  ? 0.2093 0.2242 0.2347 -0.0035 -0.0162 0.0093  94  VAL A CB  
510 C CG1 . VAL A 95  ? 0.2265 0.2368 0.2459 -0.0026 -0.0197 0.0031  94  VAL A CG1 
511 C CG2 . VAL A 95  ? 0.2491 0.2645 0.2632 0.0033  -0.0121 0.0070  94  VAL A CG2 
512 N N   . TYR A 96  ? 0.1942 0.1934 0.2255 -0.0146 -0.0295 -0.0031 95  TYR A N   
513 C CA  . TYR A 96  ? 0.2095 0.2028 0.2440 -0.0160 -0.0366 -0.0047 95  TYR A CA  
514 C C   . TYR A 96  ? 0.1967 0.1916 0.2301 -0.0149 -0.0358 -0.0063 95  TYR A C   
515 O O   . TYR A 96  ? 0.2140 0.2107 0.2428 -0.0131 -0.0320 -0.0118 95  TYR A O   
516 C CB  . TYR A 96  ? 0.2352 0.2194 0.2596 -0.0136 -0.0380 -0.0118 95  TYR A CB  
517 C CG  . TYR A 96  ? 0.2294 0.2080 0.2504 -0.0117 -0.0424 -0.0116 95  TYR A CG  
518 C CD1 . TYR A 96  ? 0.2781 0.2500 0.3059 -0.0113 -0.0555 -0.0116 95  TYR A CD1 
519 C CD2 . TYR A 96  ? 0.2418 0.2197 0.2545 -0.0098 -0.0359 -0.0119 95  TYR A CD2 
520 C CE1 . TYR A 96  ? 0.3083 0.2740 0.3337 -0.0081 -0.0627 -0.0132 95  TYR A CE1 
521 C CE2 . TYR A 96  ? 0.2796 0.2505 0.2870 -0.0061 -0.0418 -0.0124 95  TYR A CE2 
522 C CZ  . TYR A 96  ? 0.2932 0.2588 0.3069 -0.0050 -0.0554 -0.0135 95  TYR A CZ  
523 O OH  . TYR A 96  ? 0.3384 0.2963 0.3470 0.0001  -0.0638 -0.0156 95  TYR A OH  
524 N N   . LEU A 97  ? 0.2197 0.2127 0.2598 -0.0158 -0.0410 -0.0021 96  LEU A N   
525 C CA  . LEU A 97  ? 0.2203 0.2122 0.2581 -0.0137 -0.0422 -0.0031 96  LEU A CA  
526 C C   . LEU A 97  ? 0.2297 0.2130 0.2678 -0.0138 -0.0500 -0.0086 96  LEU A C   
527 O O   . LEU A 97  ? 0.2577 0.2345 0.2960 -0.0143 -0.0549 -0.0107 96  LEU A O   
528 C CB  . LEU A 97  ? 0.2382 0.2321 0.2815 -0.0128 -0.0406 0.0086  96  LEU A CB  
529 C CG  . LEU A 97  ? 0.2617 0.2635 0.3053 -0.0105 -0.0322 0.0171  96  LEU A CG  
530 C CD1 . LEU A 97  ? 0.3208 0.3243 0.3715 -0.0082 -0.0275 0.0318  96  LEU A CD1 
531 C CD2 . LEU A 97  ? 0.2756 0.2789 0.3034 -0.0042 -0.0289 0.0108  96  LEU A CD2 
532 N N   . ALA A 98  ? 0.2573 0.2386 0.2884 0.0217  -0.0293 -0.0049 97  ALA A N   
533 C CA  . ALA A 98  ? 0.2968 0.2758 0.3378 0.0280  -0.0304 -0.0176 97  ALA A CA  
534 C C   . ALA A 98  ? 0.3173 0.2712 0.3549 0.0250  -0.0332 -0.0165 97  ALA A C   
535 O O   . ALA A 98  ? 0.3485 0.3067 0.3940 0.0292  -0.0362 -0.0350 97  ALA A O   
536 C CB  . ALA A 98  ? 0.3233 0.3042 0.3797 0.0470  -0.0444 -0.0297 97  ALA A CB  
537 N N   . ASN A 99  ? 0.3518 0.2799 0.3878 0.0202  -0.0290 0.0020  98  ASN A N   
538 C CA  . ASN A 99  ? 0.3998 0.3012 0.4719 0.0132  -0.0235 -0.0014 98  ASN A CA  
539 C C   . ASN A 99  ? 0.3782 0.2815 0.4765 -0.0037 -0.0146 0.0011  98  ASN A C   
540 O O   . ASN A 99  ? 0.4232 0.3017 0.5801 -0.0127 -0.0005 -0.0007 98  ASN A O   
541 C CB  . ASN A 99  ? 0.4712 0.3239 0.5459 0.0279  -0.0097 0.0215  98  ASN A CB  
542 C CG  . ASN A 99  ? 0.5332 0.3863 0.5931 0.0499  -0.0252 0.0110  98  ASN A CG  
543 O OD1 . ASN A 99  ? 0.6389 0.4781 0.6602 0.0772  -0.0292 0.0273  98  ASN A OD1 
544 N ND2 . ASN A 99  ? 0.5721 0.4448 0.6604 0.0461  -0.0375 -0.0216 98  ASN A ND2 
545 N N   . GLY A 100 ? 0.3401 0.2715 0.4117 -0.0078 -0.0189 0.0028  99  GLY A N   
546 C CA  . GLY A 100 ? 0.3189 0.2586 0.4207 -0.0195 -0.0156 -0.0014 99  GLY A CA  
547 C C   . GLY A 100 ? 0.2947 0.2569 0.3573 -0.0187 -0.0182 0.0075  99  GLY A C   
548 O O   . GLY A 100 ? 0.2666 0.2396 0.2936 -0.0110 -0.0216 0.0096  99  GLY A O   
549 N N   . ARG A 101 ? 0.2769 0.2443 0.3601 -0.0269 -0.0116 0.0114  100 ARG A N   
550 C CA  . ARG A 101 ? 0.2764 0.2606 0.3269 -0.0239 -0.0144 0.0187  100 ARG A CA  
551 C C   . ARG A 101 ? 0.2696 0.2502 0.3371 -0.0317 0.0026  0.0330  100 ARG A C   
552 O O   . ARG A 101 ? 0.2982 0.2671 0.4129 -0.0397 0.0199  0.0344  100 ARG A O   
553 C CB  . ARG A 101 ? 0.3212 0.3273 0.3634 -0.0098 -0.0350 -0.0040 100 ARG A CB  
554 C CG  . ARG A 101 ? 0.3328 0.3567 0.4280 -0.0104 -0.0483 -0.0292 100 ARG A CG  
555 C CD  . ARG A 101 ? 0.4541 0.5021 0.5255 0.0213  -0.0798 -0.0582 100 ARG A CD  
556 N NE  . ARG A 101 ? 0.5721 0.6282 0.6340 0.0446  -0.1035 -0.0909 100 ARG A NE  
557 C CZ  . ARG A 101 ? 0.6265 0.6980 0.6303 0.0922  -0.1320 -0.1155 100 ARG A CZ  
558 N NH1 . ARG A 101 ? 0.6365 0.7116 0.5847 0.1227  -0.1383 -0.1054 100 ARG A NH1 
559 N NH2 . ARG A 101 ? 0.6567 0.7362 0.6489 0.1179  -0.1536 -0.1503 100 ARG A NH2 
560 N N   . VAL A 102 ? 0.2822 0.2699 0.3187 -0.0279 0.0036  0.0432  101 VAL A N   
561 C CA  . VAL A 102 ? 0.2865 0.2741 0.3260 -0.0283 0.0198  0.0547  101 VAL A CA  
562 C C   . VAL A 102 ? 0.2690 0.2778 0.3128 -0.0271 0.0057  0.0436  101 VAL A C   
563 O O   . VAL A 102 ? 0.2799 0.2888 0.2968 -0.0206 -0.0024 0.0449  101 VAL A O   
564 C CB  . VAL A 102 ? 0.3097 0.2864 0.3011 -0.0125 0.0247  0.0674  101 VAL A CB  
565 C CG1 . VAL A 102 ? 0.3590 0.3401 0.3403 -0.0039 0.0384  0.0734  101 VAL A CG1 
566 C CG2 . VAL A 102 ? 0.3506 0.2998 0.3191 0.0015  0.0374  0.0827  101 VAL A CG2 
567 N N   . GLN A 103 ? 0.2650 0.2886 0.3509 -0.0303 0.0081  0.0337  102 GLN A N   
568 C CA  . GLN A 103 ? 0.2655 0.3060 0.3465 -0.0189 -0.0093 0.0236  102 GLN A CA  
569 C C   . GLN A 103 ? 0.2561 0.3044 0.3593 -0.0219 0.0066  0.0272  102 GLN A C   
570 O O   . GLN A 103 ? 0.2680 0.3231 0.4268 -0.0316 0.0278  0.0234  102 GLN A O   
571 C CB  . GLN A 103 ? 0.2833 0.3471 0.4008 -0.0071 -0.0360 -0.0083 102 GLN A CB  
572 C CG  . GLN A 103 ? 0.3838 0.4439 0.4642 0.0104  -0.0563 -0.0184 102 GLN A CG  
573 C CD  . GLN A 103 ? 0.5002 0.5922 0.6147 0.0372  -0.0960 -0.0660 102 GLN A CD  
574 O OE1 . GLN A 103 ? 0.5831 0.6941 0.7010 0.0603  -0.1161 -0.0816 102 GLN A OE1 
575 N NE2 . GLN A 103 ? 0.5589 0.6598 0.7067 0.0391  -0.1125 -0.0972 102 GLN A NE2 
576 N N   . GLY A 104 ? 0.2471 0.2928 0.3211 -0.0129 0.0035  0.0333  103 GLY A N   
577 C CA  . GLY A 104 ? 0.2453 0.3011 0.3362 -0.0103 0.0163  0.0319  103 GLY A CA  
578 C C   . GLY A 104 ? 0.2358 0.2834 0.3028 0.0002  0.0079  0.0329  103 GLY A C   
579 O O   . GLY A 104 ? 0.2470 0.2787 0.2961 0.0049  -0.0010 0.0386  103 GLY A O   
580 N N   . ARG A 105 ? 0.2402 0.2948 0.3133 0.0064  0.0168  0.0278  104 ARG A N   
581 C CA  . ARG A 105 ? 0.2387 0.2847 0.3110 0.0162  0.0089  0.0212  104 ARG A CA  
582 C C   . ARG A 105 ? 0.2178 0.2520 0.2788 0.0181  0.0059  0.0118  104 ARG A C   
583 O O   . ARG A 105 ? 0.2350 0.2765 0.2717 0.0278  0.0077  0.0034  104 ARG A O   
584 C CB  . ARG A 105 ? 0.2553 0.3196 0.3482 0.0264  0.0152  0.0095  104 ARG A CB  
585 C CG  . ARG A 105 ? 0.3204 0.3745 0.4226 0.0384  0.0075  -0.0035 104 ARG A CG  
586 C CD  . ARG A 105 ? 0.4620 0.5368 0.5829 0.0528  0.0138  -0.0196 104 ARG A CD  
587 N NE  . ARG A 105 ? 0.5729 0.6571 0.6663 0.0683  0.0239  -0.0352 104 ARG A NE  
588 C CZ  . ARG A 105 ? 0.6636 0.7413 0.7522 0.0834  0.0076  -0.0627 104 ARG A CZ  
589 N NH1 . ARG A 105 ? 0.6724 0.7285 0.8052 0.0751  -0.0091 -0.0739 104 ARG A NH1 
590 N NH2 . ARG A 105 ? 0.7272 0.8183 0.7712 0.1132  0.0105  -0.0824 104 ARG A NH2 
591 N N   . LEU A 106 ? 0.2439 0.2059 0.2326 0.0269  -0.0066 0.0091  105 LEU A N   
592 C CA  . LEU A 106 ? 0.2577 0.2061 0.2258 0.0215  -0.0064 0.0110  105 LEU A CA  
593 C C   . LEU A 106 ? 0.2984 0.2272 0.2531 0.0269  -0.0025 0.0098  105 LEU A C   
594 O O   . LEU A 106 ? 0.3184 0.2369 0.2764 0.0315  -0.0046 0.0088  105 LEU A O   
595 C CB  . LEU A 106 ? 0.2446 0.1989 0.2047 0.0154  -0.0136 0.0168  105 LEU A CB  
596 C CG  . LEU A 106 ? 0.2494 0.1899 0.2000 0.0086  -0.0162 0.0184  105 LEU A CG  
597 C CD1 . LEU A 106 ? 0.2626 0.2140 0.2155 0.0052  -0.0147 0.0123  105 LEU A CD1 
598 C CD2 . LEU A 106 ? 0.2889 0.2392 0.2451 0.0030  -0.0213 0.0325  105 LEU A CD2 
599 N N   . ILE A 107 ? 0.3043 0.2337 0.2476 0.0285  0.0018  0.0085  106 ILE A N   
600 C CA  . ILE A 107 ? 0.3299 0.2533 0.2535 0.0374  0.0033  -0.0006 106 ILE A CA  
601 C C   . ILE A 107 ? 0.3547 0.2628 0.2674 0.0334  -0.0097 -0.0115 106 ILE A C   
602 O O   . ILE A 107 ? 0.3659 0.2592 0.2830 0.0383  -0.0171 -0.0254 106 ILE A O   
603 C CB  . ILE A 107 ? 0.3446 0.2914 0.2599 0.0451  0.0152  0.0081  106 ILE A CB  
604 C CG1 . ILE A 107 ? 0.2993 0.2608 0.2424 0.0493  0.0275  0.0217  106 ILE A CG1 
605 C CG2 . ILE A 107 ? 0.3968 0.3519 0.2829 0.0589  0.0161  -0.0068 106 ILE A CG2 
606 C CD1 . ILE A 107 ? 0.4238 0.4149 0.3803 0.0525  0.0394  0.0462  106 ILE A CD1 
607 N N   . ASP A 108 ? 0.3219 0.2326 0.2325 0.0237  -0.0144 -0.0057 107 ASP A N   
608 C CA  . ASP A 108 ? 0.3356 0.2345 0.2437 0.0190  -0.0278 -0.0144 107 ASP A CA  
609 C C   . ASP A 108 ? 0.3242 0.2303 0.2393 0.0073  -0.0299 -0.0031 107 ASP A C   
610 O O   . ASP A 108 ? 0.3066 0.2275 0.2268 0.0057  -0.0220 0.0059  107 ASP A O   
611 C CB  . ASP A 108 ? 0.3645 0.2704 0.2493 0.0299  -0.0316 -0.0303 107 ASP A CB  
612 C CG  . ASP A 108 ? 0.4268 0.3153 0.3210 0.0288  -0.0515 -0.0511 107 ASP A CG  
613 O OD1 . ASP A 108 ? 0.4599 0.3285 0.3864 0.0204  -0.0595 -0.0478 107 ASP A OD1 
614 O OD2 . ASP A 108 ? 0.5836 0.4822 0.4596 0.0356  -0.0610 -0.0674 107 ASP A OD2 
615 N N   . ILE A 109 ? 0.3175 0.2139 0.2437 -0.0004 -0.0414 -0.0044 108 ILE A N   
616 C CA  . ILE A 109 ? 0.3083 0.2136 0.2433 -0.0099 -0.0442 0.0033  108 ILE A CA  
617 C C   . ILE A 109 ? 0.3432 0.2380 0.2776 -0.0105 -0.0595 -0.0082 108 ILE A C   
618 O O   . ILE A 109 ? 0.3840 0.2631 0.3365 -0.0119 -0.0716 -0.0161 108 ILE A O   
619 C CB  . ILE A 109 ? 0.2829 0.1987 0.2403 -0.0187 -0.0421 0.0181  108 ILE A CB  
620 C CG1 . ILE A 109 ? 0.2784 0.2129 0.2322 -0.0144 -0.0307 0.0219  108 ILE A CG1 
621 C CG2 . ILE A 109 ? 0.2912 0.2203 0.2607 -0.0263 -0.0440 0.0229  108 ILE A CG2 
622 C CD1 . ILE A 109 ? 0.2771 0.2374 0.2420 -0.0172 -0.0274 0.0355  108 ILE A CD1 
623 N N   . GLY A 110 ? 0.3411 0.2473 0.2619 -0.0089 -0.0614 -0.0089 109 GLY A N   
624 C CA  . GLY A 110 ? 0.3901 0.2939 0.3076 -0.0079 -0.0789 -0.0218 109 GLY A CA  
625 C C   . GLY A 110 ? 0.3843 0.2892 0.3281 -0.0203 -0.0867 -0.0130 109 GLY A C   
626 O O   . GLY A 110 ? 0.3662 0.2750 0.3322 -0.0291 -0.0783 0.0012  109 GLY A O   
627 N N   . VAL A 111 ? 0.3965 0.3051 0.3370 -0.0188 -0.1036 -0.0230 110 VAL A N   
628 C CA  . VAL A 111 ? 0.4006 0.3110 0.3708 -0.0300 -0.1121 -0.0151 110 VAL A CA  
629 C C   . VAL A 111 ? 0.3475 0.2751 0.3237 -0.0338 -0.0973 0.0046  110 VAL A C   
630 O O   . VAL A 111 ? 0.3393 0.2718 0.3439 -0.0423 -0.0916 0.0135  110 VAL A O   
631 C CB  . VAL A 111 ? 0.4445 0.3590 0.4116 -0.0263 -0.1371 -0.0319 110 VAL A CB  
632 C CG1 . VAL A 111 ? 0.4574 0.3771 0.4586 -0.0378 -0.1445 -0.0199 110 VAL A CG1 
633 C CG2 . VAL A 111 ? 0.5481 0.4445 0.5307 -0.0230 -0.1570 -0.0596 110 VAL A CG2 
634 N N   . TYR A 112 ? 0.3494 0.2905 0.3054 -0.0259 -0.0914 0.0113  111 TYR A N   
635 C CA  . TYR A 112 ? 0.3335 0.2887 0.3136 -0.0287 -0.0823 0.0272  111 TYR A CA  
636 C C   . TYR A 112 ? 0.2967 0.2563 0.2835 -0.0251 -0.0652 0.0325  111 TYR A C   
637 O O   . TYR A 112 ? 0.2847 0.2542 0.3042 -0.0264 -0.0609 0.0387  111 TYR A O   
638 C CB  . TYR A 112 ? 0.3465 0.3187 0.3252 -0.0244 -0.0923 0.0406  111 TYR A CB  
639 C CG  . TYR A 112 ? 0.4379 0.4109 0.4160 -0.0271 -0.1133 0.0331  111 TYR A CG  
640 C CD1 . TYR A 112 ? 0.5026 0.4714 0.5181 -0.0377 -0.1185 0.0326  111 TYR A CD1 
641 C CD2 . TYR A 112 ? 0.5272 0.5111 0.4695 -0.0172 -0.1285 0.0242  111 TYR A CD2 
642 C CE1 . TYR A 112 ? 0.5569 0.5257 0.5814 -0.0411 -0.1395 0.0257  111 TYR A CE1 
643 C CE2 . TYR A 112 ? 0.5791 0.5654 0.5260 -0.0187 -0.1529 0.0111  111 TYR A CE2 
644 C CZ  . TYR A 112 ? 0.6092 0.5848 0.6011 -0.0320 -0.1586 0.0136  111 TYR A CZ  
645 O OH  . TYR A 112 ? 0.6592 0.6363 0.6673 -0.0350 -0.1844 0.0015  111 TYR A OH  
646 N N   . GLU A 113 ? 0.2665 0.2189 0.2298 -0.0198 -0.0580 0.0271  112 GLU A N   
647 C CA  . GLU A 113 ? 0.2593 0.2184 0.2311 -0.0145 -0.0449 0.0340  112 GLU A CA  
648 C C   . GLU A 113 ? 0.2456 0.1960 0.2064 -0.0125 -0.0372 0.0241  112 GLU A C   
649 O O   . GLU A 113 ? 0.2817 0.2197 0.2246 -0.0132 -0.0413 0.0159  112 GLU A O   
650 C CB  . GLU A 113 ? 0.3017 0.2752 0.2601 -0.0056 -0.0429 0.0508  112 GLU A CB  
651 C CG  . GLU A 113 ? 0.3683 0.3431 0.2835 0.0051  -0.0399 0.0433  112 GLU A CG  
652 C CD  . GLU A 113 ? 0.5160 0.4854 0.3992 0.0087  -0.0544 0.0229  112 GLU A CD  
653 O OE1 . GLU A 113 ? 0.5262 0.4919 0.4161 0.0024  -0.0689 0.0182  112 GLU A OE1 
654 O OE2 . GLU A 113 ? 0.5972 0.5690 0.4531 0.0200  -0.0524 0.0087  112 GLU A OE2 
655 N N   . VAL A 114 ? 0.2173 0.1754 0.1998 -0.0105 -0.0289 0.0248  113 VAL A N   
656 C CA  . VAL A 114 ? 0.2287 0.1837 0.2030 -0.0068 -0.0226 0.0184  113 VAL A CA  
657 C C   . VAL A 114 ? 0.2489 0.2080 0.2284 0.0006  -0.0150 0.0284  113 VAL A C   
658 O O   . VAL A 114 ? 0.2517 0.2221 0.2653 0.0010  -0.0136 0.0405  113 VAL A O   
659 C CB  . VAL A 114 ? 0.2264 0.1969 0.2252 -0.0081 -0.0215 0.0073  113 VAL A CB  
660 C CG1 . VAL A 114 ? 0.2548 0.2286 0.2479 -0.0029 -0.0176 0.0025  113 VAL A CG1 
661 C CG2 . VAL A 114 ? 0.2383 0.2166 0.2316 -0.0139 -0.0248 0.0051  113 VAL A CG2 
662 N N   . LEU A 115 ? 0.2125 0.2102 0.2139 0.0159  0.0120  0.0221  114 LEU A N   
663 C CA  . LEU A 115 ? 0.2325 0.2125 0.2248 0.0294  0.0214  0.0131  114 LEU A CA  
664 C C   . LEU A 115 ? 0.2240 0.2135 0.2289 0.0284  0.0234  0.0158  114 LEU A C   
665 O O   . LEU A 115 ? 0.2390 0.2262 0.2505 0.0248  0.0128  0.0279  114 LEU A O   
666 C CB  . LEU A 115 ? 0.2730 0.2233 0.2378 0.0357  0.0174  0.0035  114 LEU A CB  
667 C CG  . LEU A 115 ? 0.3025 0.2552 0.2415 0.0246  0.0022  0.0023  114 LEU A CG  
668 C CD1 . LEU A 115 ? 0.3995 0.3183 0.2892 0.0256  0.0010  -0.0246 114 LEU A CD1 
669 C CD2 . LEU A 115 ? 0.2985 0.2866 0.2501 0.0309  0.0088  0.0232  114 LEU A CD2 
670 N N   . VAL A 116 ? 0.2210 0.2253 0.2367 0.0267  0.0323  0.0112  115 VAL A N   
671 C CA  . VAL A 116 ? 0.2243 0.2563 0.2540 0.0170  0.0255  0.0180  115 VAL A CA  
672 C C   . VAL A 116 ? 0.2396 0.2791 0.2957 0.0240  0.0341  0.0244  115 VAL A C   
673 O O   . VAL A 116 ? 0.2658 0.2930 0.3268 0.0248  0.0467  0.0196  115 VAL A O   
674 C CB  . VAL A 116 ? 0.2426 0.2951 0.2599 -0.0057 0.0255  -0.0012 115 VAL A CB  
675 C CG1 . VAL A 116 ? 0.2644 0.3599 0.2872 -0.0273 0.0087  0.0063  115 VAL A CG1 
676 C CG2 . VAL A 116 ? 0.2589 0.3253 0.2532 -0.0109 0.0263  -0.0026 115 VAL A CG2 
677 N N   . GLU A 117 ? 0.2099 0.2774 0.2961 0.0305  0.0291  0.0453  116 GLU A N   
678 C CA  . GLU A 117 ? 0.2427 0.3392 0.3698 0.0365  0.0412  0.0597  116 GLU A CA  
679 C C   . GLU A 117 ? 0.2479 0.3867 0.4001 0.0003  0.0233  0.0637  116 GLU A C   
680 O O   . GLU A 117 ? 0.2338 0.4120 0.3889 -0.0189 -0.0018 0.0736  116 GLU A O   
681 C CB  . GLU A 117 ? 0.2727 0.3876 0.4395 0.0666  0.0495  0.0830  116 GLU A CB  
682 C CG  . GLU A 117 ? 0.3319 0.4931 0.5507 0.0805  0.0719  0.1034  116 GLU A CG  
683 C CD  . GLU A 117 ? 0.4687 0.6668 0.7556 0.1146  0.0824  0.1341  116 GLU A CD  
684 O OE1 . GLU A 117 ? 0.5328 0.7117 0.8319 0.1275  0.0691  0.1441  116 GLU A OE1 
685 O OE2 . GLU A 117 ? 0.5509 0.8040 0.8947 0.1313  0.1072  0.1567  116 GLU A OE2 
686 N N   . GLU A 118 ? 0.2608 0.3926 0.4294 -0.0145 0.0325  0.0585  117 GLU A N   
687 C CA  . GLU A 118 ? 0.3412 0.5028 0.5422 -0.0571 0.0140  0.0572  117 GLU A CA  
688 C C   . GLU A 118 ? 0.3542 0.5539 0.6202 -0.0539 0.0287  0.0940  117 GLU A C   
689 O O   . GLU A 118 ? 0.3440 0.5189 0.6098 -0.0343 0.0562  0.1030  117 GLU A O   
690 C CB  . GLU A 118 ? 0.3910 0.4924 0.5668 -0.0818 0.0154  0.0159  117 GLU A CB  
691 C CG  . GLU A 118 ? 0.5187 0.6133 0.6388 -0.1010 0.0009  -0.0246 117 GLU A CG  
692 C CD  . GLU A 118 ? 0.6493 0.7108 0.7278 -0.0688 0.0181  -0.0356 117 GLU A CD  
693 O OE1 . GLU A 118 ? 0.6669 0.7386 0.7439 -0.0398 0.0211  -0.0078 117 GLU A OE1 
694 O OE2 . GLU A 118 ? 0.7392 0.7643 0.7927 -0.0732 0.0302  -0.0737 117 GLU A OE2 
695 N N   . VAL A 119 ? 0.3904 0.6664 0.7160 -0.0736 0.0107  0.1241  118 VAL A N   
696 C CA  . VAL A 119 ? 0.4214 0.7565 0.8191 -0.0575 0.0340  0.1696  118 VAL A CA  
697 C C   . VAL A 119 ? 0.4071 0.7295 0.7825 0.0040  0.0707  0.1735  118 VAL A C   
698 O O   . VAL A 119 ? 0.4451 0.7532 0.7975 0.0262  0.0633  0.1643  118 VAL A O   
699 C CB  . VAL A 119 ? 0.4503 0.7674 0.8736 -0.0824 0.0469  0.1775  118 VAL A CB  
700 C CG1 . VAL A 119 ? 0.4628 0.8266 0.9244 -0.0493 0.0893  0.2202  118 VAL A CG1 
701 C CG2 . VAL A 119 ? 0.5117 0.8595 0.9878 -0.1471 0.0100  0.1808  118 VAL A CG2 
702 N N   . GLY A 120 ? 0.4211 0.7556 0.8073 0.0277  0.1107  0.1901  119 GLY A N   
703 C CA  . GLY A 120 ? 0.4150 0.7371 0.7675 0.0828  0.1502  0.1804  119 GLY A CA  
704 C C   . GLY A 120 ? 0.4064 0.6599 0.6706 0.0855  0.1593  0.1510  119 GLY A C   
705 O O   . GLY A 120 ? 0.4552 0.7028 0.6727 0.1165  0.1926  0.1403  119 GLY A O   
706 N N   . ASP A 121 ? 0.3641 0.5714 0.6060 0.0518  0.1295  0.1373  120 ASP A N   
707 C CA  . ASP A 121 ? 0.3564 0.5130 0.5393 0.0520  0.1320  0.1245  120 ASP A CA  
708 C C   . ASP A 121 ? 0.3287 0.4297 0.4626 0.0531  0.1089  0.0876  120 ASP A C   
709 O O   . ASP A 121 ? 0.3156 0.4124 0.4624 0.0391  0.0878  0.0754  120 ASP A O   
710 C CB  . ASP A 121 ? 0.3607 0.5080 0.5809 0.0199  0.1263  0.1476  120 ASP A CB  
711 C CG  . ASP A 121 ? 0.4100 0.6208 0.6962 0.0076  0.1459  0.1963  120 ASP A CG  
712 O OD1 . ASP A 121 ? 0.3976 0.6611 0.6731 0.0347  0.1782  0.2162  120 ASP A OD1 
713 O OD2 . ASP A 121 ? 0.4558 0.6627 0.8037 -0.0315 0.1296  0.2095  120 ASP A OD2 
714 N N   . ILE A 122 ? 0.3354 0.4088 0.4137 0.0658  0.1127  0.0770  121 ILE A N   
715 C CA  . ILE A 122 ? 0.3074 0.3411 0.3501 0.0634  0.0924  0.0528  121 ILE A CA  
716 C C   . ILE A 122 ? 0.2933 0.3086 0.3537 0.0479  0.0833  0.0579  121 ILE A C   
717 O O   . ILE A 122 ? 0.3141 0.3324 0.3838 0.0486  0.0905  0.0839  121 ILE A O   
718 C CB  . ILE A 122 ? 0.3630 0.3847 0.3446 0.0767  0.0949  0.0402  121 ILE A CB  
719 C CG1 . ILE A 122 ? 0.4279 0.4428 0.3962 0.0974  0.1100  0.0190  121 ILE A CG1 
720 C CG2 . ILE A 122 ? 0.3526 0.3472 0.3145 0.0664  0.0699  0.0261  121 ILE A CG2 
721 C CD1 . ILE A 122 ? 0.5531 0.5568 0.4494 0.1081  0.1234  -0.0062 121 ILE A CD1 
722 N N   . ILE A 123 ? 0.2440 0.2889 0.3070 -0.0063 -0.0056 0.0506  122 ILE A N   
723 C CA  . ILE A 123 ? 0.2335 0.2650 0.2744 -0.0127 -0.0089 0.0488  122 ILE A CA  
724 C C   . ILE A 123 ? 0.2275 0.2431 0.2711 -0.0070 -0.0096 0.0506  122 ILE A C   
725 O O   . ILE A 123 ? 0.2123 0.2318 0.2710 -0.0012 -0.0101 0.0597  122 ILE A O   
726 C CB  . ILE A 123 ? 0.2181 0.2704 0.2522 -0.0208 -0.0121 0.0532  122 ILE A CB  
727 C CG1 . ILE A 123 ? 0.2841 0.3629 0.3174 -0.0302 -0.0104 0.0500  122 ILE A CG1 
728 C CG2 . ILE A 123 ? 0.2329 0.2677 0.2479 -0.0281 -0.0106 0.0464  122 ILE A CG2 
729 C CD1 . ILE A 123 ? 0.2926 0.3547 0.3104 -0.0396 -0.0043 0.0377  122 ILE A CD1 
730 N N   . TYR A 124 ? 0.2190 0.2203 0.2487 -0.0089 -0.0088 0.0435  123 TYR A N   
731 C CA  . TYR A 124 ? 0.2236 0.2177 0.2518 -0.0067 -0.0095 0.0427  123 TYR A CA  
732 C C   . TYR A 124 ? 0.2192 0.2106 0.2357 -0.0073 -0.0129 0.0461  123 TYR A C   
733 O O   . TYR A 124 ? 0.2230 0.2092 0.2282 -0.0099 -0.0113 0.0451  123 TYR A O   
734 C CB  . TYR A 124 ? 0.2435 0.2385 0.2644 -0.0090 -0.0068 0.0348  123 TYR A CB  
735 C CG  . TYR A 124 ? 0.2247 0.2237 0.2382 -0.0084 -0.0085 0.0340  123 TYR A CG  
736 C CD1 . TYR A 124 ? 0.2128 0.2201 0.2338 -0.0130 -0.0044 0.0244  123 TYR A CD1 
737 C CD2 . TYR A 124 ? 0.2034 0.2001 0.2051 -0.0041 -0.0116 0.0414  123 TYR A CD2 
738 C CE1 . TYR A 124 ? 0.2512 0.2726 0.2654 -0.0147 -0.0060 0.0226  123 TYR A CE1 
739 C CE2 . TYR A 124 ? 0.2441 0.2531 0.2422 -0.0012 -0.0133 0.0427  123 TYR A CE2 
740 C CZ  . TYR A 124 ? 0.2410 0.2661 0.2439 -0.0073 -0.0119 0.0335  123 TYR A CZ  
741 O OH  . TYR A 124 ? 0.2291 0.2769 0.2283 -0.0072 -0.0136 0.0331  123 TYR A OH  
742 N N   . ILE A 125 ? 0.1961 0.1897 0.2172 -0.0061 -0.0150 0.0492  124 ILE A N   
743 C CA  . ILE A 125 ? 0.2145 0.2088 0.2264 -0.0073 -0.0166 0.0489  124 ILE A CA  
744 C C   . ILE A 125 ? 0.2168 0.2123 0.2301 -0.0052 -0.0173 0.0473  124 ILE A C   
745 O O   . ILE A 125 ? 0.2224 0.2193 0.2458 -0.0069 -0.0166 0.0493  124 ILE A O   
746 C CB  . ILE A 125 ? 0.2042 0.2135 0.2185 -0.0132 -0.0187 0.0539  124 ILE A CB  
747 C CG1 . ILE A 125 ? 0.2294 0.2508 0.2440 -0.0187 -0.0179 0.0546  124 ILE A CG1 
748 C CG2 . ILE A 125 ? 0.2179 0.2298 0.2237 -0.0173 -0.0172 0.0478  124 ILE A CG2 
749 C CD1 . ILE A 125 ? 0.2648 0.3067 0.2946 -0.0163 -0.0212 0.0682  124 ILE A CD1 
750 N N   . HIS A 126 ? 0.1872 0.1839 0.1929 -0.0015 -0.0171 0.0448  125 HIS A N   
751 C CA  . HIS A 126 ? 0.1961 0.2038 0.2029 -0.0015 -0.0180 0.0421  125 HIS A CA  
752 C C   . HIS A 126 ? 0.2057 0.2173 0.2148 -0.0057 -0.0194 0.0432  125 HIS A C   
753 O O   . HIS A 126 ? 0.2130 0.2250 0.2191 -0.0070 -0.0193 0.0436  125 HIS A O   
754 C CB  . HIS A 126 ? 0.1843 0.2009 0.1857 0.0068  -0.0178 0.0440  125 HIS A CB  
755 C CG  . HIS A 126 ? 0.2292 0.2694 0.2313 0.0065  -0.0193 0.0412  125 HIS A CG  
756 N ND1 . HIS A 126 ? 0.3058 0.3700 0.3062 0.0044  -0.0196 0.0392  125 HIS A ND1 
757 C CD2 . HIS A 126 ? 0.1832 0.2333 0.1870 0.0048  -0.0200 0.0379  125 HIS A CD2 
758 C CE1 . HIS A 126 ? 0.2403 0.3298 0.2416 0.0015  -0.0204 0.0346  125 HIS A CE1 
759 N NE2 . HIS A 126 ? 0.2975 0.3770 0.3010 0.0033  -0.0208 0.0347  125 HIS A NE2 
760 N N   . LYS A 127 ? 0.1841 0.2011 0.1978 -0.0108 -0.0187 0.0416  126 LYS A N   
761 C CA  . LYS A 127 ? 0.1949 0.2186 0.2102 -0.0166 -0.0197 0.0451  126 LYS A CA  
762 C C   . LYS A 127 ? 0.1884 0.2251 0.1968 -0.0158 -0.0212 0.0409  126 LYS A C   
763 O O   . LYS A 127 ? 0.1910 0.2365 0.1985 -0.0222 -0.0221 0.0434  126 LYS A O   
764 C CB  . LYS A 127 ? 0.1933 0.2182 0.2138 -0.0242 -0.0156 0.0423  126 LYS A CB  
765 C CG  . LYS A 127 ? 0.2120 0.2183 0.2467 -0.0264 -0.0091 0.0493  126 LYS A CG  
766 C CD  . LYS A 127 ? 0.2551 0.2559 0.2968 -0.0369 0.0004  0.0432  126 LYS A CD  
767 C CE  . LYS A 127 ? 0.2553 0.2305 0.3173 -0.0374 0.0122  0.0504  126 LYS A CE  
768 N NZ  . LYS A 127 ? 0.2725 0.2384 0.3409 -0.0519 0.0262  0.0386  126 LYS A NZ  
769 N N   . ASP A 128 ? 0.1813 0.2235 0.1873 -0.0079 -0.0202 0.0355  127 ASP A N   
770 C CA  . ASP A 128 ? 0.2095 0.2618 0.2154 -0.0043 -0.0178 0.0303  127 ASP A CA  
771 C C   . ASP A 128 ? 0.2106 0.2512 0.2159 -0.0058 -0.0130 0.0275  127 ASP A C   
772 O O   . ASP A 128 ? 0.2420 0.2898 0.2492 -0.0080 -0.0075 0.0188  127 ASP A O   
773 C CB  . ASP A 128 ? 0.2343 0.2988 0.2437 0.0094  -0.0162 0.0308  127 ASP A CB  
774 C CG  . ASP A 128 ? 0.2816 0.3737 0.2907 0.0054  -0.0195 0.0283  127 ASP A CG  
775 O OD1 . ASP A 128 ? 0.3114 0.4063 0.3186 -0.0086 -0.0204 0.0241  127 ASP A OD1 
776 O OD2 . ASP A 128 ? 0.3216 0.4362 0.3338 0.0160  -0.0198 0.0320  127 ASP A OD2 
777 N N   . LEU A 129 ? 0.1911 0.2165 0.1945 -0.0065 -0.0128 0.0312  128 LEU A N   
778 C CA  . LEU A 129 ? 0.2130 0.2320 0.2145 -0.0133 -0.0062 0.0248  128 LEU A CA  
779 C C   . LEU A 129 ? 0.2162 0.2545 0.2152 -0.0279 -0.0106 0.0272  128 LEU A C   
780 O O   . LEU A 129 ? 0.2391 0.2866 0.2354 -0.0394 -0.0054 0.0196  128 LEU A O   
781 C CB  . LEU A 129 ? 0.2086 0.2068 0.2089 -0.0078 -0.0031 0.0282  128 LEU A CB  
782 C CG  . LEU A 129 ? 0.2044 0.1882 0.2076 0.0077  0.0014  0.0333  128 LEU A CG  
783 C CD1 . LEU A 129 ? 0.2650 0.2276 0.2654 0.0084  0.0074  0.0365  128 LEU A CD1 
784 C CD2 . LEU A 129 ? 0.2632 0.2438 0.2741 0.0139  0.0118  0.0267  128 LEU A CD2 
785 N N   . VAL A 130 ? 0.2149 0.2619 0.2167 -0.0281 -0.0184 0.0395  129 VAL A N   
786 C CA  . VAL A 130 ? 0.2255 0.2961 0.2292 -0.0380 -0.0227 0.0507  129 VAL A CA  
787 C C   . VAL A 130 ? 0.2262 0.3234 0.2262 -0.0493 -0.0228 0.0478  129 VAL A C   
788 O O   . VAL A 130 ? 0.2767 0.3775 0.2782 -0.0497 -0.0250 0.0534  129 VAL A O   
789 C CB  . VAL A 130 ? 0.2181 0.2824 0.2319 -0.0322 -0.0264 0.0678  129 VAL A CB  
790 C CG1 . VAL A 130 ? 0.2701 0.3634 0.2901 -0.0382 -0.0301 0.0877  129 VAL A CG1 
791 C CG2 . VAL A 130 ? 0.2357 0.2784 0.2534 -0.0233 -0.0248 0.0664  129 VAL A CG2 
792 N N   . TYR A 131 ? 0.1888 0.1804 0.2548 -0.0230 -0.0498 -0.0080 130 TYR A N   
793 C CA  . TYR A 131 ? 0.1857 0.1776 0.2508 -0.0160 -0.0489 -0.0141 130 TYR A CA  
794 C C   . TYR A 131 ? 0.1716 0.1703 0.2335 -0.0171 -0.0437 -0.0170 130 TYR A C   
795 O O   . TYR A 131 ? 0.1675 0.1751 0.2292 -0.0135 -0.0400 -0.0186 130 TYR A O   
796 C CB  . TYR A 131 ? 0.2107 0.1860 0.2726 -0.0133 -0.0546 -0.0175 130 TYR A CB  
797 C CG  . TYR A 131 ? 0.2392 0.2122 0.2957 -0.0042 -0.0540 -0.0251 130 TYR A CG  
798 C CD1 . TYR A 131 ? 0.2958 0.2803 0.3527 0.0063  -0.0500 -0.0261 130 TYR A CD1 
799 C CD2 . TYR A 131 ? 0.3366 0.2990 0.3867 -0.0053 -0.0577 -0.0304 130 TYR A CD2 
800 C CE1 . TYR A 131 ? 0.3079 0.2927 0.3575 0.0177  -0.0485 -0.0325 130 TYR A CE1 
801 C CE2 . TYR A 131 ? 0.3656 0.3253 0.4072 0.0049  -0.0575 -0.0382 130 TYR A CE2 
802 C CZ  . TYR A 131 ? 0.3154 0.2864 0.3562 0.0173  -0.0521 -0.0391 130 TYR A CZ  
803 O OH  . TYR A 131 ? 0.3181 0.2890 0.3492 0.0297  -0.0508 -0.0457 130 TYR A OH  
804 N N   . ALA A 132 ? 0.1654 0.1620 0.2248 -0.0215 -0.0433 -0.0161 131 ALA A N   
805 C CA  . ALA A 132 ? 0.1604 0.1616 0.2145 -0.0211 -0.0381 -0.0173 131 ALA A CA  
806 C C   . ALA A 132 ? 0.1705 0.1731 0.2217 -0.0241 -0.0369 -0.0131 131 ALA A C   
807 O O   . ALA A 132 ? 0.1799 0.1831 0.2354 -0.0272 -0.0405 -0.0094 131 ALA A O   
808 C CB  . ALA A 132 ? 0.1668 0.1685 0.2187 -0.0159 -0.0380 -0.0227 131 ALA A CB  
809 N N   . LEU A 133 ? 0.1786 0.1818 0.2215 -0.0224 -0.0317 -0.0125 132 LEU A N   
810 C CA  . LEU A 133 ? 0.1677 0.1741 0.2046 -0.0204 -0.0289 -0.0081 132 LEU A CA  
811 C C   . LEU A 133 ? 0.1530 0.1607 0.1830 -0.0153 -0.0246 -0.0094 132 LEU A C   
812 O O   . LEU A 133 ? 0.1787 0.1783 0.2011 -0.0139 -0.0215 -0.0116 132 LEU A O   
813 C CB  . LEU A 133 ? 0.1749 0.1742 0.2013 -0.0199 -0.0266 -0.0061 132 LEU A CB  
814 C CG  . LEU A 133 ? 0.1715 0.1756 0.1890 -0.0138 -0.0230 -0.0008 132 LEU A CG  
815 C CD1 . LEU A 133 ? 0.2790 0.2740 0.2855 -0.0136 -0.0233 -0.0003 132 LEU A CD1 
816 C CD2 . LEU A 133 ? 0.2033 0.2044 0.2083 -0.0056 -0.0176 -0.0012 132 LEU A CD2 
817 N N   . CYS A 134 ? 0.1419 0.1613 0.1759 -0.0136 -0.0256 -0.0073 133 CYS A N   
818 C CA  . CYS A 134 ? 0.1672 0.1910 0.1952 -0.0073 -0.0221 -0.0080 133 CYS A CA  
819 C C   . CYS A 134 ? 0.1746 0.2084 0.1960 0.0000  -0.0176 -0.0014 133 CYS A C   
820 O O   . CYS A 134 ? 0.1767 0.2221 0.2034 -0.0014 -0.0189 0.0045  133 CYS A O   
821 C CB  . CYS A 134 ? 0.1852 0.2170 0.2210 -0.0097 -0.0277 -0.0114 133 CYS A CB  
822 S SG  . CYS A 134 ? 0.2073 0.2281 0.2463 -0.0119 -0.0320 -0.0196 133 CYS A SG  
823 N N   . TRP A 135 ? 0.1629 0.1939 0.1721 0.0090  -0.0121 -0.0010 134 TRP A N   
824 C CA  . TRP A 135 ? 0.1847 0.2276 0.1859 0.0202  -0.0072 0.0059  134 TRP A CA  
825 C C   . TRP A 135 ? 0.1991 0.2477 0.1953 0.0277  -0.0047 0.0062  134 TRP A C   
826 O O   . TRP A 135 ? 0.2055 0.2413 0.1979 0.0261  -0.0044 0.0015  134 TRP A O   
827 C CB  . TRP A 135 ? 0.1967 0.2209 0.1784 0.0287  -0.0015 0.0072  134 TRP A CB  
828 C CG  . TRP A 135 ? 0.2329 0.2279 0.1975 0.0302  0.0010  0.0026  134 TRP A CG  
829 C CD1 . TRP A 135 ? 0.2464 0.2282 0.1920 0.0418  0.0065  0.0044  134 TRP A CD1 
830 C CD2 . TRP A 135 ? 0.2031 0.1788 0.1682 0.0185  -0.0022 -0.0027 134 TRP A CD2 
831 N NE1 . TRP A 135 ? 0.2646 0.2178 0.1987 0.0359  0.0062  0.0009  134 TRP A NE1 
832 C CE2 . TRP A 135 ? 0.2299 0.1822 0.1771 0.0212  0.0009  -0.0030 134 TRP A CE2 
833 C CE3 . TRP A 135 ? 0.2142 0.1930 0.1941 0.0063  -0.0077 -0.0058 134 TRP A CE3 
834 C CZ2 . TRP A 135 ? 0.2562 0.1897 0.2008 0.0092  -0.0019 -0.0054 134 TRP A CZ2 
835 C CZ3 . TRP A 135 ? 0.2284 0.1923 0.2062 -0.0024 -0.0097 -0.0086 134 TRP A CZ3 
836 C CH2 . TRP A 135 ? 0.2318 0.1745 0.1928 -0.0024 -0.0071 -0.0079 134 TRP A CH2 
837 N N   . PRO A 136 ? 0.2176 0.2896 0.2142 0.0365  -0.0027 0.0135  135 PRO A N   
838 C CA  . PRO A 136 ? 0.2304 0.3097 0.2213 0.0451  -0.0006 0.0146  135 PRO A CA  
839 C C   . PRO A 136 ? 0.2668 0.3204 0.2341 0.0580  0.0078  0.0151  135 PRO A C   
840 O O   . PRO A 136 ? 0.3086 0.3461 0.2609 0.0657  0.0123  0.0169  135 PRO A O   
841 C CB  . PRO A 136 ? 0.2498 0.3657 0.2489 0.0508  -0.0012 0.0240  135 PRO A CB  
842 C CG  . PRO A 136 ? 0.2671 0.3887 0.2684 0.0515  0.0007  0.0295  135 PRO A CG  
843 C CD  . PRO A 136 ? 0.2150 0.3105 0.2170 0.0403  -0.0018 0.0224  135 PRO A CD  
844 N N   . LYS A 137 ? 0.2856 0.3320 0.2468 0.0606  0.0093  0.0135  136 LYS A N   
845 C CA  . LYS A 137 ? 0.3633 0.3843 0.3003 0.0731  0.0168  0.0165  136 LYS A CA  
846 C C   . LYS A 137 ? 0.4132 0.4451 0.3370 0.0933  0.0226  0.0246  136 LYS A C   
847 O O   . LYS A 137 ? 0.4184 0.4880 0.3556 0.0971  0.0208  0.0295  136 LYS A O   
848 C CB  . LYS A 137 ? 0.3421 0.3607 0.2779 0.0719  0.0174  0.0158  136 LYS A CB  
849 C CG  . LYS A 137 ? 0.3379 0.3456 0.2823 0.0565  0.0140  0.0099  136 LYS A CG  
850 C CD  . LYS A 137 ? 0.3413 0.3481 0.2807 0.0589  0.0169  0.0120  136 LYS A CD  
851 C CE  . LYS A 137 ? 0.2982 0.2999 0.2453 0.0470  0.0154  0.0089  136 LYS A CE  
852 N NZ  . LYS A 137 ? 0.2909 0.3014 0.2358 0.0506  0.0182  0.0117  136 LYS A NZ  
853 O OXT . LYS A 137 ? 0.4895 0.4931 0.3876 0.1068  0.0287  0.0270  136 LYS A OXT 
# 
